data_1DQC
#
_entry.id   1DQC
#
_cell.length_a   1.000
_cell.length_b   1.000
_cell.length_c   1.000
_cell.angle_alpha   90.00
_cell.angle_beta   90.00
_cell.angle_gamma   90.00
#
_symmetry.space_group_name_H-M   'P 1'
#
_entity_poly.entity_id   1
_entity_poly.type   'polypeptide(L)'
_entity_poly.pdbx_seq_one_letter_code
;YLAFRCGRYSPCLDDGPNVNLYSCCSFYNCHKCLARLENCPKGLHYNAYLKVCDWPSKAGCTSVNKECHLWKT(NH2)
;
_entity_poly.pdbx_strand_id   A
#
# COMPACT_ATOMS: atom_id res chain seq x y z
N TYR A 1 21.94 -9.37 1.68
CA TYR A 1 21.34 -10.68 1.31
C TYR A 1 20.17 -10.48 0.35
N LEU A 2 19.62 -9.30 0.30
CA LEU A 2 18.48 -9.04 -0.62
C LEU A 2 17.47 -10.20 -0.53
N ALA A 3 16.60 -10.16 0.43
CA ALA A 3 15.60 -11.26 0.56
C ALA A 3 14.32 -10.92 -0.24
N PHE A 4 14.40 -9.94 -1.10
CA PHE A 4 13.19 -9.57 -1.91
C PHE A 4 13.53 -9.58 -3.40
N ARG A 5 14.14 -8.53 -3.88
CA ARG A 5 14.50 -8.47 -5.33
C ARG A 5 13.25 -8.62 -6.19
N CYS A 6 12.09 -8.47 -5.60
CA CYS A 6 10.83 -8.60 -6.39
C CYS A 6 10.31 -7.21 -6.79
N GLY A 7 10.89 -6.17 -6.24
CA GLY A 7 10.43 -4.79 -6.59
C GLY A 7 9.25 -4.39 -5.70
N ARG A 8 8.34 -3.61 -6.23
CA ARG A 8 7.16 -3.19 -5.42
C ARG A 8 6.37 -4.42 -4.97
N TYR A 9 6.66 -5.56 -5.53
CA TYR A 9 5.92 -6.79 -5.13
C TYR A 9 6.58 -7.45 -3.91
N SER A 10 7.54 -6.80 -3.32
CA SER A 10 8.22 -7.41 -2.13
C SER A 10 8.86 -6.32 -1.26
N PRO A 11 8.09 -5.29 -0.99
CA PRO A 11 8.59 -4.17 -0.16
C PRO A 11 8.61 -4.58 1.32
N CYS A 12 8.27 -5.80 1.62
CA CYS A 12 8.27 -6.24 3.04
C CYS A 12 9.35 -7.29 3.30
N LEU A 13 9.38 -7.85 4.47
CA LEU A 13 10.39 -8.90 4.80
C LEU A 13 9.67 -10.21 5.12
N ASP A 14 8.38 -10.15 5.33
CA ASP A 14 7.61 -11.38 5.65
C ASP A 14 6.32 -11.42 4.83
N ASP A 15 5.22 -11.79 5.44
CA ASP A 15 3.94 -11.84 4.68
C ASP A 15 2.81 -11.23 5.53
N GLY A 16 1.98 -10.42 4.92
CA GLY A 16 0.86 -9.80 5.70
C GLY A 16 0.61 -8.37 5.19
N PRO A 17 -0.43 -7.78 5.71
CA PRO A 17 -0.80 -6.40 5.32
C PRO A 17 0.19 -5.39 5.91
N ASN A 18 0.64 -4.44 5.12
CA ASN A 18 1.60 -3.43 5.66
C ASN A 18 1.24 -2.04 5.13
N VAL A 19 1.81 -1.02 5.72
CA VAL A 19 1.50 0.37 5.26
C VAL A 19 2.24 0.67 3.95
N ASN A 20 1.55 1.22 2.99
CA ASN A 20 2.21 1.53 1.69
C ASN A 20 3.00 2.83 1.80
N LEU A 21 4.09 2.93 1.08
CA LEU A 21 4.91 4.18 1.15
C LEU A 21 4.79 4.96 -0.17
N TYR A 22 3.96 4.51 -1.06
CA TYR A 22 3.81 5.22 -2.37
C TYR A 22 2.33 5.46 -2.66
N SER A 23 1.63 4.42 -3.03
CA SER A 23 0.17 4.57 -3.36
C SER A 23 -0.57 5.19 -2.16
N CYS A 24 -1.77 5.68 -2.38
CA CYS A 24 -2.54 6.30 -1.26
C CYS A 24 -3.91 5.62 -1.13
N CYS A 25 -4.34 4.92 -2.14
CA CYS A 25 -5.66 4.24 -2.05
C CYS A 25 -5.43 2.73 -1.88
N SER A 26 -4.44 2.20 -2.54
CA SER A 26 -4.13 0.75 -2.41
C SER A 26 -2.92 0.56 -1.50
N PHE A 27 -3.09 -0.07 -0.37
CA PHE A 27 -1.93 -0.25 0.55
C PHE A 27 -1.06 -1.41 0.07
N TYR A 28 -0.16 -1.88 0.90
CA TYR A 28 0.74 -2.99 0.47
C TYR A 28 0.41 -4.30 1.17
N ASN A 29 0.08 -5.32 0.42
CA ASN A 29 -0.19 -6.65 1.02
C ASN A 29 1.03 -7.54 0.77
N CYS A 30 1.79 -7.82 1.79
CA CYS A 30 3.03 -8.64 1.58
C CYS A 30 2.70 -10.13 1.47
N HIS A 31 3.14 -10.75 0.41
CA HIS A 31 2.88 -12.21 0.20
C HIS A 31 4.09 -12.83 -0.50
N LYS A 32 4.97 -13.46 0.24
CA LYS A 32 6.17 -14.08 -0.39
C LYS A 32 6.82 -13.04 -1.31
N CYS A 33 7.28 -13.44 -2.47
CA CYS A 33 7.90 -12.45 -3.38
C CYS A 33 6.80 -11.75 -4.19
N LEU A 34 5.77 -11.31 -3.52
CA LEU A 34 4.65 -10.64 -4.23
C LEU A 34 3.92 -9.69 -3.28
N ALA A 35 3.76 -8.45 -3.67
CA ALA A 35 3.04 -7.49 -2.79
C ALA A 35 1.78 -6.99 -3.50
N ARG A 36 0.68 -7.66 -3.29
CA ARG A 36 -0.59 -7.23 -3.95
C ARG A 36 -1.18 -6.04 -3.20
N LEU A 37 -1.38 -4.94 -3.87
CA LEU A 37 -1.95 -3.75 -3.18
C LEU A 37 -3.47 -3.91 -3.04
N GLU A 38 -4.07 -3.15 -2.18
CA GLU A 38 -5.56 -3.26 -2.00
C GLU A 38 -6.19 -1.86 -1.92
N ASN A 39 -6.84 -1.44 -2.97
CA ASN A 39 -7.47 -0.10 -2.96
C ASN A 39 -8.78 -0.13 -2.17
N CYS A 40 -8.99 0.83 -1.30
CA CYS A 40 -10.26 0.86 -0.50
C CYS A 40 -11.42 1.29 -1.40
N PRO A 41 -12.61 1.11 -0.90
CA PRO A 41 -13.82 1.49 -1.67
C PRO A 41 -13.99 3.01 -1.70
N LYS A 42 -14.55 3.53 -2.76
CA LYS A 42 -14.74 5.00 -2.86
C LYS A 42 -13.40 5.72 -2.76
N GLY A 43 -12.42 5.26 -3.49
CA GLY A 43 -11.07 5.92 -3.44
C GLY A 43 -10.71 6.22 -1.98
N LEU A 44 -10.78 5.24 -1.12
CA LEU A 44 -10.44 5.47 0.31
C LEU A 44 -8.97 5.10 0.58
N HIS A 45 -8.44 5.55 1.67
CA HIS A 45 -7.01 5.22 1.99
C HIS A 45 -6.98 4.08 3.02
N TYR A 46 -5.98 3.25 2.97
CA TYR A 46 -5.90 2.12 3.94
C TYR A 46 -5.28 2.59 5.26
N ASN A 47 -5.93 2.31 6.36
CA ASN A 47 -5.35 2.73 7.67
C ASN A 47 -4.27 1.75 8.11
N ALA A 48 -3.05 2.01 7.74
CA ALA A 48 -1.93 1.10 8.12
C ALA A 48 -1.93 0.87 9.63
N TYR A 49 -2.52 1.75 10.38
CA TYR A 49 -2.53 1.58 11.87
C TYR A 49 -3.60 0.56 12.27
N LEU A 50 -4.47 0.20 11.37
CA LEU A 50 -5.53 -0.79 11.70
C LEU A 50 -5.72 -1.80 10.56
N LYS A 51 -4.84 -1.80 9.60
CA LYS A 51 -4.98 -2.76 8.47
C LYS A 51 -6.38 -2.64 7.86
N VAL A 52 -6.98 -1.48 7.96
CA VAL A 52 -8.35 -1.29 7.40
C VAL A 52 -8.35 -0.14 6.40
N CYS A 53 -9.51 0.44 6.14
CA CYS A 53 -9.57 1.57 5.16
C CYS A 53 -10.19 2.80 5.82
N ASP A 54 -10.08 3.94 5.18
CA ASP A 54 -10.65 5.18 5.76
C ASP A 54 -10.34 6.38 4.86
N TRP A 55 -11.17 7.37 4.87
CA TRP A 55 -10.92 8.57 4.00
C TRP A 55 -9.44 8.95 4.07
N PRO A 56 -9.01 9.70 3.08
CA PRO A 56 -7.60 10.15 3.02
C PRO A 56 -7.34 11.24 4.08
N SER A 57 -8.38 11.73 4.70
CA SER A 57 -8.18 12.78 5.73
C SER A 57 -8.01 12.14 7.12
N LYS A 58 -8.26 10.86 7.22
CA LYS A 58 -8.11 10.19 8.55
C LYS A 58 -7.02 9.12 8.47
N ALA A 59 -6.93 8.43 7.36
CA ALA A 59 -5.88 7.38 7.22
C ALA A 59 -4.49 8.01 7.09
N GLY A 60 -4.43 9.32 7.06
CA GLY A 60 -3.11 9.99 6.94
C GLY A 60 -2.33 9.38 5.78
N CYS A 61 -2.52 9.89 4.58
CA CYS A 61 -1.79 9.33 3.41
C CYS A 61 -0.45 10.05 3.24
N THR A 62 0.62 9.43 3.65
CA THR A 62 1.97 10.07 3.52
C THR A 62 2.80 9.31 2.47
N SER A 63 2.15 8.49 1.68
CA SER A 63 2.90 7.72 0.65
C SER A 63 3.40 8.65 -0.45
N VAL A 64 4.61 8.43 -0.91
CA VAL A 64 5.17 9.30 -1.98
C VAL A 64 4.12 9.50 -3.09
N ASN A 65 3.31 8.51 -3.34
CA ASN A 65 2.28 8.66 -4.41
C ASN A 65 0.94 9.07 -3.79
N LYS A 66 0.65 10.34 -3.78
CA LYS A 66 -0.64 10.81 -3.19
C LYS A 66 -1.78 10.62 -4.19
N GLU A 67 -1.51 10.83 -5.45
CA GLU A 67 -2.58 10.66 -6.48
C GLU A 67 -2.76 9.17 -6.81
N CYS A 68 -3.42 8.44 -5.97
CA CYS A 68 -3.62 6.98 -6.24
C CYS A 68 -4.45 6.80 -7.52
N HIS A 69 -5.24 7.78 -7.87
CA HIS A 69 -6.07 7.65 -9.11
C HIS A 69 -5.16 7.66 -10.34
N LEU A 70 -4.27 6.70 -10.43
CA LEU A 70 -3.35 6.65 -11.61
C LEU A 70 -3.55 5.33 -12.37
N TRP A 71 -4.23 4.38 -11.77
CA TRP A 71 -4.46 3.08 -12.45
C TRP A 71 -5.72 2.41 -11.92
N LYS A 72 -5.86 1.13 -12.13
CA LYS A 72 -7.07 0.41 -11.63
C LYS A 72 -6.67 -0.66 -10.62
N THR A 73 -6.57 -0.29 -9.37
CA THR A 73 -6.19 -1.27 -8.31
C THR A 73 -5.14 -2.26 -8.84
N TYR A 1 13.18 2.01 3.93
CA TYR A 1 14.34 1.08 3.81
C TYR A 1 14.22 0.25 2.54
N LEU A 2 15.31 -0.29 2.06
CA LEU A 2 15.24 -1.11 0.81
C LEU A 2 15.64 -2.56 1.12
N ALA A 3 14.76 -3.29 1.76
CA ALA A 3 15.07 -4.71 2.09
C ALA A 3 14.58 -5.62 0.98
N PHE A 4 14.33 -6.88 1.28
CA PHE A 4 13.83 -7.84 0.25
C PHE A 4 14.46 -7.55 -1.12
N ARG A 5 13.85 -8.00 -2.17
CA ARG A 5 14.43 -7.76 -3.53
C ARG A 5 13.38 -7.99 -4.63
N CYS A 6 12.12 -7.97 -4.29
CA CYS A 6 11.08 -8.19 -5.33
C CYS A 6 10.56 -6.84 -5.87
N GLY A 7 10.92 -5.77 -5.22
CA GLY A 7 10.45 -4.43 -5.69
C GLY A 7 9.13 -4.09 -5.00
N ARG A 8 8.17 -3.61 -5.75
CA ARG A 8 6.86 -3.26 -5.13
C ARG A 8 6.14 -4.53 -4.66
N TYR A 9 6.70 -5.68 -4.95
CA TYR A 9 6.07 -6.95 -4.52
C TYR A 9 6.62 -7.41 -3.18
N SER A 10 7.55 -6.68 -2.62
CA SER A 10 8.13 -7.09 -1.30
C SER A 10 8.33 -5.87 -0.39
N PRO A 11 7.26 -5.15 -0.15
CA PRO A 11 7.32 -3.97 0.72
C PRO A 11 7.20 -4.39 2.19
N CYS A 12 7.45 -5.63 2.49
CA CYS A 12 7.33 -6.10 3.90
C CYS A 12 8.57 -6.93 4.28
N LEU A 13 8.54 -7.53 5.44
CA LEU A 13 9.70 -8.36 5.88
C LEU A 13 9.22 -9.79 6.17
N ASP A 14 7.93 -9.99 6.21
CA ASP A 14 7.38 -11.35 6.48
C ASP A 14 5.94 -11.42 5.99
N ASP A 15 5.68 -11.02 4.77
CA ASP A 15 4.29 -11.05 4.24
C ASP A 15 3.38 -10.15 5.09
N GLY A 16 2.10 -10.37 5.02
CA GLY A 16 1.16 -9.53 5.81
C GLY A 16 0.92 -8.21 5.08
N PRO A 17 -0.08 -7.50 5.52
CA PRO A 17 -0.41 -6.19 4.90
C PRO A 17 0.63 -5.14 5.29
N ASN A 18 1.16 -4.42 4.34
CA ASN A 18 2.18 -3.38 4.65
C ASN A 18 1.68 -1.99 4.24
N VAL A 19 2.26 -0.96 4.79
CA VAL A 19 1.83 0.42 4.43
C VAL A 19 2.36 0.81 3.04
N ASN A 20 1.51 1.23 2.16
CA ASN A 20 1.99 1.64 0.80
C ASN A 20 2.57 3.05 0.87
N LEU A 21 3.86 3.17 0.68
CA LEU A 21 4.50 4.51 0.74
C LEU A 21 4.68 5.09 -0.67
N TYR A 22 4.56 4.28 -1.67
CA TYR A 22 4.74 4.80 -3.05
C TYR A 22 3.37 4.95 -3.74
N SER A 23 2.34 5.15 -2.97
CA SER A 23 0.98 5.31 -3.57
C SER A 23 0.02 5.88 -2.53
N CYS A 24 -1.14 6.34 -2.96
CA CYS A 24 -2.11 6.92 -1.99
C CYS A 24 -3.54 6.53 -2.38
N CYS A 25 -3.79 5.26 -2.54
CA CYS A 25 -5.16 4.80 -2.90
C CYS A 25 -5.32 3.32 -2.56
N SER A 26 -4.28 2.55 -2.74
CA SER A 26 -4.35 1.11 -2.42
C SER A 26 -3.19 0.73 -1.49
N PHE A 27 -3.44 -0.01 -0.46
CA PHE A 27 -2.33 -0.39 0.47
C PHE A 27 -1.55 -1.58 -0.10
N TYR A 28 -0.39 -1.84 0.42
CA TYR A 28 0.43 -2.97 -0.11
C TYR A 28 0.19 -4.27 0.68
N ASN A 29 -0.43 -5.24 0.07
CA ASN A 29 -0.67 -6.53 0.77
C ASN A 29 0.48 -7.48 0.42
N CYS A 30 1.36 -7.74 1.35
CA CYS A 30 2.52 -8.63 1.04
C CYS A 30 2.12 -10.11 1.08
N HIS A 31 2.76 -10.90 0.25
CA HIS A 31 2.45 -12.36 0.21
C HIS A 31 3.63 -13.12 -0.41
N LYS A 32 4.62 -13.45 0.36
CA LYS A 32 5.80 -14.19 -0.19
C LYS A 32 6.33 -13.47 -1.43
N CYS A 33 7.18 -12.50 -1.25
CA CYS A 33 7.74 -11.75 -2.42
C CYS A 33 6.62 -11.42 -3.41
N LEU A 34 5.41 -11.34 -2.94
CA LEU A 34 4.26 -11.02 -3.84
C LEU A 34 3.34 -10.02 -3.17
N ALA A 35 3.66 -8.75 -3.24
CA ALA A 35 2.82 -7.72 -2.59
C ALA A 35 1.69 -7.27 -3.54
N ARG A 36 0.47 -7.61 -3.22
CA ARG A 36 -0.66 -7.20 -4.09
C ARG A 36 -1.25 -5.89 -3.56
N LEU A 37 -1.61 -4.99 -4.43
CA LEU A 37 -2.18 -3.69 -3.97
C LEU A 37 -3.67 -3.82 -3.68
N GLU A 38 -4.09 -3.44 -2.51
CA GLU A 38 -5.54 -3.54 -2.15
C GLU A 38 -6.25 -2.21 -2.41
N ASN A 39 -7.50 -2.26 -2.77
CA ASN A 39 -8.24 -1.00 -3.04
C ASN A 39 -9.15 -0.65 -1.86
N CYS A 40 -9.55 0.60 -1.75
CA CYS A 40 -10.43 1.01 -0.63
C CYS A 40 -11.89 0.93 -1.06
N PRO A 41 -12.77 0.98 -0.08
CA PRO A 41 -14.23 0.92 -0.38
C PRO A 41 -14.68 2.19 -1.10
N LYS A 42 -14.09 2.49 -2.22
CA LYS A 42 -14.49 3.70 -2.99
C LYS A 42 -14.78 4.87 -2.05
N GLY A 43 -13.78 5.64 -1.71
CA GLY A 43 -14.02 6.81 -0.81
C GLY A 43 -13.13 6.74 0.42
N LEU A 44 -12.26 5.76 0.52
CA LEU A 44 -11.39 5.67 1.72
C LEU A 44 -9.94 5.41 1.30
N HIS A 45 -9.00 5.70 2.16
CA HIS A 45 -7.57 5.45 1.85
C HIS A 45 -7.06 4.28 2.69
N TYR A 46 -5.94 3.71 2.34
CA TYR A 46 -5.43 2.55 3.14
C TYR A 46 -5.06 3.01 4.55
N ASN A 47 -5.29 2.17 5.54
CA ASN A 47 -4.95 2.55 6.93
C ASN A 47 -3.97 1.53 7.52
N ALA A 48 -2.69 1.75 7.35
CA ALA A 48 -1.69 0.79 7.89
C ALA A 48 -1.95 0.52 9.37
N TYR A 49 -2.70 1.36 10.02
CA TYR A 49 -2.98 1.13 11.47
C TYR A 49 -3.81 -0.14 11.63
N LEU A 50 -4.93 -0.20 10.95
CA LEU A 50 -5.80 -1.41 11.05
C LEU A 50 -5.76 -2.19 9.72
N LYS A 51 -4.67 -2.14 9.02
CA LYS A 51 -4.56 -2.86 7.72
C LYS A 51 -5.87 -2.77 6.94
N VAL A 52 -6.55 -1.67 7.04
CA VAL A 52 -7.84 -1.52 6.31
C VAL A 52 -7.93 -0.13 5.66
N CYS A 53 -8.77 0.04 4.70
CA CYS A 53 -8.89 1.37 4.04
C CYS A 53 -9.84 2.27 4.85
N ASP A 54 -9.34 3.37 5.35
CA ASP A 54 -10.22 4.28 6.15
C ASP A 54 -10.18 5.70 5.56
N TRP A 55 -10.95 6.61 6.12
CA TRP A 55 -10.95 8.00 5.60
C TRP A 55 -9.53 8.46 5.29
N PRO A 56 -9.43 9.50 4.50
CA PRO A 56 -8.12 10.06 4.13
C PRO A 56 -7.48 10.79 5.31
N SER A 57 -8.22 11.65 5.95
CA SER A 57 -7.66 12.39 7.12
C SER A 57 -7.45 11.43 8.30
N LYS A 58 -8.12 10.31 8.29
CA LYS A 58 -7.96 9.33 9.40
C LYS A 58 -6.81 8.37 9.11
N ALA A 59 -6.70 7.91 7.89
CA ALA A 59 -5.61 6.96 7.53
C ALA A 59 -4.26 7.69 7.58
N GLY A 60 -4.19 8.87 7.03
CA GLY A 60 -2.90 9.63 7.04
C GLY A 60 -2.02 9.13 5.90
N CYS A 61 -2.31 9.52 4.69
CA CYS A 61 -1.47 9.07 3.53
C CYS A 61 -0.23 9.96 3.42
N THR A 62 0.92 9.36 3.26
CA THR A 62 2.17 10.16 3.14
C THR A 62 3.12 9.50 2.15
N SER A 63 2.59 8.92 1.10
CA SER A 63 3.48 8.25 0.09
C SER A 63 4.01 9.29 -0.90
N VAL A 64 5.18 9.06 -1.43
CA VAL A 64 5.76 10.03 -2.41
C VAL A 64 4.81 10.21 -3.59
N ASN A 65 4.05 9.20 -3.92
CA ASN A 65 3.09 9.31 -5.06
C ASN A 65 1.69 9.68 -4.54
N LYS A 66 1.38 10.96 -4.54
CA LYS A 66 0.03 11.38 -4.05
C LYS A 66 -0.97 11.37 -5.20
N GLU A 67 -0.96 10.35 -6.01
CA GLU A 67 -1.93 10.29 -7.15
C GLU A 67 -2.43 8.85 -7.34
N CYS A 68 -1.52 7.92 -7.49
CA CYS A 68 -1.93 6.50 -7.68
C CYS A 68 -2.52 6.29 -9.08
N HIS A 69 -3.47 7.09 -9.46
CA HIS A 69 -4.09 6.93 -10.82
C HIS A 69 -3.03 7.17 -11.90
N LEU A 70 -2.18 8.13 -11.71
CA LEU A 70 -1.13 8.42 -12.73
C LEU A 70 0.22 7.81 -12.30
N TRP A 71 1.11 7.60 -13.23
CA TRP A 71 2.44 7.01 -12.89
C TRP A 71 3.47 7.39 -13.94
N LYS A 72 4.56 7.98 -13.54
CA LYS A 72 5.61 8.38 -14.52
C LYS A 72 6.86 7.52 -14.34
N THR A 73 6.77 6.47 -13.57
CA THR A 73 7.95 5.59 -13.35
C THR A 73 9.15 6.43 -12.88
N TYR A 1 17.94 3.73 0.59
CA TYR A 1 18.55 2.37 0.64
C TYR A 1 17.53 1.32 0.21
N LEU A 2 16.28 1.51 0.55
CA LEU A 2 15.24 0.52 0.16
C LEU A 2 15.63 -0.88 0.66
N ALA A 3 14.91 -1.38 1.62
CA ALA A 3 15.23 -2.75 2.15
C ALA A 3 14.44 -3.80 1.37
N PHE A 4 13.90 -4.77 2.06
CA PHE A 4 13.11 -5.82 1.35
C PHE A 4 13.96 -6.46 0.24
N ARG A 5 13.34 -6.82 -0.85
CA ARG A 5 14.12 -7.43 -1.97
C ARG A 5 13.27 -7.51 -3.26
N CYS A 6 11.98 -7.63 -3.14
CA CYS A 6 11.12 -7.71 -4.36
C CYS A 6 10.66 -6.30 -4.77
N GLY A 7 11.01 -5.30 -4.00
CA GLY A 7 10.59 -3.91 -4.35
C GLY A 7 9.15 -3.68 -3.90
N ARG A 8 8.36 -3.03 -4.72
CA ARG A 8 6.94 -2.78 -4.34
C ARG A 8 6.24 -4.11 -4.03
N TYR A 9 6.82 -5.20 -4.43
CA TYR A 9 6.19 -6.52 -4.17
C TYR A 9 6.60 -7.06 -2.78
N SER A 10 7.42 -6.34 -2.08
CA SER A 10 7.85 -6.81 -0.74
C SER A 10 8.08 -5.62 0.20
N PRO A 11 7.09 -4.77 0.27
CA PRO A 11 7.17 -3.58 1.14
C PRO A 11 7.01 -3.98 2.61
N CYS A 12 6.86 -5.24 2.88
CA CYS A 12 6.69 -5.69 4.29
C CYS A 12 7.97 -6.37 4.79
N LEU A 13 7.95 -6.83 6.01
CA LEU A 13 9.14 -7.53 6.57
C LEU A 13 8.84 -9.02 6.71
N ASP A 14 7.67 -9.43 6.27
CA ASP A 14 7.28 -10.87 6.37
C ASP A 14 6.26 -11.20 5.27
N ASP A 15 5.07 -10.72 5.42
CA ASP A 15 4.01 -10.98 4.39
C ASP A 15 2.65 -10.50 4.89
N GLY A 16 2.53 -9.23 5.18
CA GLY A 16 1.23 -8.69 5.66
C GLY A 16 0.89 -7.43 4.89
N PRO A 17 -0.32 -6.98 5.03
CA PRO A 17 -0.78 -5.75 4.34
C PRO A 17 -0.14 -4.52 4.97
N ASN A 18 1.06 -4.18 4.56
CA ASN A 18 1.74 -3.00 5.15
C ASN A 18 1.31 -1.72 4.42
N VAL A 19 1.75 -0.59 4.90
CA VAL A 19 1.38 0.70 4.24
C VAL A 19 2.07 0.81 2.88
N ASN A 20 1.47 1.51 1.95
CA ASN A 20 2.10 1.65 0.61
C ASN A 20 3.01 2.89 0.57
N LEU A 21 4.22 2.73 0.12
CA LEU A 21 5.15 3.90 0.06
C LEU A 21 5.09 4.55 -1.32
N TYR A 22 4.45 3.90 -2.26
CA TYR A 22 4.36 4.49 -3.63
C TYR A 22 2.89 4.56 -4.07
N SER A 23 2.00 4.81 -3.16
CA SER A 23 0.55 4.91 -3.51
C SER A 23 -0.19 5.79 -2.52
N CYS A 24 -1.49 5.74 -2.52
CA CYS A 24 -2.29 6.58 -1.58
C CYS A 24 -3.73 6.08 -1.48
N CYS A 25 -4.27 5.56 -2.56
CA CYS A 25 -5.66 5.05 -2.53
C CYS A 25 -5.65 3.52 -2.38
N SER A 26 -4.51 2.95 -2.11
CA SER A 26 -4.43 1.48 -1.95
C SER A 26 -3.16 1.11 -1.17
N PHE A 27 -3.19 0.03 -0.43
CA PHE A 27 -1.97 -0.37 0.34
C PHE A 27 -1.27 -1.55 -0.35
N TYR A 28 -0.27 -2.11 0.28
CA TYR A 28 0.45 -3.25 -0.36
C TYR A 28 0.18 -4.56 0.39
N ASN A 29 -0.51 -5.49 -0.22
CA ASN A 29 -0.76 -6.79 0.45
C ASN A 29 0.47 -7.67 0.23
N CYS A 30 1.28 -7.85 1.24
CA CYS A 30 2.53 -8.65 1.07
C CYS A 30 2.26 -10.16 1.09
N HIS A 31 3.09 -10.89 0.40
CA HIS A 31 2.96 -12.37 0.35
C HIS A 31 4.30 -12.96 -0.09
N LYS A 32 5.14 -13.32 0.86
CA LYS A 32 6.48 -13.88 0.49
C LYS A 32 7.25 -12.85 -0.33
N CYS A 33 7.03 -12.81 -1.62
CA CYS A 33 7.74 -11.83 -2.49
C CYS A 33 6.74 -11.21 -3.46
N LEU A 34 5.59 -10.84 -2.99
CA LEU A 34 4.56 -10.24 -3.88
C LEU A 34 3.68 -9.26 -3.08
N ALA A 35 3.47 -8.09 -3.60
CA ALA A 35 2.60 -7.11 -2.87
C ALA A 35 1.34 -6.80 -3.68
N ARG A 36 0.23 -7.38 -3.32
CA ARG A 36 -1.02 -7.10 -4.07
C ARG A 36 -1.61 -5.77 -3.61
N LEU A 37 -1.80 -4.85 -4.51
CA LEU A 37 -2.35 -3.53 -4.12
C LEU A 37 -3.87 -3.61 -3.95
N GLU A 38 -4.39 -3.10 -2.86
CA GLU A 38 -5.86 -3.15 -2.63
C GLU A 38 -6.44 -1.73 -2.61
N ASN A 39 -7.62 -1.56 -3.12
CA ASN A 39 -8.25 -0.20 -3.13
C ASN A 39 -9.08 0.02 -1.86
N CYS A 40 -9.79 1.12 -1.80
CA CYS A 40 -10.63 1.40 -0.59
C CYS A 40 -12.08 1.01 -0.86
N PRO A 41 -12.80 0.81 0.20
CA PRO A 41 -14.23 0.41 0.10
C PRO A 41 -15.12 1.62 -0.22
N LYS A 42 -14.53 2.73 -0.59
CA LYS A 42 -15.37 3.93 -0.92
C LYS A 42 -14.47 5.15 -1.14
N GLY A 43 -13.69 5.14 -2.18
CA GLY A 43 -12.80 6.31 -2.45
C GLY A 43 -12.13 6.75 -1.15
N LEU A 44 -11.99 5.85 -0.21
CA LEU A 44 -11.33 6.22 1.08
C LEU A 44 -9.82 6.12 0.95
N HIS A 45 -9.11 6.15 2.06
CA HIS A 45 -7.63 6.04 1.99
C HIS A 45 -7.17 4.76 2.70
N TYR A 46 -6.28 4.03 2.08
CA TYR A 46 -5.81 2.76 2.71
C TYR A 46 -5.27 3.01 4.12
N ASN A 47 -5.50 2.09 5.02
CA ASN A 47 -5.00 2.26 6.42
C ASN A 47 -4.16 1.04 6.81
N ALA A 48 -2.86 1.17 6.76
CA ALA A 48 -1.98 0.00 7.12
C ALA A 48 -2.06 -0.30 8.61
N TYR A 49 -2.37 0.67 9.43
CA TYR A 49 -2.45 0.41 10.89
C TYR A 49 -3.67 -0.46 11.21
N LEU A 50 -4.69 -0.41 10.40
CA LEU A 50 -5.90 -1.25 10.67
C LEU A 50 -6.06 -2.31 9.58
N LYS A 51 -4.98 -2.68 8.94
CA LYS A 51 -5.06 -3.71 7.85
C LYS A 51 -6.30 -3.45 6.98
N VAL A 52 -6.74 -2.23 6.91
CA VAL A 52 -7.92 -1.89 6.06
C VAL A 52 -7.83 -0.44 5.58
N CYS A 53 -8.86 0.06 4.95
CA CYS A 53 -8.81 1.46 4.46
C CYS A 53 -9.59 2.37 5.40
N ASP A 54 -9.37 3.66 5.31
CA ASP A 54 -10.11 4.62 6.19
C ASP A 54 -9.86 6.06 5.72
N TRP A 55 -10.62 6.99 6.19
CA TRP A 55 -10.42 8.41 5.77
C TRP A 55 -8.93 8.74 5.74
N PRO A 56 -8.61 9.82 5.08
CA PRO A 56 -7.19 10.26 4.97
C PRO A 56 -6.68 10.79 6.31
N SER A 57 -7.56 10.95 7.27
CA SER A 57 -7.13 11.46 8.60
C SER A 57 -6.57 10.33 9.46
N LYS A 58 -7.00 9.13 9.23
CA LYS A 58 -6.49 7.98 10.03
C LYS A 58 -5.93 6.88 9.12
N ALA A 59 -5.83 7.15 7.85
CA ALA A 59 -5.29 6.13 6.91
C ALA A 59 -3.82 6.43 6.60
N GLY A 60 -3.56 7.24 5.61
CA GLY A 60 -2.15 7.57 5.26
C GLY A 60 -2.02 7.77 3.75
N CYS A 61 -1.28 8.76 3.35
CA CYS A 61 -1.09 9.02 1.89
C CYS A 61 0.23 9.76 1.65
N THR A 62 1.14 9.67 2.58
CA THR A 62 2.45 10.37 2.41
C THR A 62 3.35 9.56 1.49
N SER A 63 2.84 8.49 0.93
CA SER A 63 3.67 7.65 0.01
C SER A 63 4.12 8.47 -1.20
N VAL A 64 5.28 8.18 -1.71
CA VAL A 64 5.79 8.93 -2.88
C VAL A 64 4.67 9.16 -3.89
N ASN A 65 3.89 8.15 -4.17
CA ASN A 65 2.77 8.32 -5.15
C ASN A 65 1.51 8.78 -4.42
N LYS A 66 1.26 10.06 -4.40
CA LYS A 66 0.05 10.58 -3.71
C LYS A 66 -1.06 10.89 -4.73
N GLU A 67 -0.90 10.45 -5.95
CA GLU A 67 -1.94 10.73 -6.98
C GLU A 67 -2.23 9.46 -7.79
N CYS A 68 -3.25 8.74 -7.42
CA CYS A 68 -3.58 7.49 -8.16
C CYS A 68 -4.06 7.83 -9.58
N HIS A 69 -3.23 8.45 -10.37
CA HIS A 69 -3.64 8.81 -11.75
C HIS A 69 -2.82 8.00 -12.77
N LEU A 70 -1.90 7.21 -12.31
CA LEU A 70 -1.07 6.39 -13.24
C LEU A 70 -1.84 5.13 -13.64
N TRP A 71 -3.09 5.04 -13.27
CA TRP A 71 -3.88 3.83 -13.64
C TRP A 71 -5.28 3.91 -13.00
N LYS A 72 -6.13 2.97 -13.30
CA LYS A 72 -7.50 2.99 -12.71
C LYS A 72 -7.57 2.07 -11.48
N THR A 73 -7.60 2.63 -10.31
CA THR A 73 -7.66 1.79 -9.09
C THR A 73 -8.97 2.06 -8.33
N TYR A 1 22.78 -8.44 1.18
CA TYR A 1 21.99 -9.68 0.93
C TYR A 1 20.65 -9.33 0.26
N LEU A 2 20.18 -8.12 0.45
CA LEU A 2 18.89 -7.72 -0.17
C LEU A 2 17.74 -8.53 0.45
N ALA A 3 16.83 -7.87 1.12
CA ALA A 3 15.69 -8.60 1.74
C ALA A 3 14.54 -8.73 0.73
N PHE A 4 13.93 -7.63 0.38
CA PHE A 4 12.80 -7.68 -0.58
C PHE A 4 13.32 -7.44 -2.01
N ARG A 5 12.78 -8.13 -2.97
CA ARG A 5 13.25 -7.93 -4.38
C ARG A 5 12.12 -8.23 -5.37
N CYS A 6 10.90 -8.30 -4.91
CA CYS A 6 9.77 -8.58 -5.83
C CYS A 6 9.23 -7.27 -6.41
N GLY A 7 10.02 -6.23 -6.39
CA GLY A 7 9.55 -4.92 -6.94
C GLY A 7 8.67 -4.21 -5.91
N ARG A 8 7.85 -3.30 -6.34
CA ARG A 8 6.95 -2.58 -5.38
C ARG A 8 6.16 -3.60 -4.56
N TYR A 9 6.08 -4.82 -5.03
CA TYR A 9 5.31 -5.86 -4.28
C TYR A 9 6.19 -6.50 -3.20
N SER A 10 7.13 -5.77 -2.66
CA SER A 10 8.00 -6.36 -1.59
C SER A 10 8.40 -5.31 -0.55
N PRO A 11 7.44 -4.50 -0.16
CA PRO A 11 7.71 -3.48 0.87
C PRO A 11 7.75 -4.12 2.25
N CYS A 12 7.69 -5.43 2.32
CA CYS A 12 7.70 -6.11 3.64
C CYS A 12 9.01 -6.89 3.84
N LEU A 13 9.18 -7.50 4.98
CA LEU A 13 10.42 -8.29 5.24
C LEU A 13 10.05 -9.71 5.66
N ASP A 14 8.80 -9.96 5.91
CA ASP A 14 8.38 -11.33 6.33
C ASP A 14 6.88 -11.53 6.09
N ASP A 15 6.40 -11.17 4.94
CA ASP A 15 4.95 -11.34 4.64
C ASP A 15 4.11 -10.41 5.52
N GLY A 16 2.81 -10.53 5.45
CA GLY A 16 1.94 -9.65 6.28
C GLY A 16 1.63 -8.36 5.52
N PRO A 17 0.53 -7.75 5.87
CA PRO A 17 0.12 -6.49 5.20
C PRO A 17 1.03 -5.34 5.64
N ASN A 18 1.52 -4.57 4.71
CA ASN A 18 2.42 -3.44 5.08
C ASN A 18 1.89 -2.13 4.48
N VAL A 19 2.09 -1.03 5.17
CA VAL A 19 1.61 0.27 4.66
C VAL A 19 2.35 0.64 3.37
N ASN A 20 1.68 1.30 2.46
CA ASN A 20 2.36 1.68 1.18
C ASN A 20 2.89 3.11 1.28
N LEU A 21 4.12 3.33 0.90
CA LEU A 21 4.69 4.70 0.96
C LEU A 21 4.72 5.33 -0.44
N TYR A 22 4.15 4.66 -1.40
CA TYR A 22 4.16 5.21 -2.79
C TYR A 22 2.76 5.09 -3.41
N SER A 23 1.73 5.35 -2.65
CA SER A 23 0.34 5.24 -3.21
C SER A 23 -0.68 5.74 -2.20
N CYS A 24 -1.23 6.91 -2.42
CA CYS A 24 -2.25 7.47 -1.48
C CYS A 24 -3.63 6.88 -1.79
N CYS A 25 -3.70 5.58 -1.97
CA CYS A 25 -5.03 4.96 -2.27
C CYS A 25 -5.04 3.49 -1.85
N SER A 26 -3.93 2.80 -1.99
CA SER A 26 -3.91 1.36 -1.61
C SER A 26 -2.66 1.05 -0.77
N PHE A 27 -2.74 0.06 0.08
CA PHE A 27 -1.55 -0.31 0.89
C PHE A 27 -0.95 -1.61 0.36
N TYR A 28 -0.05 -2.22 1.10
CA TYR A 28 0.57 -3.47 0.58
C TYR A 28 0.16 -4.71 1.38
N ASN A 29 -0.13 -5.78 0.70
CA ASN A 29 -0.49 -7.05 1.37
C ASN A 29 0.55 -8.10 0.98
N CYS A 30 1.59 -8.24 1.75
CA CYS A 30 2.68 -9.19 1.38
C CYS A 30 2.31 -10.65 1.67
N HIS A 31 2.73 -11.53 0.80
CA HIS A 31 2.43 -12.98 0.97
C HIS A 31 3.40 -13.81 0.14
N LYS A 32 4.57 -14.10 0.67
CA LYS A 32 5.56 -14.89 -0.11
C LYS A 32 6.02 -14.11 -1.35
N CYS A 33 6.70 -13.02 -1.16
CA CYS A 33 7.17 -12.21 -2.32
C CYS A 33 5.99 -11.76 -3.18
N LEU A 34 4.78 -11.91 -2.68
CA LEU A 34 3.59 -11.48 -3.47
C LEU A 34 2.84 -10.40 -2.70
N ALA A 35 3.28 -9.18 -2.80
CA ALA A 35 2.60 -8.08 -2.05
C ALA A 35 1.61 -7.35 -2.95
N ARG A 36 0.38 -7.79 -2.98
CA ARG A 36 -0.64 -7.12 -3.84
C ARG A 36 -1.15 -5.86 -3.13
N LEU A 37 -1.38 -4.80 -3.87
CA LEU A 37 -1.88 -3.55 -3.22
C LEU A 37 -3.40 -3.59 -3.04
N GLU A 38 -3.87 -3.28 -1.87
CA GLU A 38 -5.35 -3.29 -1.63
C GLU A 38 -5.94 -1.92 -1.99
N ASN A 39 -6.89 -1.90 -2.89
CA ASN A 39 -7.51 -0.60 -3.29
C ASN A 39 -8.40 -0.06 -2.17
N CYS A 40 -9.11 1.00 -2.44
CA CYS A 40 -10.01 1.58 -1.41
C CYS A 40 -11.45 1.65 -1.94
N PRO A 41 -12.38 1.34 -1.07
CA PRO A 41 -13.81 1.37 -1.46
C PRO A 41 -14.31 2.81 -1.57
N LYS A 42 -15.26 3.05 -2.43
CA LYS A 42 -15.79 4.43 -2.59
C LYS A 42 -14.64 5.43 -2.78
N GLY A 43 -14.22 6.07 -1.72
CA GLY A 43 -13.10 7.05 -1.84
C GLY A 43 -12.28 7.05 -0.56
N LEU A 44 -12.20 5.92 0.10
CA LEU A 44 -11.41 5.86 1.37
C LEU A 44 -9.92 5.72 1.06
N HIS A 45 -9.09 5.95 2.04
CA HIS A 45 -7.62 5.83 1.81
C HIS A 45 -7.10 4.54 2.45
N TYR A 46 -6.11 3.93 1.87
CA TYR A 46 -5.57 2.66 2.46
C TYR A 46 -5.07 2.92 3.89
N ASN A 47 -5.41 2.07 4.81
CA ASN A 47 -4.95 2.26 6.22
C ASN A 47 -4.10 1.07 6.68
N ALA A 48 -2.94 1.33 7.20
CA ALA A 48 -2.07 0.21 7.67
C ALA A 48 -2.39 -0.14 9.13
N TYR A 49 -2.72 0.85 9.93
CA TYR A 49 -3.04 0.59 11.36
C TYR A 49 -4.24 -0.35 11.46
N LEU A 50 -5.13 -0.30 10.51
CA LEU A 50 -6.33 -1.18 10.56
C LEU A 50 -6.20 -2.30 9.52
N LYS A 51 -5.06 -2.42 8.89
CA LYS A 51 -4.88 -3.49 7.88
C LYS A 51 -5.94 -3.36 6.78
N VAL A 52 -6.58 -2.23 6.70
CA VAL A 52 -7.64 -2.04 5.65
C VAL A 52 -7.63 -0.59 5.17
N CYS A 53 -8.60 -0.22 4.37
CA CYS A 53 -8.65 1.19 3.88
C CYS A 53 -9.58 2.02 4.75
N ASP A 54 -9.19 3.23 5.08
CA ASP A 54 -10.04 4.09 5.94
C ASP A 54 -10.08 5.52 5.39
N TRP A 55 -10.97 6.34 5.87
CA TRP A 55 -11.05 7.74 5.38
C TRP A 55 -9.65 8.32 5.20
N PRO A 56 -9.54 9.28 4.33
CA PRO A 56 -8.23 9.95 4.06
C PRO A 56 -7.83 10.82 5.25
N SER A 57 -8.77 11.47 5.87
CA SER A 57 -8.42 12.35 7.03
C SER A 57 -8.06 11.49 8.24
N LYS A 58 -8.18 10.19 8.13
CA LYS A 58 -7.85 9.31 9.27
C LYS A 58 -6.75 8.31 8.86
N ALA A 59 -6.66 8.01 7.59
CA ALA A 59 -5.61 7.05 7.13
C ALA A 59 -4.22 7.68 7.23
N GLY A 60 -3.94 8.67 6.40
CA GLY A 60 -2.61 9.32 6.45
C GLY A 60 -2.22 9.79 5.05
N CYS A 61 -2.03 8.87 4.13
CA CYS A 61 -1.64 9.26 2.76
C CYS A 61 -0.34 10.09 2.78
N THR A 62 0.72 9.51 3.26
CA THR A 62 2.01 10.24 3.31
C THR A 62 3.04 9.52 2.41
N SER A 63 2.60 9.07 1.28
CA SER A 63 3.53 8.35 0.35
C SER A 63 4.06 9.29 -0.72
N VAL A 64 5.07 8.89 -1.44
CA VAL A 64 5.62 9.76 -2.51
C VAL A 64 4.66 9.80 -3.71
N ASN A 65 3.81 8.81 -3.82
CA ASN A 65 2.84 8.78 -4.95
C ASN A 65 1.51 9.40 -4.51
N LYS A 66 1.44 10.71 -4.46
CA LYS A 66 0.18 11.36 -4.04
C LYS A 66 -0.74 11.59 -5.25
N GLU A 67 -0.66 10.72 -6.23
CA GLU A 67 -1.52 10.89 -7.44
C GLU A 67 -2.50 9.72 -7.56
N CYS A 68 -2.31 8.69 -6.78
CA CYS A 68 -3.23 7.51 -6.85
C CYS A 68 -3.12 6.82 -8.20
N HIS A 69 -3.36 7.52 -9.27
CA HIS A 69 -3.26 6.90 -10.62
C HIS A 69 -1.95 7.30 -11.30
N LEU A 70 -1.24 6.34 -11.85
CA LEU A 70 0.03 6.67 -12.55
C LEU A 70 0.24 5.75 -13.76
N TRP A 71 -0.78 5.03 -14.15
CA TRP A 71 -0.63 4.13 -15.34
C TRP A 71 -2.01 3.63 -15.79
N LYS A 72 -2.04 2.64 -16.64
CA LYS A 72 -3.35 2.10 -17.11
C LYS A 72 -3.31 0.57 -17.15
N THR A 73 -4.43 -0.06 -16.94
CA THR A 73 -4.45 -1.55 -16.97
C THR A 73 -4.56 -2.05 -18.41
N TYR A 1 22.87 -7.01 -0.09
CA TYR A 1 22.22 -7.86 -1.12
C TYR A 1 20.70 -7.74 -1.02
N LEU A 2 20.01 -7.91 -2.11
CA LEU A 2 18.52 -7.81 -2.08
C LEU A 2 17.89 -9.20 -2.11
N ALA A 3 17.59 -9.75 -0.97
CA ALA A 3 16.97 -11.11 -0.93
C ALA A 3 15.59 -11.08 -1.58
N PHE A 4 15.08 -9.91 -1.86
CA PHE A 4 13.73 -9.81 -2.49
C PHE A 4 13.80 -8.94 -3.74
N ARG A 5 13.58 -9.53 -4.89
CA ARG A 5 13.62 -8.73 -6.15
C ARG A 5 12.28 -8.79 -6.87
N CYS A 6 11.20 -8.78 -6.13
CA CYS A 6 9.85 -8.85 -6.77
C CYS A 6 9.41 -7.45 -7.22
N GLY A 7 9.93 -6.42 -6.61
CA GLY A 7 9.55 -5.04 -7.00
C GLY A 7 8.46 -4.52 -6.06
N ARG A 8 7.49 -3.82 -6.58
CA ARG A 8 6.40 -3.29 -5.71
C ARG A 8 5.63 -4.45 -5.07
N TYR A 9 5.88 -5.65 -5.52
CA TYR A 9 5.16 -6.83 -4.94
C TYR A 9 5.92 -7.36 -3.72
N SER A 10 6.90 -6.62 -3.24
CA SER A 10 7.66 -7.09 -2.06
C SER A 10 8.33 -5.91 -1.35
N PRO A 11 7.56 -4.89 -1.10
CA PRO A 11 8.08 -3.69 -0.42
C PRO A 11 8.24 -3.97 1.08
N CYS A 12 7.98 -5.18 1.50
CA CYS A 12 8.10 -5.51 2.95
C CYS A 12 9.21 -6.53 3.17
N LEU A 13 9.57 -6.78 4.40
CA LEU A 13 10.65 -7.77 4.69
C LEU A 13 10.11 -8.88 5.59
N ASP A 14 8.91 -8.72 6.07
CA ASP A 14 8.32 -9.78 6.96
C ASP A 14 6.89 -10.10 6.52
N ASP A 15 6.68 -10.22 5.24
CA ASP A 15 5.30 -10.54 4.73
C ASP A 15 4.25 -9.78 5.54
N GLY A 16 3.01 -10.21 5.46
CA GLY A 16 1.93 -9.52 6.22
C GLY A 16 1.58 -8.20 5.52
N PRO A 17 0.41 -7.70 5.82
CA PRO A 17 -0.05 -6.43 5.22
C PRO A 17 0.71 -5.25 5.83
N ASN A 18 1.38 -4.49 5.02
CA ASN A 18 2.16 -3.32 5.55
C ASN A 18 1.73 -2.04 4.85
N VAL A 19 1.90 -0.92 5.49
CA VAL A 19 1.51 0.37 4.87
C VAL A 19 2.33 0.61 3.59
N ASN A 20 1.73 1.20 2.59
CA ASN A 20 2.48 1.46 1.33
C ASN A 20 3.36 2.70 1.48
N LEU A 21 4.42 2.79 0.71
CA LEU A 21 5.32 3.97 0.84
C LEU A 21 5.48 4.66 -0.52
N TYR A 22 4.73 4.24 -1.50
CA TYR A 22 4.84 4.88 -2.85
C TYR A 22 3.46 5.05 -3.47
N SER A 23 2.45 5.27 -2.67
CA SER A 23 1.08 5.45 -3.23
C SER A 23 0.14 6.02 -2.18
N CYS A 24 -0.99 6.51 -2.58
CA CYS A 24 -1.96 7.09 -1.60
C CYS A 24 -3.39 6.63 -1.93
N CYS A 25 -3.56 5.36 -2.17
CA CYS A 25 -4.93 4.84 -2.51
C CYS A 25 -5.09 3.43 -1.92
N SER A 26 -4.10 2.60 -2.08
CA SER A 26 -4.18 1.21 -1.54
C SER A 26 -2.90 0.89 -0.76
N PHE A 27 -2.98 0.01 0.20
CA PHE A 27 -1.75 -0.34 0.98
C PHE A 27 -1.09 -1.58 0.36
N TYR A 28 -0.01 -2.04 0.93
CA TYR A 28 0.68 -3.22 0.34
C TYR A 28 0.41 -4.50 1.15
N ASN A 29 -0.06 -5.52 0.49
CA ASN A 29 -0.30 -6.81 1.19
C ASN A 29 0.87 -7.75 0.87
N CYS A 30 1.95 -7.62 1.60
CA CYS A 30 3.15 -8.45 1.32
C CYS A 30 3.00 -9.87 1.87
N HIS A 31 3.23 -10.84 1.02
CA HIS A 31 3.12 -12.27 1.45
C HIS A 31 3.89 -13.16 0.45
N LYS A 32 5.07 -13.58 0.82
CA LYS A 32 5.88 -14.43 -0.11
C LYS A 32 6.39 -13.60 -1.30
N CYS A 33 6.98 -12.46 -1.02
CA CYS A 33 7.50 -11.61 -2.13
C CYS A 33 6.34 -11.05 -2.96
N LEU A 34 5.14 -11.28 -2.55
CA LEU A 34 3.97 -10.75 -3.33
C LEU A 34 3.22 -9.70 -2.52
N ALA A 35 3.22 -8.47 -2.97
CA ALA A 35 2.49 -7.41 -2.22
C ALA A 35 1.15 -7.10 -2.89
N ARG A 36 0.08 -7.64 -2.38
CA ARG A 36 -1.25 -7.37 -2.99
C ARG A 36 -1.75 -5.99 -2.54
N LEU A 37 -1.97 -5.10 -3.47
CA LEU A 37 -2.46 -3.74 -3.08
C LEU A 37 -3.95 -3.76 -2.80
N GLU A 38 -4.35 -3.43 -1.61
CA GLU A 38 -5.80 -3.43 -1.27
C GLU A 38 -6.38 -2.03 -1.52
N ASN A 39 -7.43 -1.94 -2.29
CA ASN A 39 -8.04 -0.61 -2.59
C ASN A 39 -9.11 -0.26 -1.56
N CYS A 40 -9.80 0.83 -1.78
CA CYS A 40 -10.87 1.25 -0.83
C CYS A 40 -12.24 0.82 -1.36
N PRO A 41 -13.24 0.92 -0.52
CA PRO A 41 -14.61 0.53 -0.91
C PRO A 41 -15.18 1.46 -1.98
N LYS A 42 -14.97 2.72 -1.83
CA LYS A 42 -15.50 3.68 -2.84
C LYS A 42 -15.12 5.13 -2.51
N GLY A 43 -13.92 5.52 -2.83
CA GLY A 43 -13.50 6.93 -2.56
C GLY A 43 -12.93 7.08 -1.16
N LEU A 44 -11.99 6.25 -0.79
CA LEU A 44 -11.39 6.38 0.58
C LEU A 44 -9.89 6.11 0.50
N HIS A 45 -9.22 6.09 1.63
CA HIS A 45 -7.75 5.83 1.62
C HIS A 45 -7.46 4.48 2.28
N TYR A 46 -6.24 4.02 2.21
CA TYR A 46 -5.91 2.71 2.84
C TYR A 46 -5.46 2.92 4.30
N ASN A 47 -5.60 1.91 5.12
CA ASN A 47 -5.17 2.06 6.54
C ASN A 47 -4.24 0.91 6.93
N ALA A 48 -3.09 1.21 7.45
CA ALA A 48 -2.14 0.13 7.84
C ALA A 48 -2.49 -0.40 9.23
N TYR A 49 -3.04 0.43 10.08
CA TYR A 49 -3.41 -0.04 11.45
C TYR A 49 -4.71 -0.84 11.41
N LEU A 50 -5.29 -0.99 10.25
CA LEU A 50 -6.56 -1.77 10.15
C LEU A 50 -6.60 -2.57 8.85
N LYS A 51 -5.47 -2.71 8.19
CA LYS A 51 -5.43 -3.47 6.91
C LYS A 51 -6.69 -3.22 6.08
N VAL A 52 -7.24 -2.04 6.15
CA VAL A 52 -8.47 -1.72 5.36
C VAL A 52 -8.35 -0.32 4.76
N CYS A 53 -9.46 0.26 4.36
CA CYS A 53 -9.40 1.62 3.77
C CYS A 53 -10.25 2.60 4.59
N ASP A 54 -9.77 3.79 4.80
CA ASP A 54 -10.56 4.78 5.59
C ASP A 54 -10.35 6.20 5.02
N TRP A 55 -11.15 7.14 5.45
CA TRP A 55 -11.00 8.53 4.91
C TRP A 55 -9.53 8.91 4.88
N PRO A 56 -9.21 9.82 4.00
CA PRO A 56 -7.82 10.30 3.85
C PRO A 56 -7.43 11.20 5.02
N SER A 57 -8.39 11.83 5.64
CA SER A 57 -8.07 12.71 6.80
C SER A 57 -7.70 11.87 8.02
N LYS A 58 -7.90 10.59 7.95
CA LYS A 58 -7.55 9.72 9.11
C LYS A 58 -6.58 8.62 8.67
N ALA A 59 -6.93 7.88 7.65
CA ALA A 59 -6.03 6.80 7.16
C ALA A 59 -4.57 7.29 7.12
N GLY A 60 -4.38 8.57 6.94
CA GLY A 60 -2.99 9.11 6.89
C GLY A 60 -2.31 8.65 5.60
N CYS A 61 -1.47 9.47 5.03
CA CYS A 61 -0.77 9.07 3.77
C CYS A 61 0.56 9.82 3.64
N THR A 62 1.64 9.14 3.86
CA THR A 62 2.98 9.80 3.74
C THR A 62 3.84 9.07 2.71
N SER A 63 3.24 8.57 1.67
CA SER A 63 4.03 7.85 0.62
C SER A 63 4.54 8.84 -0.43
N VAL A 64 5.75 8.67 -0.88
CA VAL A 64 6.30 9.60 -1.91
C VAL A 64 5.25 9.89 -2.97
N ASN A 65 4.37 8.96 -3.23
CA ASN A 65 3.31 9.19 -4.26
C ASN A 65 1.99 9.56 -3.57
N LYS A 66 1.43 10.68 -3.94
CA LYS A 66 0.14 11.11 -3.31
C LYS A 66 -1.02 10.96 -4.30
N GLU A 67 -0.76 10.37 -5.44
CA GLU A 67 -1.84 10.21 -6.45
C GLU A 67 -1.69 8.88 -7.19
N CYS A 68 -2.59 7.95 -6.96
CA CYS A 68 -2.47 6.64 -7.65
C CYS A 68 -3.86 6.00 -7.78
N HIS A 69 -4.88 6.81 -7.91
CA HIS A 69 -6.27 6.26 -8.04
C HIS A 69 -6.55 5.85 -9.49
N LEU A 70 -5.54 5.67 -10.28
CA LEU A 70 -5.77 5.26 -11.71
C LEU A 70 -4.52 4.59 -12.29
N TRP A 71 -4.33 3.33 -12.02
CA TRP A 71 -3.14 2.62 -12.57
C TRP A 71 -3.58 1.43 -13.42
N LYS A 72 -4.84 1.10 -13.38
CA LYS A 72 -5.34 -0.05 -14.19
C LYS A 72 -4.49 -1.29 -13.92
N THR A 73 -3.44 -1.48 -14.66
CA THR A 73 -2.58 -2.67 -14.44
C THR A 73 -3.42 -3.95 -14.55
N TYR A 1 11.14 1.81 0.69
CA TYR A 1 12.20 0.92 1.27
C TYR A 1 12.93 0.18 0.15
N LEU A 2 14.00 -0.49 0.47
CA LEU A 2 14.76 -1.23 -0.57
C LEU A 2 15.00 -2.67 -0.12
N ALA A 3 14.57 -3.01 1.07
CA ALA A 3 14.76 -4.40 1.57
C ALA A 3 14.16 -5.42 0.61
N PHE A 4 13.59 -6.48 1.13
CA PHE A 4 12.98 -7.53 0.24
C PHE A 4 13.84 -7.72 -1.01
N ARG A 5 13.28 -8.22 -2.07
CA ARG A 5 14.09 -8.43 -3.31
C ARG A 5 13.16 -8.68 -4.51
N CYS A 6 11.94 -8.23 -4.44
CA CYS A 6 10.99 -8.45 -5.56
C CYS A 6 10.73 -7.13 -6.29
N GLY A 7 10.34 -6.10 -5.57
CA GLY A 7 10.07 -4.78 -6.21
C GLY A 7 8.80 -4.18 -5.61
N ARG A 8 8.26 -3.16 -6.23
CA ARG A 8 7.01 -2.54 -5.69
C ARG A 8 5.94 -3.62 -5.49
N TYR A 9 6.10 -4.74 -6.13
CA TYR A 9 5.10 -5.83 -5.97
C TYR A 9 5.34 -6.58 -4.66
N SER A 10 6.40 -6.27 -3.98
CA SER A 10 6.69 -6.95 -2.68
C SER A 10 7.68 -6.15 -1.84
N PRO A 11 7.21 -5.05 -1.33
CA PRO A 11 8.05 -4.17 -0.48
C PRO A 11 8.11 -4.71 0.96
N CYS A 12 7.62 -5.90 1.16
CA CYS A 12 7.62 -6.47 2.55
C CYS A 12 8.53 -7.70 2.62
N LEU A 13 8.86 -8.12 3.80
CA LEU A 13 9.74 -9.31 3.96
C LEU A 13 9.02 -10.39 4.79
N ASP A 14 8.04 -10.00 5.55
CA ASP A 14 7.30 -10.99 6.39
C ASP A 14 5.79 -10.94 6.08
N ASP A 15 5.44 -10.92 4.82
CA ASP A 15 4.00 -10.86 4.45
C ASP A 15 3.23 -9.91 5.37
N GLY A 16 1.93 -10.00 5.38
CA GLY A 16 1.13 -9.09 6.27
C GLY A 16 0.84 -7.78 5.53
N PRO A 17 -0.34 -7.28 5.74
CA PRO A 17 -0.75 -6.02 5.07
C PRO A 17 0.03 -4.84 5.66
N ASN A 18 0.99 -4.33 4.95
CA ASN A 18 1.80 -3.18 5.46
C ASN A 18 1.35 -1.88 4.79
N VAL A 19 1.78 -0.76 5.31
CA VAL A 19 1.40 0.55 4.70
C VAL A 19 2.18 0.77 3.40
N ASN A 20 1.55 1.34 2.41
CA ASN A 20 2.25 1.59 1.12
C ASN A 20 3.12 2.85 1.25
N LEU A 21 4.33 2.80 0.76
CA LEU A 21 5.23 3.99 0.86
C LEU A 21 5.35 4.69 -0.50
N TYR A 22 4.80 4.10 -1.54
CA TYR A 22 4.88 4.73 -2.88
C TYR A 22 3.49 4.89 -3.49
N SER A 23 2.53 5.26 -2.68
CA SER A 23 1.15 5.43 -3.20
C SER A 23 0.26 6.06 -2.12
N CYS A 24 -0.85 6.63 -2.51
CA CYS A 24 -1.75 7.26 -1.50
C CYS A 24 -3.20 6.82 -1.73
N CYS A 25 -3.41 5.55 -1.92
CA CYS A 25 -4.79 5.05 -2.15
C CYS A 25 -4.87 3.57 -1.81
N SER A 26 -4.14 2.75 -2.52
CA SER A 26 -4.15 1.29 -2.24
C SER A 26 -2.96 0.91 -1.36
N PHE A 27 -3.18 0.18 -0.30
CA PHE A 27 -2.05 -0.19 0.58
C PHE A 27 -1.34 -1.44 0.02
N TYR A 28 -0.27 -1.87 0.63
CA TYR A 28 0.44 -3.06 0.10
C TYR A 28 0.10 -4.33 0.88
N ASN A 29 -0.73 -5.17 0.35
CA ASN A 29 -1.05 -6.45 1.06
C ASN A 29 0.11 -7.42 0.81
N CYS A 30 0.99 -7.55 1.77
CA CYS A 30 2.18 -8.42 1.57
C CYS A 30 1.81 -9.90 1.74
N HIS A 31 2.38 -10.74 0.90
CA HIS A 31 2.11 -12.20 0.98
C HIS A 31 3.21 -12.97 0.25
N LYS A 32 4.31 -13.23 0.92
CA LYS A 32 5.42 -13.97 0.25
C LYS A 32 5.80 -13.27 -1.05
N CYS A 33 6.60 -12.24 -0.98
CA CYS A 33 7.00 -11.50 -2.22
C CYS A 33 5.76 -11.17 -3.05
N LEU A 34 4.60 -11.15 -2.44
CA LEU A 34 3.35 -10.85 -3.19
C LEU A 34 2.60 -9.68 -2.52
N ALA A 35 2.95 -8.47 -2.85
CA ALA A 35 2.26 -7.31 -2.23
C ALA A 35 1.07 -6.88 -3.10
N ARG A 36 -0.11 -7.33 -2.77
CA ARG A 36 -1.30 -6.94 -3.58
C ARG A 36 -1.75 -5.53 -3.19
N LEU A 37 -1.78 -4.62 -4.12
CA LEU A 37 -2.20 -3.23 -3.79
C LEU A 37 -3.73 -3.18 -3.71
N GLU A 38 -4.28 -3.27 -2.54
CA GLU A 38 -5.77 -3.23 -2.40
C GLU A 38 -6.27 -1.79 -2.46
N ASN A 39 -7.16 -1.51 -3.37
CA ASN A 39 -7.70 -0.12 -3.48
C ASN A 39 -8.82 0.09 -2.48
N CYS A 40 -8.61 -0.28 -1.25
CA CYS A 40 -9.67 -0.10 -0.22
C CYS A 40 -10.99 -0.75 -0.66
N PRO A 41 -11.88 -0.89 0.27
CA PRO A 41 -13.20 -1.51 -0.02
C PRO A 41 -14.14 -0.53 -0.71
N LYS A 42 -13.83 0.72 -0.68
CA LYS A 42 -14.71 1.73 -1.34
C LYS A 42 -13.89 2.95 -1.79
N GLY A 43 -12.98 2.76 -2.72
CA GLY A 43 -12.16 3.90 -3.19
C GLY A 43 -11.65 4.69 -1.98
N LEU A 44 -11.55 4.05 -0.85
CA LEU A 44 -11.06 4.76 0.37
C LEU A 44 -9.52 4.82 0.34
N HIS A 45 -8.91 5.13 1.45
CA HIS A 45 -7.43 5.18 1.49
C HIS A 45 -6.89 4.05 2.37
N TYR A 46 -5.60 3.85 2.41
CA TYR A 46 -5.05 2.76 3.25
C TYR A 46 -4.94 3.21 4.70
N ASN A 47 -5.41 2.39 5.61
CA ASN A 47 -5.32 2.75 7.05
C ASN A 47 -4.31 1.85 7.77
N ALA A 48 -3.06 1.99 7.44
CA ALA A 48 -2.02 1.13 8.09
C ALA A 48 -2.29 1.02 9.59
N TYR A 49 -2.76 2.08 10.19
CA TYR A 49 -3.04 2.03 11.66
C TYR A 49 -4.06 0.93 11.97
N LEU A 50 -4.77 0.47 10.98
CA LEU A 50 -5.78 -0.59 11.21
C LEU A 50 -5.65 -1.69 10.15
N LYS A 51 -4.46 -1.93 9.68
CA LYS A 51 -4.25 -2.98 8.63
C LYS A 51 -5.42 -3.02 7.65
N VAL A 52 -6.07 -1.90 7.44
CA VAL A 52 -7.22 -1.87 6.47
C VAL A 52 -7.19 -0.56 5.70
N CYS A 53 -8.31 -0.15 5.16
CA CYS A 53 -8.37 1.14 4.41
C CYS A 53 -9.32 2.10 5.11
N ASP A 54 -9.45 3.30 4.62
CA ASP A 54 -10.37 4.28 5.28
C ASP A 54 -10.28 5.63 4.57
N TRP A 55 -11.15 6.55 4.89
CA TRP A 55 -11.12 7.89 4.24
C TRP A 55 -9.69 8.42 4.20
N PRO A 56 -9.49 9.42 3.39
CA PRO A 56 -8.15 10.04 3.24
C PRO A 56 -7.82 10.86 4.49
N SER A 57 -8.72 11.71 4.92
CA SER A 57 -8.46 12.53 6.12
C SER A 57 -8.20 11.62 7.33
N LYS A 58 -8.63 10.40 7.26
CA LYS A 58 -8.41 9.47 8.40
C LYS A 58 -7.17 8.59 8.14
N ALA A 59 -7.12 7.96 6.99
CA ALA A 59 -5.95 7.10 6.67
C ALA A 59 -4.65 7.85 6.95
N GLY A 60 -4.16 8.58 5.99
CA GLY A 60 -2.89 9.34 6.20
C GLY A 60 -2.30 9.75 4.85
N CYS A 61 -2.12 8.81 3.96
CA CYS A 61 -1.54 9.14 2.63
C CYS A 61 -0.28 10.01 2.80
N THR A 62 0.81 9.40 3.15
CA THR A 62 2.07 10.17 3.35
C THR A 62 3.20 9.56 2.51
N SER A 63 2.92 8.50 1.80
CA SER A 63 3.97 7.85 0.97
C SER A 63 4.59 8.89 0.02
N VAL A 64 5.80 8.66 -0.42
CA VAL A 64 6.44 9.63 -1.35
C VAL A 64 5.49 9.96 -2.50
N ASN A 65 4.54 9.10 -2.78
CA ASN A 65 3.58 9.37 -3.89
C ASN A 65 2.26 9.90 -3.33
N LYS A 66 2.16 11.19 -3.17
CA LYS A 66 0.90 11.77 -2.63
C LYS A 66 -0.10 12.02 -3.76
N GLU A 67 -0.19 11.11 -4.70
CA GLU A 67 -1.13 11.30 -5.84
C GLU A 67 -1.83 9.97 -6.17
N CYS A 68 -2.86 9.66 -5.44
CA CYS A 68 -3.61 8.40 -5.71
C CYS A 68 -3.85 8.27 -7.22
N HIS A 69 -4.37 7.16 -7.69
CA HIS A 69 -4.62 7.00 -9.15
C HIS A 69 -3.46 7.60 -9.97
N LEU A 70 -2.33 6.97 -9.93
CA LEU A 70 -1.16 7.49 -10.70
C LEU A 70 -0.92 6.63 -11.94
N TRP A 71 -1.80 5.72 -12.22
CA TRP A 71 -1.62 4.84 -13.42
C TRP A 71 -2.98 4.50 -14.03
N LYS A 72 -2.98 3.98 -15.23
CA LYS A 72 -4.26 3.62 -15.90
C LYS A 72 -5.19 4.84 -15.99
N THR A 73 -5.85 5.19 -14.91
CA THR A 73 -6.77 6.37 -14.94
C THR A 73 -7.61 6.34 -16.22
N TYR A 1 22.92 -8.15 -4.98
CA TYR A 1 21.92 -9.26 -4.92
C TYR A 1 20.62 -8.76 -4.28
N LEU A 2 20.72 -7.90 -3.31
CA LEU A 2 19.48 -7.38 -2.65
C LEU A 2 18.68 -8.53 -2.04
N ALA A 3 18.11 -8.32 -0.88
CA ALA A 3 17.31 -9.40 -0.24
C ALA A 3 15.89 -9.42 -0.80
N PHE A 4 15.45 -8.31 -1.32
CA PHE A 4 14.06 -8.26 -1.89
C PHE A 4 14.04 -8.88 -3.28
N ARG A 5 14.67 -8.25 -4.23
CA ARG A 5 14.68 -8.80 -5.62
C ARG A 5 13.26 -9.15 -6.07
N CYS A 6 12.30 -8.32 -5.75
CA CYS A 6 10.90 -8.61 -6.17
C CYS A 6 10.28 -7.35 -6.79
N GLY A 7 10.66 -6.19 -6.34
CA GLY A 7 10.08 -4.93 -6.91
C GLY A 7 8.96 -4.44 -6.00
N ARG A 8 7.98 -3.78 -6.56
CA ARG A 8 6.86 -3.26 -5.72
C ARG A 8 6.09 -4.44 -5.10
N TYR A 9 6.38 -5.64 -5.52
CA TYR A 9 5.68 -6.81 -4.95
C TYR A 9 6.40 -7.31 -3.70
N SER A 10 7.32 -6.54 -3.17
CA SER A 10 8.03 -6.98 -1.94
C SER A 10 8.51 -5.78 -1.12
N PRO A 11 7.62 -4.84 -0.92
CA PRO A 11 7.95 -3.63 -0.13
C PRO A 11 7.98 -3.95 1.37
N CYS A 12 7.86 -5.20 1.73
CA CYS A 12 7.86 -5.56 3.18
C CYS A 12 9.01 -6.51 3.50
N LEU A 13 8.97 -7.13 4.65
CA LEU A 13 10.05 -8.09 5.03
C LEU A 13 9.50 -9.16 5.97
N ASP A 14 8.20 -9.29 6.04
CA ASP A 14 7.60 -10.31 6.94
C ASP A 14 6.16 -10.63 6.51
N ASP A 15 5.91 -10.60 5.22
CA ASP A 15 4.53 -10.90 4.72
C ASP A 15 3.49 -10.14 5.54
N GLY A 16 2.22 -10.35 5.26
CA GLY A 16 1.16 -9.64 6.02
C GLY A 16 0.83 -8.31 5.33
N PRO A 17 -0.33 -7.80 5.64
CA PRO A 17 -0.78 -6.52 5.05
C PRO A 17 0.00 -5.35 5.66
N ASN A 18 0.28 -4.34 4.87
CA ASN A 18 1.04 -3.16 5.41
C ASN A 18 0.61 -1.88 4.68
N VAL A 19 1.25 -0.79 4.96
CA VAL A 19 0.88 0.49 4.29
C VAL A 19 1.63 0.63 2.97
N ASN A 20 1.06 1.31 2.02
CA ASN A 20 1.74 1.48 0.70
C ASN A 20 2.80 2.59 0.80
N LEU A 21 3.92 2.40 0.17
CA LEU A 21 5.00 3.44 0.22
C LEU A 21 5.05 4.22 -1.09
N TYR A 22 4.48 3.67 -2.14
CA TYR A 22 4.51 4.38 -3.44
C TYR A 22 3.08 4.56 -3.97
N SER A 23 2.14 4.78 -3.08
CA SER A 23 0.73 4.97 -3.53
C SER A 23 -0.16 5.32 -2.32
N CYS A 24 -1.34 5.82 -2.56
CA CYS A 24 -2.25 6.18 -1.44
C CYS A 24 -3.62 5.53 -1.64
N CYS A 25 -4.06 5.42 -2.86
CA CYS A 25 -5.40 4.79 -3.11
C CYS A 25 -5.25 3.27 -3.25
N SER A 26 -4.17 2.73 -2.75
CA SER A 26 -3.94 1.27 -2.82
C SER A 26 -2.90 0.87 -1.79
N PHE A 27 -3.29 0.17 -0.75
CA PHE A 27 -2.29 -0.23 0.28
C PHE A 27 -1.50 -1.46 -0.20
N TYR A 28 -0.54 -1.90 0.56
CA TYR A 28 0.26 -3.08 0.11
C TYR A 28 -0.12 -4.35 0.88
N ASN A 29 -0.13 -5.46 0.20
CA ASN A 29 -0.43 -6.75 0.86
C ASN A 29 0.83 -7.62 0.76
N CYS A 30 1.57 -7.72 1.82
CA CYS A 30 2.85 -8.51 1.75
C CYS A 30 2.59 -10.01 1.87
N HIS A 31 3.33 -10.80 1.14
CA HIS A 31 3.17 -12.27 1.18
C HIS A 31 4.44 -12.95 0.67
N LYS A 32 5.39 -13.18 1.53
CA LYS A 32 6.67 -13.83 1.09
C LYS A 32 7.49 -12.84 0.25
N CYS A 33 7.09 -12.62 -0.97
CA CYS A 33 7.83 -11.65 -1.84
C CYS A 33 6.86 -10.97 -2.79
N LEU A 34 5.59 -11.07 -2.53
CA LEU A 34 4.59 -10.43 -3.43
C LEU A 34 3.81 -9.34 -2.67
N ALA A 35 3.54 -8.24 -3.31
CA ALA A 35 2.78 -7.15 -2.64
C ALA A 35 1.48 -6.87 -3.39
N ARG A 36 0.39 -7.46 -2.98
CA ARG A 36 -0.89 -7.23 -3.70
C ARG A 36 -1.51 -5.90 -3.26
N LEU A 37 -1.66 -4.98 -4.19
CA LEU A 37 -2.26 -3.66 -3.83
C LEU A 37 -3.78 -3.77 -3.75
N GLU A 38 -4.34 -3.58 -2.59
CA GLU A 38 -5.83 -3.69 -2.45
C GLU A 38 -6.47 -2.31 -2.54
N ASN A 39 -7.60 -2.22 -3.20
CA ASN A 39 -8.28 -0.90 -3.34
C ASN A 39 -9.28 -0.69 -2.20
N CYS A 40 -9.99 0.40 -2.21
CA CYS A 40 -10.99 0.67 -1.13
C CYS A 40 -12.41 0.61 -1.68
N PRO A 41 -13.36 0.66 -0.78
CA PRO A 41 -14.79 0.61 -1.19
C PRO A 41 -15.23 1.93 -1.82
N LYS A 42 -14.36 2.89 -1.89
CA LYS A 42 -14.73 4.20 -2.50
C LYS A 42 -13.59 5.21 -2.36
N GLY A 43 -12.61 5.12 -3.23
CA GLY A 43 -11.47 6.09 -3.18
C GLY A 43 -11.07 6.36 -1.73
N LEU A 44 -11.30 5.44 -0.84
CA LEU A 44 -10.92 5.66 0.58
C LEU A 44 -9.43 5.36 0.77
N HIS A 45 -8.82 5.88 1.80
CA HIS A 45 -7.38 5.61 2.02
C HIS A 45 -7.22 4.32 2.85
N TYR A 46 -6.02 3.94 3.18
CA TYR A 46 -5.85 2.69 3.97
C TYR A 46 -5.11 2.97 5.28
N ASN A 47 -5.49 2.32 6.34
CA ASN A 47 -4.81 2.54 7.65
C ASN A 47 -3.95 1.32 8.00
N ALA A 48 -2.66 1.50 8.10
CA ALA A 48 -1.78 0.35 8.45
C ALA A 48 -2.11 -0.17 9.85
N TYR A 49 -2.44 0.71 10.76
CA TYR A 49 -2.77 0.26 12.14
C TYR A 49 -4.08 -0.55 12.14
N LEU A 50 -4.75 -0.60 11.02
CA LEU A 50 -6.03 -1.37 10.95
C LEU A 50 -6.08 -2.20 9.67
N LYS A 51 -4.99 -2.28 8.95
CA LYS A 51 -4.95 -3.06 7.69
C LYS A 51 -6.28 -2.93 6.93
N VAL A 52 -6.92 -1.78 7.01
CA VAL A 52 -8.20 -1.59 6.29
C VAL A 52 -8.24 -0.21 5.65
N CYS A 53 -9.32 0.15 5.01
CA CYS A 53 -9.39 1.48 4.37
C CYS A 53 -9.77 2.56 5.41
N ASP A 54 -9.80 3.79 4.99
CA ASP A 54 -10.15 4.88 5.95
C ASP A 54 -10.11 6.23 5.21
N TRP A 55 -11.07 7.08 5.46
CA TRP A 55 -11.09 8.40 4.77
C TRP A 55 -9.67 8.99 4.72
N PRO A 56 -9.48 9.89 3.79
CA PRO A 56 -8.15 10.53 3.62
C PRO A 56 -7.87 11.49 4.77
N SER A 57 -8.87 11.82 5.54
CA SER A 57 -8.67 12.75 6.69
C SER A 57 -8.24 11.98 7.93
N LYS A 58 -7.82 10.75 7.76
CA LYS A 58 -7.38 9.94 8.94
C LYS A 58 -6.22 9.02 8.55
N ALA A 59 -6.44 8.14 7.62
CA ALA A 59 -5.33 7.23 7.20
C ALA A 59 -4.07 8.01 6.87
N GLY A 60 -4.07 8.75 5.80
CA GLY A 60 -2.86 9.55 5.44
C GLY A 60 -1.71 8.59 5.10
N CYS A 61 -1.25 8.61 3.89
CA CYS A 61 -0.13 7.70 3.49
C CYS A 61 1.15 8.51 3.28
N THR A 62 2.24 8.06 3.84
CA THR A 62 3.53 8.79 3.66
C THR A 62 4.31 8.18 2.49
N SER A 63 3.65 7.88 1.41
CA SER A 63 4.35 7.29 0.24
C SER A 63 4.72 8.37 -0.78
N VAL A 64 5.77 8.17 -1.52
CA VAL A 64 6.17 9.19 -2.52
C VAL A 64 4.95 9.64 -3.34
N ASN A 65 3.96 8.80 -3.45
CA ASN A 65 2.75 9.18 -4.22
C ASN A 65 1.61 9.56 -3.27
N LYS A 66 1.07 10.73 -3.42
CA LYS A 66 -0.04 11.17 -2.51
C LYS A 66 -1.21 11.72 -3.35
N GLU A 67 -1.48 11.11 -4.48
CA GLU A 67 -2.60 11.61 -5.33
C GLU A 67 -3.42 10.43 -5.85
N CYS A 68 -4.28 9.89 -5.04
CA CYS A 68 -5.13 8.74 -5.49
C CYS A 68 -5.64 9.01 -6.90
N HIS A 69 -5.99 10.24 -7.20
CA HIS A 69 -6.51 10.57 -8.55
C HIS A 69 -5.69 9.85 -9.62
N LEU A 70 -4.43 10.14 -9.74
CA LEU A 70 -3.60 9.47 -10.77
C LEU A 70 -2.11 9.59 -10.42
N TRP A 71 -1.52 8.55 -9.90
CA TRP A 71 -0.07 8.62 -9.56
C TRP A 71 0.77 8.30 -10.79
N LYS A 72 0.16 8.25 -11.94
CA LYS A 72 0.93 7.95 -13.19
C LYS A 72 1.51 6.53 -13.12
N THR A 73 2.47 6.31 -12.27
CA THR A 73 3.07 4.95 -12.17
C THR A 73 2.90 4.41 -10.75
N TYR A 1 16.26 -18.50 0.20
CA TYR A 1 15.10 -18.26 -0.71
C TYR A 1 14.88 -16.76 -0.88
N LEU A 2 15.01 -16.01 0.18
CA LEU A 2 14.80 -14.53 0.08
C LEU A 2 13.38 -14.21 -0.41
N ALA A 3 12.70 -13.34 0.26
CA ALA A 3 11.31 -12.98 -0.17
C ALA A 3 11.32 -11.80 -1.13
N PHE A 4 12.06 -10.76 -0.81
CA PHE A 4 12.10 -9.56 -1.70
C PHE A 4 12.56 -9.95 -3.11
N ARG A 5 13.14 -9.03 -3.83
CA ARG A 5 13.59 -9.30 -5.24
C ARG A 5 12.40 -9.37 -6.18
N CYS A 6 11.21 -9.12 -5.71
CA CYS A 6 10.02 -9.15 -6.60
C CYS A 6 9.66 -7.73 -7.04
N GLY A 7 10.39 -6.75 -6.58
CA GLY A 7 10.09 -5.33 -6.96
C GLY A 7 8.99 -4.78 -6.05
N ARG A 8 8.00 -4.16 -6.62
CA ARG A 8 6.88 -3.61 -5.79
C ARG A 8 5.98 -4.76 -5.31
N TYR A 9 6.33 -5.97 -5.64
CA TYR A 9 5.50 -7.13 -5.21
C TYR A 9 6.11 -7.82 -3.98
N SER A 10 7.19 -7.29 -3.46
CA SER A 10 7.82 -7.91 -2.26
C SER A 10 8.72 -6.91 -1.54
N PRO A 11 8.19 -5.75 -1.28
CA PRO A 11 8.94 -4.70 -0.57
C PRO A 11 8.97 -5.01 0.93
N CYS A 12 8.44 -6.14 1.33
CA CYS A 12 8.42 -6.47 2.78
C CYS A 12 9.41 -7.60 3.09
N LEU A 13 9.58 -7.91 4.35
CA LEU A 13 10.51 -9.00 4.73
C LEU A 13 9.71 -10.14 5.40
N ASP A 14 8.49 -9.85 5.79
CA ASP A 14 7.66 -10.89 6.44
C ASP A 14 6.41 -11.16 5.58
N ASP A 15 5.24 -11.15 6.18
CA ASP A 15 4.01 -11.41 5.37
C ASP A 15 2.81 -10.67 6.01
N GLY A 16 2.93 -9.39 6.21
CA GLY A 16 1.80 -8.63 6.81
C GLY A 16 1.46 -7.43 5.91
N PRO A 17 0.28 -6.93 6.08
CA PRO A 17 -0.17 -5.76 5.27
C PRO A 17 0.55 -4.49 5.72
N ASN A 18 1.36 -3.92 4.87
CA ASN A 18 2.09 -2.67 5.25
C ASN A 18 1.60 -1.50 4.40
N VAL A 19 1.64 -0.31 4.95
CA VAL A 19 1.17 0.88 4.18
C VAL A 19 2.19 1.25 3.10
N ASN A 20 1.72 1.70 1.96
CA ASN A 20 2.67 2.09 0.88
C ASN A 20 3.09 3.55 1.05
N LEU A 21 4.26 3.90 0.61
CA LEU A 21 4.73 5.31 0.75
C LEU A 21 4.86 5.98 -0.62
N TYR A 22 4.35 5.36 -1.64
CA TYR A 22 4.46 5.96 -3.00
C TYR A 22 3.12 5.86 -3.74
N SER A 23 2.07 5.54 -3.03
CA SER A 23 0.73 5.42 -3.69
C SER A 23 -0.38 5.52 -2.63
N CYS A 24 -0.78 6.71 -2.28
CA CYS A 24 -1.86 6.86 -1.26
C CYS A 24 -3.19 6.33 -1.80
N CYS A 25 -3.23 5.08 -2.15
CA CYS A 25 -4.49 4.49 -2.68
C CYS A 25 -4.60 3.04 -2.22
N SER A 26 -3.57 2.27 -2.41
CA SER A 26 -3.61 0.84 -1.98
C SER A 26 -2.36 0.54 -1.15
N PHE A 27 -2.52 -0.15 -0.05
CA PHE A 27 -1.33 -0.46 0.79
C PHE A 27 -0.67 -1.76 0.31
N TYR A 28 0.58 -1.95 0.63
CA TYR A 28 1.28 -3.18 0.16
C TYR A 28 0.92 -4.40 1.01
N ASN A 29 0.18 -5.32 0.47
CA ASN A 29 -0.17 -6.55 1.24
C ASN A 29 0.98 -7.54 1.12
N CYS A 30 1.81 -7.63 2.12
CA CYS A 30 2.99 -8.55 2.04
C CYS A 30 2.57 -10.01 2.27
N HIS A 31 2.98 -10.88 1.39
CA HIS A 31 2.63 -12.32 1.53
C HIS A 31 3.61 -13.18 0.72
N LYS A 32 4.81 -13.38 1.22
CA LYS A 32 5.81 -14.21 0.48
C LYS A 32 6.02 -13.65 -0.92
N CYS A 33 6.80 -12.60 -1.05
CA CYS A 33 7.03 -12.01 -2.39
C CYS A 33 5.70 -11.61 -3.05
N LEU A 34 4.63 -11.58 -2.29
CA LEU A 34 3.32 -11.19 -2.87
C LEU A 34 2.84 -9.88 -2.26
N ALA A 35 3.33 -8.77 -2.76
CA ALA A 35 2.90 -7.47 -2.20
C ALA A 35 1.75 -6.90 -3.03
N ARG A 36 0.57 -7.43 -2.88
CA ARG A 36 -0.59 -6.92 -3.67
C ARG A 36 -1.11 -5.64 -3.04
N LEU A 37 -1.29 -4.62 -3.83
CA LEU A 37 -1.80 -3.33 -3.27
C LEU A 37 -3.32 -3.40 -3.07
N GLU A 38 -3.78 -3.36 -1.85
CA GLU A 38 -5.24 -3.41 -1.61
C GLU A 38 -5.86 -2.02 -1.78
N ASN A 39 -6.70 -1.86 -2.75
CA ASN A 39 -7.34 -0.52 -2.99
C ASN A 39 -8.39 -0.23 -1.92
N CYS A 40 -9.16 0.81 -2.12
CA CYS A 40 -10.22 1.16 -1.12
C CYS A 40 -11.55 1.39 -1.84
N PRO A 41 -12.59 1.43 -1.05
CA PRO A 41 -13.95 1.64 -1.61
C PRO A 41 -14.14 3.09 -2.07
N LYS A 42 -14.53 3.28 -3.29
CA LYS A 42 -14.75 4.67 -3.82
C LYS A 42 -13.42 5.40 -3.99
N GLY A 43 -12.83 5.83 -2.91
CA GLY A 43 -11.54 6.55 -3.01
C GLY A 43 -10.96 6.73 -1.61
N LEU A 44 -11.24 5.79 -0.74
CA LEU A 44 -10.73 5.89 0.65
C LEU A 44 -9.25 5.47 0.70
N HIS A 45 -8.56 5.80 1.75
CA HIS A 45 -7.13 5.41 1.86
C HIS A 45 -7.01 4.13 2.70
N TYR A 46 -5.81 3.71 2.98
CA TYR A 46 -5.65 2.46 3.79
C TYR A 46 -5.40 2.79 5.26
N ASN A 47 -5.62 1.84 6.13
CA ASN A 47 -5.39 2.08 7.59
C ASN A 47 -4.48 0.97 8.15
N ALA A 48 -3.19 1.15 8.08
CA ALA A 48 -2.27 0.11 8.60
C ALA A 48 -2.62 -0.27 10.04
N TYR A 49 -3.36 0.57 10.72
CA TYR A 49 -3.74 0.25 12.12
C TYR A 49 -4.84 -0.82 12.15
N LEU A 50 -5.65 -0.87 11.13
CA LEU A 50 -6.73 -1.90 11.10
C LEU A 50 -6.69 -2.69 9.79
N LYS A 51 -5.54 -2.76 9.17
CA LYS A 51 -5.41 -3.51 7.89
C LYS A 51 -6.66 -3.32 7.02
N VAL A 52 -7.18 -2.12 6.97
CA VAL A 52 -8.40 -1.86 6.14
C VAL A 52 -8.31 -0.49 5.49
N CYS A 53 -9.35 -0.05 4.82
CA CYS A 53 -9.30 1.29 4.17
C CYS A 53 -10.06 2.31 5.02
N ASP A 54 -9.77 3.57 4.84
CA ASP A 54 -10.47 4.61 5.65
C ASP A 54 -10.21 6.00 5.05
N TRP A 55 -11.00 6.96 5.43
CA TRP A 55 -10.81 8.35 4.88
C TRP A 55 -9.32 8.70 4.86
N PRO A 56 -9.01 9.75 4.15
CA PRO A 56 -7.60 10.20 4.04
C PRO A 56 -7.12 10.77 5.38
N SER A 57 -8.02 11.27 6.17
CA SER A 57 -7.62 11.84 7.49
C SER A 57 -7.49 10.71 8.53
N LYS A 58 -8.41 9.78 8.52
CA LYS A 58 -8.33 8.67 9.50
C LYS A 58 -7.11 7.78 9.21
N ALA A 59 -6.86 7.50 7.96
CA ALA A 59 -5.69 6.65 7.61
C ALA A 59 -4.39 7.44 7.80
N GLY A 60 -4.22 8.50 7.06
CA GLY A 60 -2.98 9.32 7.20
C GLY A 60 -1.86 8.69 6.38
N CYS A 61 -1.99 8.68 5.07
CA CYS A 61 -0.93 8.08 4.22
C CYS A 61 -0.03 9.19 3.65
N THR A 62 1.27 9.05 3.81
CA THR A 62 2.19 10.10 3.29
C THR A 62 2.97 9.55 2.08
N SER A 63 2.29 9.27 1.01
CA SER A 63 2.99 8.73 -0.19
C SER A 63 3.25 9.86 -1.19
N VAL A 64 4.48 10.01 -1.63
CA VAL A 64 4.80 11.09 -2.61
C VAL A 64 3.78 11.09 -3.75
N ASN A 65 3.13 9.98 -3.98
CA ASN A 65 2.12 9.91 -5.08
C ASN A 65 0.71 9.98 -4.50
N LYS A 66 0.17 11.15 -4.38
CA LYS A 66 -1.21 11.28 -3.83
C LYS A 66 -2.24 10.97 -4.92
N GLU A 67 -2.02 11.48 -6.10
CA GLU A 67 -2.98 11.22 -7.22
C GLU A 67 -2.71 9.83 -7.80
N CYS A 68 -3.37 8.83 -7.31
CA CYS A 68 -3.15 7.45 -7.83
C CYS A 68 -4.48 6.85 -8.31
N HIS A 69 -4.91 5.74 -7.77
CA HIS A 69 -6.20 5.13 -8.24
C HIS A 69 -6.05 4.64 -9.68
N LEU A 70 -5.73 5.52 -10.59
CA LEU A 70 -5.57 5.11 -12.01
C LEU A 70 -4.10 5.10 -12.41
N TRP A 71 -3.41 4.03 -12.18
CA TRP A 71 -1.96 3.96 -12.55
C TRP A 71 -1.72 2.86 -13.58
N LYS A 72 -2.53 1.82 -13.56
CA LYS A 72 -2.36 0.72 -14.54
C LYS A 72 -0.89 0.24 -14.56
N THR A 73 -0.60 -0.77 -15.33
CA THR A 73 0.80 -1.27 -15.39
C THR A 73 1.70 -0.26 -16.12
N TYR A 1 17.76 -6.92 7.58
CA TYR A 1 18.53 -7.03 6.31
C TYR A 1 17.60 -6.82 5.11
N LEU A 2 18.14 -6.79 3.92
CA LEU A 2 17.29 -6.59 2.72
C LEU A 2 16.26 -7.71 2.61
N ALA A 3 15.17 -7.61 3.32
CA ALA A 3 14.13 -8.68 3.25
C ALA A 3 13.17 -8.41 2.09
N PHE A 4 13.51 -7.50 1.21
CA PHE A 4 12.62 -7.20 0.07
C PHE A 4 13.41 -7.20 -1.24
N ARG A 5 13.17 -8.17 -2.09
CA ARG A 5 13.92 -8.23 -3.37
C ARG A 5 12.95 -8.31 -4.55
N CYS A 6 11.70 -8.02 -4.33
CA CYS A 6 10.71 -8.09 -5.45
C CYS A 6 10.25 -6.67 -5.82
N GLY A 7 10.89 -5.66 -5.28
CA GLY A 7 10.48 -4.26 -5.61
C GLY A 7 9.12 -3.97 -4.96
N ARG A 8 8.23 -3.34 -5.69
CA ARG A 8 6.89 -3.03 -5.12
C ARG A 8 6.16 -4.33 -4.78
N TYR A 9 6.68 -5.44 -5.22
CA TYR A 9 6.02 -6.75 -4.94
C TYR A 9 6.44 -7.28 -3.57
N SER A 10 7.47 -6.72 -2.99
CA SER A 10 7.92 -7.20 -1.65
C SER A 10 8.54 -6.05 -0.83
N PRO A 11 7.83 -4.96 -0.81
CA PRO A 11 8.30 -3.77 -0.04
C PRO A 11 8.12 -3.99 1.47
N CYS A 12 7.63 -5.15 1.85
CA CYS A 12 7.42 -5.43 3.29
C CYS A 12 8.21 -6.68 3.71
N LEU A 13 8.25 -6.97 4.99
CA LEU A 13 9.01 -8.16 5.46
C LEU A 13 8.08 -9.14 6.20
N ASP A 14 7.03 -8.64 6.79
CA ASP A 14 6.10 -9.55 7.53
C ASP A 14 5.11 -10.21 6.56
N ASP A 15 5.34 -10.07 5.29
CA ASP A 15 4.44 -10.68 4.27
C ASP A 15 2.96 -10.54 4.69
N GLY A 16 2.64 -9.56 5.49
CA GLY A 16 1.23 -9.35 5.90
C GLY A 16 0.71 -8.08 5.22
N PRO A 17 -0.30 -7.48 5.80
CA PRO A 17 -0.85 -6.25 5.22
C PRO A 17 0.05 -5.05 5.60
N ASN A 18 0.93 -4.66 4.72
CA ASN A 18 1.83 -3.52 5.04
C ASN A 18 1.38 -2.22 4.35
N VAL A 19 1.60 -1.11 4.99
CA VAL A 19 1.19 0.19 4.38
C VAL A 19 1.95 0.43 3.08
N ASN A 20 1.44 1.28 2.23
CA ASN A 20 2.13 1.57 0.94
C ASN A 20 2.73 2.97 0.96
N LEU A 21 4.01 3.09 0.77
CA LEU A 21 4.66 4.44 0.78
C LEU A 21 4.89 4.95 -0.65
N TYR A 22 4.27 4.32 -1.61
CA TYR A 22 4.44 4.78 -3.01
C TYR A 22 3.09 5.03 -3.67
N SER A 23 2.06 5.16 -2.88
CA SER A 23 0.70 5.41 -3.44
C SER A 23 -0.22 5.97 -2.34
N CYS A 24 -1.39 6.42 -2.71
CA CYS A 24 -2.33 6.99 -1.70
C CYS A 24 -3.76 6.49 -1.96
N CYS A 25 -3.89 5.30 -2.48
CA CYS A 25 -5.25 4.76 -2.76
C CYS A 25 -5.33 3.29 -2.32
N SER A 26 -4.35 2.51 -2.67
CA SER A 26 -4.36 1.07 -2.28
C SER A 26 -3.14 0.75 -1.41
N PHE A 27 -3.32 0.07 -0.32
CA PHE A 27 -2.17 -0.27 0.56
C PHE A 27 -1.43 -1.49 0.00
N TYR A 28 -0.32 -1.86 0.59
CA TYR A 28 0.44 -3.02 0.07
C TYR A 28 0.16 -4.30 0.86
N ASN A 29 0.23 -5.42 0.19
CA ASN A 29 -0.01 -6.73 0.87
C ASN A 29 1.14 -7.68 0.51
N CYS A 30 2.12 -7.79 1.36
CA CYS A 30 3.28 -8.69 1.04
C CYS A 30 2.94 -10.16 1.25
N HIS A 31 3.57 -11.02 0.49
CA HIS A 31 3.32 -12.49 0.61
C HIS A 31 4.51 -13.24 -0.02
N LYS A 32 5.54 -13.48 0.73
CA LYS A 32 6.75 -14.18 0.17
C LYS A 32 7.52 -13.24 -0.76
N CYS A 33 6.96 -12.93 -1.90
CA CYS A 33 7.66 -12.01 -2.84
C CYS A 33 6.64 -11.29 -3.72
N LEU A 34 5.40 -11.29 -3.32
CA LEU A 34 4.36 -10.60 -4.13
C LEU A 34 3.58 -9.62 -3.26
N ALA A 35 3.48 -8.38 -3.69
CA ALA A 35 2.73 -7.37 -2.88
C ALA A 35 1.34 -7.14 -3.49
N ARG A 36 0.33 -7.70 -2.89
CA ARG A 36 -1.05 -7.50 -3.44
C ARG A 36 -1.58 -6.14 -3.01
N LEU A 37 -1.83 -5.26 -3.95
CA LEU A 37 -2.35 -3.91 -3.61
C LEU A 37 -3.86 -3.95 -3.47
N GLU A 38 -4.39 -3.53 -2.34
CA GLU A 38 -5.86 -3.54 -2.15
C GLU A 38 -6.42 -2.11 -2.24
N ASN A 39 -7.53 -1.94 -2.89
CA ASN A 39 -8.12 -0.58 -3.01
C ASN A 39 -9.25 -0.37 -1.99
N CYS A 40 -9.51 0.85 -1.63
CA CYS A 40 -10.60 1.13 -0.64
C CYS A 40 -11.96 0.83 -1.27
N PRO A 41 -12.97 0.77 -0.43
CA PRO A 41 -14.35 0.49 -0.91
C PRO A 41 -14.94 1.69 -1.65
N LYS A 42 -14.17 2.72 -1.81
CA LYS A 42 -14.68 3.93 -2.52
C LYS A 42 -13.59 5.01 -2.57
N GLY A 43 -13.85 6.17 -2.01
CA GLY A 43 -12.81 7.23 -2.03
C GLY A 43 -12.13 7.31 -0.66
N LEU A 44 -11.78 6.18 -0.09
CA LEU A 44 -11.13 6.20 1.25
C LEU A 44 -9.63 5.91 1.10
N HIS A 45 -8.89 6.00 2.16
CA HIS A 45 -7.43 5.73 2.08
C HIS A 45 -7.12 4.38 2.75
N TYR A 46 -5.88 4.06 2.94
CA TYR A 46 -5.56 2.76 3.59
C TYR A 46 -5.07 2.98 5.03
N ASN A 47 -5.29 2.02 5.88
CA ASN A 47 -4.85 2.16 7.31
C ASN A 47 -4.00 0.95 7.71
N ALA A 48 -2.74 1.16 7.99
CA ALA A 48 -1.86 0.03 8.38
C ALA A 48 -2.00 -0.27 9.87
N TYR A 49 -2.99 0.28 10.51
CA TYR A 49 -3.18 0.02 11.97
C TYR A 49 -4.31 -0.98 12.19
N LEU A 50 -5.18 -1.13 11.22
CA LEU A 50 -6.30 -2.11 11.38
C LEU A 50 -6.47 -2.93 10.10
N LYS A 51 -5.55 -2.80 9.18
CA LYS A 51 -5.65 -3.59 7.91
C LYS A 51 -6.97 -3.25 7.19
N VAL A 52 -7.28 -1.98 7.08
CA VAL A 52 -8.54 -1.59 6.38
C VAL A 52 -8.41 -0.16 5.86
N CYS A 53 -9.22 0.21 4.91
CA CYS A 53 -9.14 1.59 4.37
C CYS A 53 -9.87 2.57 5.28
N ASP A 54 -9.36 3.77 5.41
CA ASP A 54 -10.02 4.76 6.31
C ASP A 54 -9.95 6.16 5.66
N TRP A 55 -10.79 7.06 6.07
CA TRP A 55 -10.77 8.42 5.48
C TRP A 55 -9.33 8.91 5.33
N PRO A 56 -9.16 9.94 4.55
CA PRO A 56 -7.81 10.50 4.31
C PRO A 56 -7.30 11.21 5.57
N SER A 57 -8.19 11.58 6.46
CA SER A 57 -7.75 12.27 7.70
C SER A 57 -7.44 11.24 8.79
N LYS A 58 -7.54 9.97 8.48
CA LYS A 58 -7.25 8.93 9.50
C LYS A 58 -6.11 8.03 9.03
N ALA A 59 -6.19 7.53 7.83
CA ALA A 59 -5.11 6.65 7.31
C ALA A 59 -3.77 7.38 7.32
N GLY A 60 -3.44 8.07 6.26
CA GLY A 60 -2.15 8.81 6.22
C GLY A 60 -1.90 9.31 4.79
N CYS A 61 -1.70 8.42 3.86
CA CYS A 61 -1.44 8.84 2.45
C CYS A 61 -0.26 9.82 2.41
N THR A 62 0.93 9.33 2.62
CA THR A 62 2.12 10.23 2.59
C THR A 62 3.19 9.63 1.67
N SER A 63 2.81 8.73 0.80
CA SER A 63 3.80 8.11 -0.12
C SER A 63 4.33 9.16 -1.10
N VAL A 64 5.36 8.83 -1.84
CA VAL A 64 5.92 9.82 -2.81
C VAL A 64 4.95 10.00 -3.99
N ASN A 65 3.92 9.20 -4.05
CA ASN A 65 2.95 9.33 -5.17
C ASN A 65 1.53 9.50 -4.62
N LYS A 66 1.08 10.72 -4.49
CA LYS A 66 -0.30 10.95 -3.96
C LYS A 66 -1.31 10.97 -5.11
N GLU A 67 -1.06 10.24 -6.15
CA GLU A 67 -2.01 10.21 -7.30
C GLU A 67 -2.39 8.76 -7.65
N CYS A 68 -1.49 7.85 -7.47
CA CYS A 68 -1.77 6.41 -7.77
C CYS A 68 -2.58 6.26 -9.07
N HIS A 69 -3.05 5.07 -9.34
CA HIS A 69 -3.84 4.82 -10.58
C HIS A 69 -3.15 5.47 -11.80
N LEU A 70 -1.87 5.70 -11.73
CA LEU A 70 -1.16 6.31 -12.89
C LEU A 70 -0.01 5.42 -13.35
N TRP A 71 -0.07 4.15 -13.04
CA TRP A 71 1.02 3.22 -13.46
C TRP A 71 0.48 2.13 -14.38
N LYS A 72 -0.71 2.32 -14.89
CA LYS A 72 -1.30 1.29 -15.81
C LYS A 72 -1.51 -0.03 -15.06
N THR A 73 -0.45 -0.70 -14.72
CA THR A 73 -0.59 -2.00 -13.99
C THR A 73 0.75 -2.39 -13.34
N TYR A 1 19.93 -2.47 1.06
CA TYR A 1 20.19 -3.90 1.39
C TYR A 1 18.87 -4.67 1.45
N LEU A 2 17.81 -4.11 0.95
CA LEU A 2 16.50 -4.82 0.98
C LEU A 2 16.68 -6.29 0.59
N ALA A 3 16.25 -7.19 1.43
CA ALA A 3 16.41 -8.63 1.12
C ALA A 3 15.18 -9.14 0.35
N PHE A 4 14.46 -8.26 -0.30
CA PHE A 4 13.26 -8.70 -1.06
C PHE A 4 13.57 -8.72 -2.55
N ARG A 5 14.15 -7.68 -3.06
CA ARG A 5 14.49 -7.62 -4.52
C ARG A 5 13.35 -8.22 -5.35
N CYS A 6 12.14 -8.15 -4.86
CA CYS A 6 10.99 -8.71 -5.62
C CYS A 6 10.31 -7.61 -6.44
N GLY A 7 10.57 -6.36 -6.11
CA GLY A 7 9.95 -5.24 -6.88
C GLY A 7 8.95 -4.50 -6.00
N ARG A 8 8.35 -3.46 -6.51
CA ARG A 8 7.36 -2.69 -5.70
C ARG A 8 6.35 -3.64 -5.05
N TYR A 9 6.21 -4.82 -5.60
CA TYR A 9 5.26 -5.80 -5.02
C TYR A 9 5.87 -6.48 -3.79
N SER A 10 7.02 -6.01 -3.36
CA SER A 10 7.64 -6.64 -2.16
C SER A 10 8.10 -5.58 -1.16
N PRO A 11 7.18 -4.72 -0.79
CA PRO A 11 7.49 -3.66 0.20
C PRO A 11 7.35 -4.22 1.61
N CYS A 12 7.49 -5.52 1.77
CA CYS A 12 7.33 -6.12 3.12
C CYS A 12 8.57 -6.89 3.54
N LEU A 13 8.56 -7.42 4.74
CA LEU A 13 9.71 -8.21 5.24
C LEU A 13 9.24 -9.64 5.51
N ASP A 14 7.94 -9.84 5.58
CA ASP A 14 7.40 -11.20 5.84
C ASP A 14 6.02 -11.35 5.18
N ASP A 15 5.06 -11.89 5.89
CA ASP A 15 3.70 -12.04 5.29
C ASP A 15 2.68 -11.23 6.08
N GLY A 16 1.67 -10.72 5.43
CA GLY A 16 0.63 -9.91 6.15
C GLY A 16 0.35 -8.62 5.38
N PRO A 17 -0.54 -7.84 5.93
CA PRO A 17 -0.92 -6.56 5.30
C PRO A 17 0.09 -5.45 5.67
N ASN A 18 0.34 -4.54 4.76
CA ASN A 18 1.32 -3.44 5.06
C ASN A 18 0.92 -2.15 4.32
N VAL A 19 1.33 -1.01 4.84
CA VAL A 19 0.97 0.28 4.18
C VAL A 19 1.90 0.56 3.00
N ASN A 20 1.62 1.60 2.25
CA ASN A 20 2.49 1.95 1.08
C ASN A 20 2.90 3.42 1.16
N LEU A 21 4.14 3.71 0.84
CA LEU A 21 4.61 5.13 0.89
C LEU A 21 4.89 5.65 -0.52
N TYR A 22 4.24 5.09 -1.51
CA TYR A 22 4.48 5.54 -2.91
C TYR A 22 3.15 5.68 -3.64
N SER A 23 2.05 5.54 -2.93
CA SER A 23 0.72 5.67 -3.57
C SER A 23 -0.37 5.76 -2.51
N CYS A 24 -0.86 6.96 -2.25
CA CYS A 24 -1.92 7.12 -1.21
C CYS A 24 -3.27 6.64 -1.76
N CYS A 25 -3.32 5.43 -2.26
CA CYS A 25 -4.60 4.89 -2.79
C CYS A 25 -4.70 3.39 -2.48
N SER A 26 -3.61 2.69 -2.55
CA SER A 26 -3.64 1.23 -2.24
C SER A 26 -2.43 0.86 -1.39
N PHE A 27 -2.61 -0.01 -0.43
CA PHE A 27 -1.45 -0.40 0.44
C PHE A 27 -0.81 -1.68 -0.10
N TYR A 28 -0.09 -2.40 0.73
CA TYR A 28 0.58 -3.64 0.21
C TYR A 28 0.21 -4.89 1.02
N ASN A 29 -0.44 -5.83 0.39
CA ASN A 29 -0.76 -7.11 1.10
C ASN A 29 0.44 -8.03 0.89
N CYS A 30 1.15 -8.35 1.92
CA CYS A 30 2.39 -9.19 1.74
C CYS A 30 2.07 -10.68 1.56
N HIS A 31 2.80 -11.33 0.69
CA HIS A 31 2.59 -12.79 0.45
C HIS A 31 3.84 -13.38 -0.23
N LYS A 32 4.62 -14.14 0.50
CA LYS A 32 5.87 -14.76 -0.07
C LYS A 32 6.49 -13.87 -1.16
N CYS A 33 7.33 -12.94 -0.77
CA CYS A 33 7.98 -12.04 -1.77
C CYS A 33 6.98 -11.64 -2.85
N LEU A 34 5.72 -11.63 -2.53
CA LEU A 34 4.69 -11.25 -3.53
C LEU A 34 3.61 -10.42 -2.85
N ALA A 35 3.66 -9.12 -3.00
CA ALA A 35 2.64 -8.26 -2.35
C ALA A 35 1.81 -7.53 -3.41
N ARG A 36 0.51 -7.64 -3.35
CA ARG A 36 -0.33 -6.94 -4.35
C ARG A 36 -0.93 -5.67 -3.72
N LEU A 37 -1.06 -4.62 -4.49
CA LEU A 37 -1.64 -3.37 -3.93
C LEU A 37 -3.16 -3.47 -3.88
N GLU A 38 -3.74 -3.19 -2.74
CA GLU A 38 -5.22 -3.27 -2.62
C GLU A 38 -5.83 -1.87 -2.56
N ASN A 39 -6.93 -1.65 -3.24
CA ASN A 39 -7.56 -0.30 -3.22
C ASN A 39 -8.72 -0.28 -2.22
N CYS A 40 -8.85 0.79 -1.48
CA CYS A 40 -9.96 0.89 -0.49
C CYS A 40 -11.28 1.16 -1.22
N PRO A 41 -12.36 0.98 -0.51
CA PRO A 41 -13.70 1.20 -1.08
C PRO A 41 -13.97 2.70 -1.27
N LYS A 42 -14.44 3.09 -2.43
CA LYS A 42 -14.73 4.53 -2.68
C LYS A 42 -13.43 5.34 -2.66
N GLY A 43 -12.45 4.93 -3.41
CA GLY A 43 -11.16 5.68 -3.44
C GLY A 43 -10.76 6.07 -2.01
N LEU A 44 -10.64 5.11 -1.14
CA LEU A 44 -10.26 5.43 0.27
C LEU A 44 -8.78 5.11 0.50
N HIS A 45 -8.25 5.52 1.62
CA HIS A 45 -6.81 5.24 1.90
C HIS A 45 -6.69 4.07 2.88
N TYR A 46 -5.54 3.44 2.95
CA TYR A 46 -5.39 2.30 3.88
C TYR A 46 -4.82 2.76 5.22
N ASN A 47 -5.29 2.20 6.30
CA ASN A 47 -4.77 2.61 7.63
C ASN A 47 -3.76 1.59 8.14
N ALA A 48 -2.52 1.97 8.26
CA ALA A 48 -1.48 1.03 8.75
C ALA A 48 -1.63 0.81 10.26
N TYR A 49 -2.55 1.49 10.87
CA TYR A 49 -2.76 1.32 12.34
C TYR A 49 -3.84 0.29 12.61
N LEU A 50 -4.68 0.02 11.64
CA LEU A 50 -5.77 -0.97 11.84
C LEU A 50 -5.75 -2.01 10.71
N LYS A 51 -4.77 -1.94 9.84
CA LYS A 51 -4.71 -2.92 8.72
C LYS A 51 -6.02 -2.90 7.93
N VAL A 52 -6.59 -1.74 7.72
CA VAL A 52 -7.86 -1.66 6.96
C VAL A 52 -7.85 -0.43 6.04
N CYS A 53 -9.00 0.01 5.62
CA CYS A 53 -9.06 1.20 4.72
C CYS A 53 -10.02 2.25 5.30
N ASP A 54 -9.75 3.51 5.04
CA ASP A 54 -10.63 4.59 5.57
C ASP A 54 -10.32 5.92 4.87
N TRP A 55 -11.13 6.92 5.09
CA TRP A 55 -10.88 8.24 4.43
C TRP A 55 -9.40 8.61 4.55
N PRO A 56 -9.01 9.58 3.76
CA PRO A 56 -7.61 10.04 3.75
C PRO A 56 -7.31 10.85 5.02
N SER A 57 -8.30 11.42 5.63
CA SER A 57 -8.08 12.22 6.86
C SER A 57 -7.97 11.30 8.07
N LYS A 58 -8.69 10.21 8.08
CA LYS A 58 -8.63 9.27 9.23
C LYS A 58 -7.43 8.32 9.07
N ALA A 59 -7.28 7.73 7.91
CA ALA A 59 -6.14 6.80 7.70
C ALA A 59 -4.82 7.53 7.92
N GLY A 60 -4.49 8.45 7.04
CA GLY A 60 -3.21 9.20 7.20
C GLY A 60 -2.10 8.51 6.40
N CYS A 61 -1.89 8.93 5.18
CA CYS A 61 -0.82 8.29 4.35
C CYS A 61 0.19 9.34 3.89
N THR A 62 1.43 8.96 3.73
CA THR A 62 2.45 9.94 3.29
C THR A 62 3.31 9.35 2.16
N SER A 63 2.70 9.00 1.07
CA SER A 63 3.47 8.41 -0.06
C SER A 63 3.86 9.51 -1.06
N VAL A 64 4.85 9.27 -1.88
CA VAL A 64 5.26 10.31 -2.87
C VAL A 64 4.18 10.49 -3.93
N ASN A 65 3.42 9.46 -4.21
CA ASN A 65 2.35 9.58 -5.23
C ASN A 65 1.00 9.84 -4.56
N LYS A 66 0.61 11.08 -4.45
CA LYS A 66 -0.70 11.40 -3.80
C LYS A 66 -1.83 11.33 -4.83
N GLU A 67 -1.62 10.64 -5.91
CA GLU A 67 -2.69 10.54 -6.96
C GLU A 67 -3.12 9.09 -7.11
N CYS A 68 -4.37 8.86 -7.43
CA CYS A 68 -4.86 7.46 -7.60
C CYS A 68 -5.22 7.20 -9.08
N HIS A 69 -4.33 7.53 -9.98
CA HIS A 69 -4.62 7.30 -11.42
C HIS A 69 -3.34 6.95 -12.18
N LEU A 70 -2.96 5.71 -12.20
CA LEU A 70 -1.72 5.31 -12.93
C LEU A 70 -1.81 3.85 -13.38
N TRP A 71 -0.90 3.42 -14.22
CA TRP A 71 -0.92 2.01 -14.71
C TRP A 71 -2.37 1.53 -14.92
N LYS A 72 -2.57 0.24 -14.92
CA LYS A 72 -3.96 -0.29 -15.13
C LYS A 72 -4.17 -1.55 -14.29
N THR A 73 -5.20 -1.57 -13.49
CA THR A 73 -5.46 -2.77 -12.65
C THR A 73 -6.22 -3.82 -13.45
N TYR A 1 18.49 -2.89 9.08
CA TYR A 1 18.92 -3.02 7.65
C TYR A 1 17.70 -3.11 6.73
N LEU A 2 17.80 -3.84 5.66
CA LEU A 2 16.65 -3.98 4.73
C LEU A 2 16.23 -5.44 4.61
N ALA A 3 15.22 -5.84 5.34
CA ALA A 3 14.76 -7.26 5.27
C ALA A 3 14.03 -7.51 3.96
N PHE A 4 13.24 -6.57 3.51
CA PHE A 4 12.51 -6.77 2.22
C PHE A 4 13.03 -5.78 1.17
N ARG A 5 13.51 -6.28 0.06
CA ARG A 5 14.03 -5.37 -1.00
C ARG A 5 13.58 -5.84 -2.39
N CYS A 6 12.40 -6.40 -2.48
CA CYS A 6 11.91 -6.87 -3.81
C CYS A 6 11.38 -5.68 -4.63
N GLY A 7 10.77 -4.72 -3.98
CA GLY A 7 10.24 -3.53 -4.71
C GLY A 7 8.78 -3.30 -4.32
N ARG A 8 8.10 -2.41 -4.99
CA ARG A 8 6.67 -2.15 -4.65
C ARG A 8 5.87 -3.44 -4.76
N TYR A 9 6.42 -4.43 -5.41
CA TYR A 9 5.68 -5.73 -5.53
C TYR A 9 5.82 -6.55 -4.25
N SER A 10 6.62 -6.08 -3.33
CA SER A 10 6.79 -6.82 -2.05
C SER A 10 7.36 -5.88 -0.97
N PRO A 11 6.64 -4.82 -0.73
CA PRO A 11 7.04 -3.81 0.27
C PRO A 11 6.86 -4.35 1.69
N CYS A 12 6.41 -5.56 1.83
CA CYS A 12 6.20 -6.14 3.19
C CYS A 12 7.54 -6.62 3.77
N LEU A 13 7.47 -7.51 4.73
CA LEU A 13 8.72 -8.04 5.35
C LEU A 13 8.48 -9.45 5.92
N ASP A 14 7.34 -10.04 5.62
CA ASP A 14 7.06 -11.41 6.13
C ASP A 14 5.95 -12.05 5.28
N ASP A 15 4.74 -11.60 5.45
CA ASP A 15 3.62 -12.18 4.65
C ASP A 15 2.28 -11.60 5.12
N GLY A 16 2.28 -10.35 5.51
CA GLY A 16 1.01 -9.72 5.97
C GLY A 16 0.78 -8.41 5.22
N PRO A 17 -0.36 -7.82 5.46
CA PRO A 17 -0.72 -6.55 4.78
C PRO A 17 0.11 -5.40 5.38
N ASN A 18 1.01 -4.84 4.62
CA ASN A 18 1.86 -3.74 5.14
C ASN A 18 1.31 -2.37 4.70
N VAL A 19 2.09 -1.34 4.85
CA VAL A 19 1.63 0.02 4.44
C VAL A 19 2.26 0.41 3.11
N ASN A 20 1.59 1.25 2.34
CA ASN A 20 2.16 1.67 1.03
C ASN A 20 2.52 3.16 1.07
N LEU A 21 3.78 3.47 1.10
CA LEU A 21 4.22 4.90 1.13
C LEU A 21 4.50 5.37 -0.28
N TYR A 22 3.81 4.81 -1.24
CA TYR A 22 4.02 5.18 -2.66
C TYR A 22 2.67 5.48 -3.33
N SER A 23 1.60 5.37 -2.58
CA SER A 23 0.25 5.64 -3.16
C SER A 23 -0.71 6.09 -2.06
N CYS A 24 -1.84 6.63 -2.42
CA CYS A 24 -2.82 7.10 -1.39
C CYS A 24 -4.20 6.51 -1.68
N CYS A 25 -4.30 5.22 -1.79
CA CYS A 25 -5.62 4.59 -2.07
C CYS A 25 -5.59 3.10 -1.70
N SER A 26 -4.48 2.45 -1.88
CA SER A 26 -4.40 1.00 -1.54
C SER A 26 -3.14 0.69 -0.74
N PHE A 27 -3.12 -0.40 -0.01
CA PHE A 27 -1.90 -0.75 0.76
C PHE A 27 -1.21 -1.95 0.12
N TYR A 28 -0.32 -2.59 0.83
CA TYR A 28 0.40 -3.74 0.22
C TYR A 28 0.13 -5.06 0.94
N ASN A 29 -0.05 -6.11 0.19
CA ASN A 29 -0.25 -7.46 0.79
C ASN A 29 1.08 -8.21 0.64
N CYS A 30 1.28 -9.30 1.32
CA CYS A 30 2.61 -9.96 1.17
C CYS A 30 2.52 -11.48 0.97
N HIS A 31 3.33 -11.99 0.08
CA HIS A 31 3.38 -13.46 -0.18
C HIS A 31 4.70 -13.77 -0.87
N LYS A 32 5.74 -14.01 -0.11
CA LYS A 32 7.09 -14.28 -0.70
C LYS A 32 7.68 -12.96 -1.19
N CYS A 33 8.30 -12.96 -2.34
CA CYS A 33 8.88 -11.68 -2.87
C CYS A 33 7.81 -10.93 -3.67
N LEU A 34 6.56 -11.22 -3.42
CA LEU A 34 5.48 -10.52 -4.17
C LEU A 34 4.47 -9.91 -3.20
N ALA A 35 3.49 -9.21 -3.71
CA ALA A 35 2.47 -8.59 -2.82
C ALA A 35 1.21 -8.27 -3.63
N ARG A 36 0.25 -7.65 -3.01
CA ARG A 36 -1.00 -7.30 -3.74
C ARG A 36 -1.59 -6.00 -3.20
N LEU A 37 -1.74 -5.01 -4.03
CA LEU A 37 -2.30 -3.72 -3.54
C LEU A 37 -3.82 -3.81 -3.44
N GLU A 38 -4.36 -3.48 -2.29
CA GLU A 38 -5.84 -3.55 -2.11
C GLU A 38 -6.43 -2.14 -2.11
N ASN A 39 -7.54 -1.95 -2.79
CA ASN A 39 -8.16 -0.60 -2.83
C ASN A 39 -9.28 -0.49 -1.78
N CYS A 40 -9.64 0.70 -1.41
CA CYS A 40 -10.72 0.88 -0.40
C CYS A 40 -11.99 1.40 -1.09
N PRO A 41 -13.08 1.32 -0.38
CA PRO A 41 -14.38 1.78 -0.93
C PRO A 41 -14.43 3.30 -1.00
N LYS A 42 -15.07 3.84 -2.00
CA LYS A 42 -15.16 5.33 -2.12
C LYS A 42 -13.76 5.93 -2.21
N GLY A 43 -12.92 5.41 -3.07
CA GLY A 43 -11.54 5.95 -3.20
C GLY A 43 -10.96 6.23 -1.82
N LEU A 44 -11.23 5.37 -0.87
CA LEU A 44 -10.69 5.59 0.50
C LEU A 44 -9.23 5.13 0.57
N HIS A 45 -8.57 5.39 1.67
CA HIS A 45 -7.15 4.96 1.79
C HIS A 45 -7.07 3.73 2.70
N TYR A 46 -5.89 3.22 2.93
CA TYR A 46 -5.76 2.03 3.80
C TYR A 46 -5.01 2.38 5.09
N ASN A 47 -5.64 2.23 6.22
CA ASN A 47 -4.95 2.56 7.50
C ASN A 47 -4.02 1.41 7.90
N ALA A 48 -2.75 1.58 7.72
CA ALA A 48 -1.78 0.50 8.09
C ALA A 48 -1.85 0.23 9.60
N TYR A 49 -2.33 1.17 10.36
CA TYR A 49 -2.41 0.96 11.83
C TYR A 49 -3.57 0.02 12.17
N LEU A 50 -4.28 -0.45 11.18
CA LEU A 50 -5.41 -1.37 11.45
C LEU A 50 -5.63 -2.33 10.28
N LYS A 51 -4.68 -2.40 9.38
CA LYS A 51 -4.84 -3.32 8.21
C LYS A 51 -6.24 -3.16 7.60
N VAL A 52 -6.80 -1.99 7.69
CA VAL A 52 -8.16 -1.78 7.11
C VAL A 52 -8.17 -0.54 6.21
N CYS A 53 -9.32 0.04 5.98
CA CYS A 53 -9.39 1.24 5.10
C CYS A 53 -9.85 2.45 5.90
N ASP A 54 -9.64 3.63 5.38
CA ASP A 54 -10.06 4.87 6.10
C ASP A 54 -9.76 6.10 5.24
N TRP A 55 -10.59 7.10 5.31
CA TRP A 55 -10.35 8.33 4.50
C TRP A 55 -8.86 8.70 4.55
N PRO A 56 -8.41 9.28 3.47
CA PRO A 56 -6.98 9.69 3.39
C PRO A 56 -6.72 10.91 4.28
N SER A 57 -7.73 11.42 4.92
CA SER A 57 -7.55 12.60 5.82
C SER A 57 -6.84 12.17 7.11
N LYS A 58 -7.07 10.96 7.55
CA LYS A 58 -6.43 10.48 8.80
C LYS A 58 -5.56 9.25 8.51
N ALA A 59 -5.88 8.54 7.47
CA ALA A 59 -5.08 7.32 7.13
C ALA A 59 -3.62 7.72 6.87
N GLY A 60 -3.37 8.98 6.66
CA GLY A 60 -1.97 9.42 6.42
C GLY A 60 -1.78 9.72 4.92
N CYS A 61 -1.58 8.71 4.13
CA CYS A 61 -1.39 8.92 2.67
C CYS A 61 -0.13 9.77 2.43
N THR A 62 0.88 9.59 3.22
CA THR A 62 2.13 10.38 3.02
C THR A 62 3.05 9.67 2.01
N SER A 63 2.48 9.07 1.00
CA SER A 63 3.30 8.36 -0.01
C SER A 63 3.76 9.34 -1.08
N VAL A 64 4.98 9.21 -1.55
CA VAL A 64 5.48 10.14 -2.61
C VAL A 64 4.41 10.35 -3.67
N ASN A 65 3.58 9.36 -3.88
CA ASN A 65 2.50 9.51 -4.91
C ASN A 65 1.16 9.82 -4.22
N LYS A 66 0.45 10.80 -4.70
CA LYS A 66 -0.85 11.14 -4.06
C LYS A 66 -2.00 10.91 -5.05
N GLU A 67 -1.75 10.19 -6.11
CA GLU A 67 -2.83 9.94 -7.11
C GLU A 67 -2.96 8.44 -7.38
N CYS A 68 -2.09 7.65 -6.84
CA CYS A 68 -2.18 6.17 -7.07
C CYS A 68 -2.23 5.88 -8.58
N HIS A 69 -3.40 5.84 -9.14
CA HIS A 69 -3.53 5.55 -10.59
C HIS A 69 -2.76 6.60 -11.41
N LEU A 70 -1.46 6.46 -11.50
CA LEU A 70 -0.67 7.46 -12.28
C LEU A 70 0.46 6.76 -13.05
N TRP A 71 0.28 5.51 -13.37
CA TRP A 71 1.34 4.78 -14.14
C TRP A 71 0.82 4.34 -15.50
N LYS A 72 1.08 5.10 -16.52
CA LYS A 72 0.60 4.74 -17.89
C LYS A 72 -0.81 4.16 -17.82
N THR A 73 -1.23 3.48 -18.86
CA THR A 73 -2.60 2.89 -18.85
C THR A 73 -2.52 1.37 -18.70
N TYR A 1 14.45 2.27 1.16
CA TYR A 1 15.33 1.06 1.18
C TYR A 1 14.67 -0.08 0.42
N LEU A 2 15.45 -0.96 -0.15
CA LEU A 2 14.87 -2.10 -0.91
C LEU A 2 15.44 -3.43 -0.40
N ALA A 3 15.00 -3.85 0.76
CA ALA A 3 15.51 -5.14 1.32
C ALA A 3 14.63 -6.31 0.84
N PHE A 4 14.63 -6.58 -0.43
CA PHE A 4 13.80 -7.70 -0.97
C PHE A 4 13.78 -7.69 -2.49
N ARG A 5 13.90 -6.52 -3.08
CA ARG A 5 13.90 -6.42 -4.56
C ARG A 5 12.87 -7.37 -5.18
N CYS A 6 11.81 -7.67 -4.47
CA CYS A 6 10.77 -8.58 -5.04
C CYS A 6 9.78 -7.80 -5.89
N GLY A 7 10.06 -6.55 -6.16
CA GLY A 7 9.13 -5.73 -7.00
C GLY A 7 8.37 -4.74 -6.10
N ARG A 8 7.70 -3.80 -6.69
CA ARG A 8 6.93 -2.80 -5.88
C ARG A 8 6.06 -3.54 -4.86
N TYR A 9 5.77 -4.79 -5.12
CA TYR A 9 4.93 -5.57 -4.17
C TYR A 9 5.79 -6.16 -3.06
N SER A 10 6.96 -5.63 -2.86
CA SER A 10 7.85 -6.17 -1.78
C SER A 10 8.15 -5.11 -0.72
N PRO A 11 7.13 -4.37 -0.34
CA PRO A 11 7.30 -3.34 0.71
C PRO A 11 7.38 -4.01 2.08
N CYS A 12 7.39 -5.32 2.11
CA CYS A 12 7.46 -6.03 3.43
C CYS A 12 8.61 -7.03 3.41
N LEU A 13 8.63 -7.94 4.35
CA LEU A 13 9.73 -8.96 4.41
C LEU A 13 9.15 -10.33 4.72
N ASP A 14 7.84 -10.45 4.79
CA ASP A 14 7.23 -11.78 5.10
C ASP A 14 5.76 -11.78 4.65
N ASP A 15 4.85 -11.56 5.55
CA ASP A 15 3.40 -11.56 5.17
C ASP A 15 2.67 -10.41 5.87
N GLY A 16 1.38 -10.52 6.02
CA GLY A 16 0.61 -9.44 6.69
C GLY A 16 0.59 -8.19 5.82
N PRO A 17 -0.48 -7.46 5.92
CA PRO A 17 -0.63 -6.21 5.12
C PRO A 17 0.29 -5.11 5.67
N ASN A 18 0.96 -4.39 4.81
CA ASN A 18 1.88 -3.30 5.29
C ASN A 18 1.42 -1.94 4.76
N VAL A 19 2.15 -0.91 5.09
CA VAL A 19 1.79 0.45 4.60
C VAL A 19 2.46 0.75 3.26
N ASN A 20 1.90 1.64 2.48
CA ASN A 20 2.51 1.97 1.16
C ASN A 20 3.18 3.35 1.23
N LEU A 21 4.34 3.49 0.65
CA LEU A 21 5.03 4.81 0.67
C LEU A 21 5.17 5.35 -0.75
N TYR A 22 4.34 4.89 -1.65
CA TYR A 22 4.42 5.37 -3.05
C TYR A 22 3.03 5.40 -3.68
N SER A 23 2.00 5.48 -2.87
CA SER A 23 0.61 5.51 -3.42
C SER A 23 -0.37 5.98 -2.35
N CYS A 24 -1.15 6.99 -2.63
CA CYS A 24 -2.12 7.49 -1.62
C CYS A 24 -3.53 6.96 -1.90
N CYS A 25 -3.64 5.87 -2.62
CA CYS A 25 -4.98 5.31 -2.92
C CYS A 25 -4.93 3.78 -2.90
N SER A 26 -3.84 3.20 -2.47
CA SER A 26 -3.74 1.72 -2.42
C SER A 26 -2.63 1.29 -1.45
N PHE A 27 -2.96 0.46 -0.50
CA PHE A 27 -1.93 0.00 0.47
C PHE A 27 -1.27 -1.29 -0.06
N TYR A 28 -0.51 -1.97 0.75
CA TYR A 28 0.16 -3.21 0.25
C TYR A 28 -0.26 -4.44 1.04
N ASN A 29 -0.64 -5.49 0.36
CA ASN A 29 -1.00 -6.76 1.05
C ASN A 29 0.15 -7.74 0.84
N CYS A 30 0.93 -7.99 1.85
CA CYS A 30 2.11 -8.90 1.67
C CYS A 30 1.71 -10.37 1.69
N HIS A 31 2.37 -11.17 0.89
CA HIS A 31 2.07 -12.63 0.84
C HIS A 31 3.24 -13.39 0.22
N LYS A 32 4.22 -13.74 1.02
CA LYS A 32 5.40 -14.49 0.48
C LYS A 32 6.02 -13.73 -0.70
N CYS A 33 6.86 -12.77 -0.43
CA CYS A 33 7.50 -11.98 -1.53
C CYS A 33 6.50 -11.71 -2.65
N LEU A 34 5.24 -11.66 -2.34
CA LEU A 34 4.21 -11.39 -3.37
C LEU A 34 3.13 -10.50 -2.78
N ALA A 35 3.14 -9.24 -3.08
CA ALA A 35 2.12 -8.33 -2.50
C ALA A 35 1.21 -7.75 -3.60
N ARG A 36 0.12 -7.16 -3.21
CA ARG A 36 -0.81 -6.57 -4.20
C ARG A 36 -1.35 -5.24 -3.66
N LEU A 37 -1.38 -4.22 -4.47
CA LEU A 37 -1.88 -2.90 -3.99
C LEU A 37 -3.41 -2.88 -3.97
N GLU A 38 -3.99 -2.82 -2.81
CA GLU A 38 -5.49 -2.79 -2.71
C GLU A 38 -5.97 -1.35 -2.65
N ASN A 39 -6.82 -0.96 -3.56
CA ASN A 39 -7.33 0.44 -3.56
C ASN A 39 -8.55 0.58 -2.66
N CYS A 40 -8.45 0.12 -1.44
CA CYS A 40 -9.61 0.24 -0.51
C CYS A 40 -10.86 -0.38 -1.13
N PRO A 41 -11.87 -0.56 -0.31
CA PRO A 41 -13.14 -1.16 -0.80
C PRO A 41 -13.94 -0.15 -1.62
N LYS A 42 -13.40 1.02 -1.82
CA LYS A 42 -14.12 2.05 -2.62
C LYS A 42 -13.25 3.30 -2.77
N GLY A 43 -13.66 4.42 -2.19
CA GLY A 43 -12.83 5.64 -2.31
C GLY A 43 -12.23 5.97 -0.94
N LEU A 44 -11.70 4.99 -0.26
CA LEU A 44 -11.10 5.23 1.08
C LEU A 44 -9.57 5.25 0.98
N HIS A 45 -8.91 5.52 2.07
CA HIS A 45 -7.42 5.55 2.06
C HIS A 45 -6.88 4.26 2.69
N TYR A 46 -5.59 4.14 2.81
CA TYR A 46 -5.01 2.90 3.42
C TYR A 46 -4.67 3.13 4.90
N ASN A 47 -4.82 2.11 5.70
CA ASN A 47 -4.50 2.25 7.15
C ASN A 47 -3.46 1.19 7.55
N ALA A 48 -2.32 1.60 8.03
CA ALA A 48 -1.26 0.63 8.41
C ALA A 48 -1.42 0.19 9.87
N TYR A 49 -2.21 0.87 10.64
CA TYR A 49 -2.38 0.47 12.07
C TYR A 49 -3.70 -0.29 12.24
N LEU A 50 -4.37 -0.57 11.16
CA LEU A 50 -5.66 -1.32 11.25
C LEU A 50 -5.69 -2.42 10.19
N LYS A 51 -4.62 -2.58 9.46
CA LYS A 51 -4.58 -3.64 8.42
C LYS A 51 -5.76 -3.49 7.45
N VAL A 52 -6.17 -2.28 7.19
CA VAL A 52 -7.32 -2.07 6.25
C VAL A 52 -7.29 -0.65 5.67
N CYS A 53 -8.32 -0.27 4.97
CA CYS A 53 -8.35 1.10 4.38
C CYS A 53 -9.24 2.00 5.25
N ASP A 54 -9.19 3.29 5.02
CA ASP A 54 -10.05 4.21 5.84
C ASP A 54 -10.06 5.61 5.22
N TRP A 55 -11.03 6.40 5.55
CA TRP A 55 -11.10 7.78 4.99
C TRP A 55 -9.70 8.41 4.96
N PRO A 56 -9.57 9.43 4.15
CA PRO A 56 -8.28 10.15 4.02
C PRO A 56 -7.99 10.97 5.27
N SER A 57 -9.01 11.33 6.00
CA SER A 57 -8.79 12.14 7.24
C SER A 57 -8.36 11.24 8.40
N LYS A 58 -8.71 9.98 8.35
CA LYS A 58 -8.32 9.06 9.45
C LYS A 58 -7.06 8.27 9.06
N ALA A 59 -7.07 7.68 7.89
CA ALA A 59 -5.87 6.90 7.44
C ALA A 59 -4.75 7.85 7.00
N GLY A 60 -5.01 9.13 6.99
CA GLY A 60 -3.95 10.10 6.57
C GLY A 60 -3.24 9.57 5.33
N CYS A 61 -2.08 10.09 5.03
CA CYS A 61 -1.35 9.61 3.83
C CYS A 61 -0.04 10.40 3.65
N THR A 62 1.03 9.73 3.34
CA THR A 62 2.33 10.45 3.15
C THR A 62 3.28 9.63 2.29
N SER A 63 2.90 9.34 1.07
CA SER A 63 3.78 8.53 0.19
C SER A 63 4.32 9.41 -0.95
N VAL A 64 5.54 9.21 -1.35
CA VAL A 64 6.12 10.04 -2.45
C VAL A 64 5.10 10.18 -3.58
N ASN A 65 4.21 9.24 -3.71
CA ASN A 65 3.19 9.32 -4.80
C ASN A 65 1.85 9.78 -4.23
N LYS A 66 1.36 10.90 -4.69
CA LYS A 66 0.05 11.40 -4.19
C LYS A 66 -0.89 11.69 -5.35
N GLU A 67 -0.66 11.09 -6.49
CA GLU A 67 -1.54 11.34 -7.66
C GLU A 67 -2.33 10.06 -8.01
N CYS A 68 -1.75 8.91 -7.76
CA CYS A 68 -2.46 7.64 -8.07
C CYS A 68 -2.72 7.53 -9.58
N HIS A 69 -3.10 6.37 -10.03
CA HIS A 69 -3.38 6.18 -11.49
C HIS A 69 -2.37 6.95 -12.34
N LEU A 70 -1.11 6.81 -12.05
CA LEU A 70 -0.07 7.54 -12.84
C LEU A 70 1.28 6.85 -12.69
N TRP A 71 2.35 7.62 -12.76
CA TRP A 71 3.74 7.05 -12.62
C TRP A 71 3.97 5.86 -13.56
N LYS A 72 5.15 5.75 -14.11
CA LYS A 72 5.47 4.62 -15.02
C LYS A 72 4.55 4.65 -16.25
N THR A 73 3.29 4.34 -16.09
CA THR A 73 2.35 4.35 -17.24
C THR A 73 3.03 3.76 -18.48
N TYR A 1 15.31 3.05 0.90
CA TYR A 1 16.00 1.78 1.26
C TYR A 1 15.27 0.59 0.64
N LEU A 2 15.98 -0.48 0.36
CA LEU A 2 15.32 -1.67 -0.25
C LEU A 2 16.23 -2.89 -0.12
N ALA A 3 16.19 -3.56 1.00
CA ALA A 3 17.05 -4.76 1.17
C ALA A 3 16.29 -6.01 0.73
N PHE A 4 15.02 -5.89 0.48
CA PHE A 4 14.22 -7.07 0.05
C PHE A 4 14.69 -7.54 -1.34
N ARG A 5 13.80 -7.60 -2.30
CA ARG A 5 14.22 -8.04 -3.67
C ARG A 5 13.02 -8.01 -4.61
N CYS A 6 11.83 -8.22 -4.11
CA CYS A 6 10.63 -8.20 -4.99
C CYS A 6 10.19 -6.76 -5.28
N GLY A 7 10.99 -5.80 -4.89
CA GLY A 7 10.64 -4.37 -5.16
C GLY A 7 9.32 -4.02 -4.47
N ARG A 8 8.50 -3.22 -5.10
CA ARG A 8 7.19 -2.85 -4.48
C ARG A 8 6.35 -4.11 -4.24
N TYR A 9 6.76 -5.22 -4.80
CA TYR A 9 5.99 -6.47 -4.60
C TYR A 9 6.37 -7.12 -3.26
N SER A 10 7.17 -6.45 -2.47
CA SER A 10 7.57 -7.02 -1.15
C SER A 10 8.08 -5.92 -0.22
N PRO A 11 7.25 -4.93 -0.01
CA PRO A 11 7.62 -3.80 0.88
C PRO A 11 7.50 -4.23 2.34
N CYS A 12 7.16 -5.47 2.58
CA CYS A 12 7.02 -5.96 3.98
C CYS A 12 8.27 -6.74 4.40
N LEU A 13 8.15 -7.55 5.42
CA LEU A 13 9.31 -8.36 5.87
C LEU A 13 8.89 -9.82 6.03
N ASP A 14 7.64 -10.12 5.79
CA ASP A 14 7.15 -11.52 5.92
C ASP A 14 5.86 -11.71 5.13
N ASP A 15 4.87 -10.93 5.44
CA ASP A 15 3.56 -11.04 4.72
C ASP A 15 2.52 -10.11 5.37
N GLY A 16 1.29 -10.25 4.99
CA GLY A 16 0.23 -9.37 5.58
C GLY A 16 0.25 -8.00 4.90
N PRO A 17 -0.85 -7.31 5.02
CA PRO A 17 -0.97 -5.96 4.41
C PRO A 17 -0.13 -4.95 5.20
N ASN A 18 0.36 -3.93 4.53
CA ASN A 18 1.18 -2.90 5.25
C ASN A 18 0.92 -1.52 4.67
N VAL A 19 1.62 -0.52 5.14
CA VAL A 19 1.42 0.86 4.62
C VAL A 19 2.20 1.05 3.32
N ASN A 20 1.80 1.99 2.50
CA ASN A 20 2.53 2.22 1.23
C ASN A 20 3.12 3.63 1.20
N LEU A 21 4.40 3.75 0.98
CA LEU A 21 5.02 5.10 0.96
C LEU A 21 5.25 5.56 -0.48
N TYR A 22 4.68 4.85 -1.43
CA TYR A 22 4.85 5.24 -2.85
C TYR A 22 3.48 5.29 -3.53
N SER A 23 2.43 5.44 -2.76
CA SER A 23 1.07 5.51 -3.34
C SER A 23 0.16 6.37 -2.46
N CYS A 24 -1.04 5.95 -2.21
CA CYS A 24 -1.97 6.75 -1.36
C CYS A 24 -3.34 6.07 -1.25
N CYS A 25 -3.97 5.82 -2.35
CA CYS A 25 -5.31 5.16 -2.31
C CYS A 25 -5.15 3.64 -2.16
N SER A 26 -4.03 3.10 -2.55
CA SER A 26 -3.84 1.63 -2.44
C SER A 26 -2.66 1.30 -1.52
N PHE A 27 -2.82 0.31 -0.66
CA PHE A 27 -1.71 -0.07 0.25
C PHE A 27 -1.01 -1.30 -0.31
N TYR A 28 -0.10 -1.89 0.43
CA TYR A 28 0.61 -3.10 -0.09
C TYR A 28 0.12 -4.38 0.58
N ASN A 29 -0.25 -5.36 -0.19
CA ASN A 29 -0.70 -6.66 0.40
C ASN A 29 0.42 -7.69 0.20
N CYS A 30 1.27 -7.87 1.18
CA CYS A 30 2.41 -8.81 1.02
C CYS A 30 1.99 -10.27 1.18
N HIS A 31 2.31 -11.08 0.20
CA HIS A 31 1.98 -12.53 0.28
C HIS A 31 2.84 -13.29 -0.73
N LYS A 32 3.84 -14.00 -0.26
CA LYS A 32 4.73 -14.76 -1.20
C LYS A 32 5.45 -13.79 -2.13
N CYS A 33 6.36 -13.01 -1.61
CA CYS A 33 7.11 -12.03 -2.47
C CYS A 33 6.15 -11.36 -3.45
N LEU A 34 4.90 -11.29 -3.13
CA LEU A 34 3.93 -10.63 -4.05
C LEU A 34 3.13 -9.58 -3.28
N ALA A 35 3.55 -8.35 -3.33
CA ALA A 35 2.81 -7.29 -2.60
C ALA A 35 1.80 -6.61 -3.53
N ARG A 36 0.59 -7.12 -3.58
CA ARG A 36 -0.43 -6.49 -4.46
C ARG A 36 -0.99 -5.26 -3.75
N LEU A 37 -1.60 -4.36 -4.48
CA LEU A 37 -2.14 -3.15 -3.82
C LEU A 37 -3.67 -3.19 -3.77
N GLU A 38 -4.25 -2.57 -2.77
CA GLU A 38 -5.74 -2.56 -2.66
C GLU A 38 -6.23 -1.11 -2.56
N ASN A 39 -6.92 -0.63 -3.56
CA ASN A 39 -7.41 0.78 -3.52
C ASN A 39 -8.63 0.91 -2.61
N CYS A 40 -8.53 0.44 -1.39
CA CYS A 40 -9.68 0.56 -0.45
C CYS A 40 -10.96 -0.01 -1.09
N PRO A 41 -11.96 -0.19 -0.27
CA PRO A 41 -13.25 -0.73 -0.74
C PRO A 41 -14.04 0.33 -1.53
N LYS A 42 -13.45 1.46 -1.77
CA LYS A 42 -14.18 2.52 -2.53
C LYS A 42 -13.31 3.79 -2.61
N GLY A 43 -13.71 4.86 -1.96
CA GLY A 43 -12.90 6.11 -2.01
C GLY A 43 -12.25 6.34 -0.65
N LEU A 44 -11.75 5.30 -0.03
CA LEU A 44 -11.10 5.46 1.30
C LEU A 44 -9.58 5.41 1.15
N HIS A 45 -8.88 5.50 2.25
CA HIS A 45 -7.39 5.44 2.18
C HIS A 45 -6.89 4.18 2.90
N TYR A 46 -5.61 3.94 2.93
CA TYR A 46 -5.11 2.73 3.63
C TYR A 46 -4.76 3.04 5.09
N ASN A 47 -5.03 2.13 5.98
CA ASN A 47 -4.72 2.36 7.42
C ASN A 47 -3.86 1.22 7.94
N ALA A 48 -2.56 1.28 7.74
CA ALA A 48 -1.68 0.19 8.23
C ALA A 48 -1.91 -0.07 9.72
N TYR A 49 -2.48 0.89 10.42
CA TYR A 49 -2.73 0.68 11.87
C TYR A 49 -3.82 -0.37 12.07
N LEU A 50 -4.70 -0.53 11.11
CA LEU A 50 -5.79 -1.54 11.24
C LEU A 50 -5.80 -2.45 10.02
N LYS A 51 -4.66 -2.64 9.39
CA LYS A 51 -4.59 -3.53 8.18
C LYS A 51 -5.83 -3.33 7.30
N VAL A 52 -6.42 -2.16 7.34
CA VAL A 52 -7.63 -1.91 6.50
C VAL A 52 -7.60 -0.48 5.96
N CYS A 53 -8.48 -0.17 5.04
CA CYS A 53 -8.49 1.22 4.48
C CYS A 53 -9.36 2.13 5.34
N ASP A 54 -8.97 3.37 5.50
CA ASP A 54 -9.76 4.31 6.32
C ASP A 54 -9.75 5.70 5.67
N TRP A 55 -10.68 6.54 6.03
CA TRP A 55 -10.71 7.91 5.44
C TRP A 55 -9.30 8.49 5.39
N PRO A 56 -9.13 9.49 4.57
CA PRO A 56 -7.81 10.15 4.41
C PRO A 56 -7.46 10.97 5.65
N SER A 57 -8.35 11.01 6.62
CA SER A 57 -8.07 11.80 7.85
C SER A 57 -7.32 10.94 8.87
N LYS A 58 -7.78 9.75 9.12
CA LYS A 58 -7.10 8.86 10.11
C LYS A 58 -6.18 7.88 9.39
N ALA A 59 -6.06 7.99 8.10
CA ALA A 59 -5.17 7.05 7.36
C ALA A 59 -3.92 7.78 6.85
N GLY A 60 -4.09 8.74 5.97
CA GLY A 60 -2.90 9.48 5.45
C GLY A 60 -2.90 9.44 3.92
N CYS A 61 -1.76 9.62 3.31
CA CYS A 61 -1.64 9.58 1.80
C CYS A 61 -0.37 10.29 1.32
N THR A 62 0.38 10.92 2.20
CA THR A 62 1.61 11.62 1.75
C THR A 62 2.72 10.59 1.56
N SER A 63 2.48 9.59 0.76
CA SER A 63 3.51 8.55 0.51
C SER A 63 4.23 8.81 -0.81
N VAL A 64 4.74 9.99 -1.00
CA VAL A 64 5.46 10.33 -2.26
C VAL A 64 4.48 10.36 -3.45
N ASN A 65 3.73 9.31 -3.65
CA ASN A 65 2.78 9.30 -4.80
C ASN A 65 1.35 9.61 -4.32
N LYS A 66 0.52 10.12 -5.19
CA LYS A 66 -0.87 10.45 -4.79
C LYS A 66 -1.85 10.07 -5.92
N GLU A 67 -1.36 9.42 -6.94
CA GLU A 67 -2.27 9.02 -8.06
C GLU A 67 -2.66 7.55 -7.94
N CYS A 68 -2.21 6.90 -6.88
CA CYS A 68 -2.56 5.45 -6.66
C CYS A 68 -2.71 4.70 -7.98
N HIS A 69 -3.90 4.66 -8.53
CA HIS A 69 -4.14 3.92 -9.81
C HIS A 69 -2.91 3.99 -10.74
N LEU A 70 -2.21 5.08 -10.74
CA LEU A 70 -1.01 5.17 -11.64
C LEU A 70 -0.07 6.28 -11.16
N TRP A 71 1.21 6.07 -11.29
CA TRP A 71 2.19 7.11 -10.83
C TRP A 71 3.24 7.38 -11.92
N LYS A 72 4.25 8.12 -11.60
CA LYS A 72 5.32 8.41 -12.61
C LYS A 72 5.71 7.13 -13.36
N THR A 73 6.19 6.15 -12.66
CA THR A 73 6.60 4.88 -13.34
C THR A 73 7.63 5.18 -14.44
N TYR A 1 15.62 -14.49 -10.07
CA TYR A 1 14.96 -13.15 -9.92
C TYR A 1 15.71 -12.31 -8.87
N LEU A 2 15.14 -11.20 -8.48
CA LEU A 2 15.81 -10.35 -7.46
C LEU A 2 16.03 -11.12 -6.16
N ALA A 3 16.01 -10.46 -5.04
CA ALA A 3 16.22 -11.15 -3.74
C ALA A 3 15.06 -12.10 -3.44
N PHE A 4 13.86 -11.66 -3.69
CA PHE A 4 12.68 -12.53 -3.42
C PHE A 4 11.71 -12.48 -4.59
N ARG A 5 12.07 -11.79 -5.65
CA ARG A 5 11.16 -11.68 -6.82
C ARG A 5 9.95 -10.83 -6.47
N CYS A 6 10.13 -9.85 -5.63
CA CYS A 6 8.99 -8.97 -5.24
C CYS A 6 8.82 -7.82 -6.24
N GLY A 7 9.79 -6.95 -6.34
CA GLY A 7 9.67 -5.80 -7.29
C GLY A 7 9.05 -4.61 -6.56
N ARG A 8 8.39 -3.73 -7.25
CA ARG A 8 7.75 -2.57 -6.55
C ARG A 8 7.00 -3.11 -5.32
N TYR A 9 6.61 -4.35 -5.38
CA TYR A 9 5.88 -4.97 -4.23
C TYR A 9 6.88 -5.53 -3.21
N SER A 10 7.93 -4.82 -2.92
CA SER A 10 8.91 -5.34 -1.92
C SER A 10 8.92 -4.52 -0.61
N PRO A 11 7.83 -3.88 -0.29
CA PRO A 11 7.77 -3.09 0.96
C PRO A 11 7.52 -4.02 2.15
N CYS A 12 7.47 -5.30 1.90
CA CYS A 12 7.19 -6.25 3.02
C CYS A 12 8.17 -7.44 3.01
N LEU A 13 8.35 -8.04 4.15
CA LEU A 13 9.26 -9.22 4.24
C LEU A 13 8.48 -10.41 4.81
N ASP A 14 7.25 -10.18 5.23
CA ASP A 14 6.44 -11.30 5.80
C ASP A 14 5.03 -11.29 5.19
N ASP A 15 4.02 -11.49 6.00
CA ASP A 15 2.63 -11.48 5.45
C ASP A 15 1.83 -10.31 6.03
N GLY A 16 0.53 -10.42 6.08
CA GLY A 16 -0.30 -9.32 6.62
C GLY A 16 -0.12 -8.06 5.77
N PRO A 17 -1.10 -7.20 5.81
CA PRO A 17 -1.04 -5.94 5.03
C PRO A 17 -0.03 -4.97 5.65
N ASN A 18 0.50 -4.07 4.86
CA ASN A 18 1.50 -3.10 5.42
C ASN A 18 1.30 -1.72 4.79
N VAL A 19 1.77 -0.69 5.44
CA VAL A 19 1.61 0.68 4.87
C VAL A 19 2.41 0.82 3.58
N ASN A 20 2.12 1.81 2.78
CA ASN A 20 2.87 1.98 1.50
C ASN A 20 3.56 3.35 1.48
N LEU A 21 4.70 3.44 0.85
CA LEU A 21 5.42 4.75 0.78
C LEU A 21 5.40 5.28 -0.65
N TYR A 22 4.83 4.55 -1.56
CA TYR A 22 4.79 5.02 -2.98
C TYR A 22 3.38 4.83 -3.55
N SER A 23 2.38 4.80 -2.70
CA SER A 23 0.99 4.61 -3.20
C SER A 23 -0.02 5.13 -2.15
N CYS A 24 -0.26 6.41 -2.14
CA CYS A 24 -1.23 6.98 -1.15
C CYS A 24 -2.64 6.48 -1.42
N CYS A 25 -2.92 6.02 -2.61
CA CYS A 25 -4.28 5.51 -2.91
C CYS A 25 -4.32 3.99 -2.83
N SER A 26 -3.27 3.38 -2.34
CA SER A 26 -3.27 1.89 -2.24
C SER A 26 -2.21 1.42 -1.23
N PHE A 27 -2.49 0.36 -0.50
CA PHE A 27 -1.50 -0.16 0.48
C PHE A 27 -0.91 -1.47 -0.05
N TYR A 28 0.19 -1.92 0.49
CA TYR A 28 0.80 -3.18 0.00
C TYR A 28 0.28 -4.40 0.76
N ASN A 29 -0.27 -5.36 0.06
CA ASN A 29 -0.76 -6.59 0.75
C ASN A 29 0.37 -7.62 0.74
N CYS A 30 0.94 -7.92 1.87
CA CYS A 30 2.08 -8.88 1.90
C CYS A 30 1.59 -10.32 1.80
N HIS A 31 1.93 -10.99 0.73
CA HIS A 31 1.51 -12.42 0.56
C HIS A 31 2.60 -13.19 -0.18
N LYS A 32 3.61 -13.65 0.51
CA LYS A 32 4.70 -14.40 -0.16
C LYS A 32 5.43 -13.49 -1.15
N CYS A 33 6.10 -12.48 -0.66
CA CYS A 33 6.82 -11.56 -1.58
C CYS A 33 5.83 -10.93 -2.58
N LEU A 34 4.57 -11.05 -2.33
CA LEU A 34 3.57 -10.49 -3.27
C LEU A 34 2.86 -9.29 -2.62
N ALA A 35 3.47 -8.13 -2.67
CA ALA A 35 2.81 -6.92 -2.07
C ALA A 35 1.79 -6.37 -3.05
N ARG A 36 0.56 -6.84 -2.97
CA ARG A 36 -0.49 -6.34 -3.90
C ARG A 36 -0.99 -4.97 -3.44
N LEU A 37 -1.02 -4.01 -4.33
CA LEU A 37 -1.49 -2.66 -3.94
C LEU A 37 -3.03 -2.62 -3.92
N GLU A 38 -3.61 -2.75 -2.77
CA GLU A 38 -5.10 -2.71 -2.69
C GLU A 38 -5.57 -1.25 -2.73
N ASN A 39 -6.55 -0.95 -3.54
CA ASN A 39 -7.02 0.46 -3.61
C ASN A 39 -8.12 0.72 -2.58
N CYS A 40 -8.00 0.09 -1.45
CA CYS A 40 -9.01 0.29 -0.36
C CYS A 40 -10.44 0.09 -0.90
N PRO A 41 -11.36 -0.03 0.01
CA PRO A 41 -12.78 -0.23 -0.36
C PRO A 41 -13.40 1.09 -0.82
N LYS A 42 -13.99 1.11 -1.99
CA LYS A 42 -14.62 2.37 -2.49
C LYS A 42 -13.57 3.50 -2.56
N GLY A 43 -12.53 3.30 -3.31
CA GLY A 43 -11.48 4.36 -3.44
C GLY A 43 -11.18 4.95 -2.06
N LEU A 44 -10.75 4.13 -1.14
CA LEU A 44 -10.43 4.65 0.23
C LEU A 44 -8.91 4.70 0.43
N HIS A 45 -8.45 5.14 1.57
CA HIS A 45 -6.99 5.21 1.81
C HIS A 45 -6.52 4.03 2.68
N TYR A 46 -5.24 3.85 2.81
CA TYR A 46 -4.73 2.72 3.64
C TYR A 46 -4.60 3.13 5.11
N ASN A 47 -4.94 2.25 6.01
CA ASN A 47 -4.84 2.58 7.45
C ASN A 47 -4.00 1.53 8.19
N ALA A 48 -2.72 1.50 7.93
CA ALA A 48 -1.85 0.49 8.60
C ALA A 48 -2.15 0.43 10.09
N TYR A 49 -2.65 1.50 10.66
CA TYR A 49 -2.97 1.49 12.12
C TYR A 49 -3.97 0.37 12.42
N LEU A 50 -4.73 -0.04 11.45
CA LEU A 50 -5.72 -1.14 11.68
C LEU A 50 -5.57 -2.23 10.62
N LYS A 51 -4.45 -2.28 9.96
CA LYS A 51 -4.24 -3.33 8.92
C LYS A 51 -5.39 -3.29 7.91
N VAL A 52 -5.96 -2.14 7.68
CA VAL A 52 -7.08 -2.05 6.70
C VAL A 52 -7.10 -0.67 6.04
N CYS A 53 -8.00 -0.45 5.13
CA CYS A 53 -8.06 0.87 4.45
C CYS A 53 -9.18 1.73 5.06
N ASP A 54 -9.01 3.02 5.06
CA ASP A 54 -10.07 3.91 5.64
C ASP A 54 -10.06 5.27 4.95
N TRP A 55 -11.10 6.04 5.12
CA TRP A 55 -11.15 7.38 4.46
C TRP A 55 -9.81 8.08 4.59
N PRO A 56 -9.63 9.10 3.78
CA PRO A 56 -8.36 9.87 3.81
C PRO A 56 -8.28 10.73 5.06
N SER A 57 -9.39 10.97 5.71
CA SER A 57 -9.37 11.80 6.94
C SER A 57 -8.93 10.95 8.14
N LYS A 58 -8.70 9.69 7.94
CA LYS A 58 -8.27 8.82 9.07
C LYS A 58 -6.99 8.06 8.69
N ALA A 59 -7.02 7.30 7.63
CA ALA A 59 -5.81 6.54 7.22
C ALA A 59 -4.64 7.50 7.00
N GLY A 60 -4.83 8.52 6.22
CA GLY A 60 -3.71 9.48 5.96
C GLY A 60 -2.56 8.75 5.27
N CYS A 61 -1.98 9.34 4.26
CA CYS A 61 -0.86 8.68 3.55
C CYS A 61 0.34 9.62 3.45
N THR A 62 1.48 9.10 3.06
CA THR A 62 2.68 9.95 2.93
C THR A 62 3.62 9.39 1.86
N SER A 63 3.07 8.69 0.90
CA SER A 63 3.92 8.11 -0.18
C SER A 63 4.12 9.12 -1.30
N VAL A 64 5.26 9.08 -1.95
CA VAL A 64 5.52 10.05 -3.05
C VAL A 64 4.35 10.06 -4.03
N ASN A 65 3.57 9.01 -4.05
CA ASN A 65 2.41 8.96 -4.97
C ASN A 65 1.17 9.55 -4.31
N LYS A 66 1.07 10.85 -4.27
CA LYS A 66 -0.12 11.50 -3.63
C LYS A 66 -1.31 11.47 -4.59
N GLU A 67 -1.19 10.81 -5.70
CA GLU A 67 -2.32 10.75 -6.67
C GLU A 67 -3.27 9.62 -6.32
N CYS A 68 -4.40 9.55 -6.96
CA CYS A 68 -5.38 8.48 -6.68
C CYS A 68 -5.99 7.97 -7.99
N HIS A 69 -6.21 8.85 -8.93
CA HIS A 69 -6.80 8.43 -10.24
C HIS A 69 -5.69 7.92 -11.16
N LEU A 70 -4.53 7.64 -10.63
CA LEU A 70 -3.42 7.15 -11.47
C LEU A 70 -3.60 5.65 -11.77
N TRP A 71 -3.04 5.19 -12.87
CA TRP A 71 -3.16 3.75 -13.28
C TRP A 71 -4.43 3.10 -12.71
N LYS A 72 -4.37 1.83 -12.39
CA LYS A 72 -5.58 1.14 -11.83
C LYS A 72 -6.31 2.05 -10.85
N THR A 73 -7.61 2.14 -10.97
CA THR A 73 -8.39 3.00 -10.04
C THR A 73 -9.87 2.63 -10.10
N TYR A 1 19.63 0.65 -3.63
CA TYR A 1 19.14 -0.51 -2.82
C TYR A 1 17.65 -0.75 -3.12
N LEU A 2 17.21 -1.97 -2.99
CA LEU A 2 15.78 -2.29 -3.26
C LEU A 2 15.48 -3.75 -2.94
N ALA A 3 16.04 -4.25 -1.87
CA ALA A 3 15.81 -5.68 -1.49
C ALA A 3 14.32 -6.03 -1.50
N PHE A 4 13.79 -6.35 -2.66
CA PHE A 4 12.35 -6.73 -2.75
C PHE A 4 12.21 -7.95 -3.66
N ARG A 5 12.95 -7.98 -4.72
CA ARG A 5 12.91 -9.14 -5.68
C ARG A 5 11.57 -9.16 -6.43
N CYS A 6 10.47 -9.11 -5.72
CA CYS A 6 9.14 -9.14 -6.40
C CYS A 6 8.75 -7.75 -6.89
N GLY A 7 9.69 -7.01 -7.45
CA GLY A 7 9.37 -5.64 -7.95
C GLY A 7 8.61 -4.84 -6.89
N ARG A 8 7.84 -3.87 -7.29
CA ARG A 8 7.08 -3.06 -6.30
C ARG A 8 6.22 -3.98 -5.44
N TYR A 9 6.00 -5.20 -5.87
CA TYR A 9 5.16 -6.14 -5.08
C TYR A 9 6.01 -6.82 -4.00
N SER A 10 6.94 -6.12 -3.40
CA SER A 10 7.77 -6.75 -2.34
C SER A 10 8.35 -5.69 -1.41
N PRO A 11 7.48 -4.89 -0.84
CA PRO A 11 7.90 -3.84 0.09
C PRO A 11 8.13 -4.46 1.47
N CYS A 12 7.95 -5.75 1.58
CA CYS A 12 8.13 -6.44 2.89
C CYS A 12 9.12 -7.59 2.74
N LEU A 13 9.47 -8.24 3.81
CA LEU A 13 10.41 -9.38 3.72
C LEU A 13 9.77 -10.63 4.35
N ASP A 14 8.52 -10.54 4.69
CA ASP A 14 7.81 -11.72 5.30
C ASP A 14 6.34 -11.70 4.88
N ASP A 15 5.43 -11.72 5.82
CA ASP A 15 3.98 -11.71 5.46
C ASP A 15 3.25 -10.64 6.29
N GLY A 16 2.01 -10.40 5.99
CA GLY A 16 1.24 -9.39 6.76
C GLY A 16 1.19 -8.07 5.97
N PRO A 17 0.12 -7.35 6.15
CA PRO A 17 -0.06 -6.06 5.44
C PRO A 17 0.91 -5.00 6.00
N ASN A 18 1.52 -4.23 5.15
CA ASN A 18 2.46 -3.18 5.64
C ASN A 18 2.11 -1.82 5.03
N VAL A 19 2.35 -0.75 5.74
CA VAL A 19 2.03 0.59 5.19
C VAL A 19 2.82 0.86 3.90
N ASN A 20 2.32 1.73 3.07
CA ASN A 20 3.03 2.03 1.79
C ASN A 20 3.67 3.43 1.86
N LEU A 21 4.87 3.56 1.40
CA LEU A 21 5.55 4.90 1.43
C LEU A 21 5.55 5.50 0.03
N TYR A 22 5.29 4.70 -0.97
CA TYR A 22 5.28 5.22 -2.37
C TYR A 22 3.86 5.10 -2.95
N SER A 23 2.88 5.00 -2.11
CA SER A 23 1.48 4.87 -2.59
C SER A 23 0.52 5.41 -1.52
N CYS A 24 -0.54 6.06 -1.93
CA CYS A 24 -1.51 6.60 -0.92
C CYS A 24 -2.88 5.94 -1.10
N CYS A 25 -3.37 5.87 -2.30
CA CYS A 25 -4.71 5.24 -2.52
C CYS A 25 -4.57 3.70 -2.53
N SER A 26 -3.42 3.20 -2.19
CA SER A 26 -3.24 1.71 -2.17
C SER A 26 -2.04 1.33 -1.32
N PHE A 27 -2.25 0.56 -0.28
CA PHE A 27 -1.12 0.16 0.60
C PHE A 27 -0.50 -1.16 0.09
N TYR A 28 0.34 -1.78 0.86
CA TYR A 28 0.97 -3.04 0.39
C TYR A 28 0.50 -4.25 1.19
N ASN A 29 -0.02 -5.25 0.51
CA ASN A 29 -0.46 -6.49 1.21
C ASN A 29 0.61 -7.56 1.00
N CYS A 30 1.41 -7.84 1.98
CA CYS A 30 2.51 -8.85 1.81
C CYS A 30 1.97 -10.28 1.89
N HIS A 31 2.35 -11.10 0.95
CA HIS A 31 1.88 -12.51 0.93
C HIS A 31 2.87 -13.39 0.17
N LYS A 32 3.98 -13.75 0.77
CA LYS A 32 4.98 -14.61 0.06
C LYS A 32 5.41 -13.95 -1.26
N CYS A 33 6.26 -12.96 -1.19
CA CYS A 33 6.71 -12.28 -2.44
C CYS A 33 5.51 -11.74 -3.22
N LEU A 34 4.36 -11.69 -2.61
CA LEU A 34 3.17 -11.17 -3.34
C LEU A 34 2.65 -9.92 -2.63
N ALA A 35 3.21 -8.79 -2.92
CA ALA A 35 2.74 -7.54 -2.27
C ALA A 35 1.77 -6.81 -3.20
N ARG A 36 0.52 -7.18 -3.17
CA ARG A 36 -0.47 -6.52 -4.07
C ARG A 36 -0.90 -5.18 -3.46
N LEU A 37 -0.94 -4.15 -4.26
CA LEU A 37 -1.36 -2.83 -3.71
C LEU A 37 -2.88 -2.78 -3.61
N GLU A 38 -3.41 -2.87 -2.41
CA GLU A 38 -4.89 -2.84 -2.25
C GLU A 38 -5.42 -1.40 -2.31
N ASN A 39 -6.20 -1.10 -3.31
CA ASN A 39 -6.74 0.29 -3.42
C ASN A 39 -8.06 0.40 -2.66
N CYS A 40 -8.10 1.24 -1.66
CA CYS A 40 -9.35 1.40 -0.87
C CYS A 40 -10.52 1.78 -1.79
N PRO A 41 -11.63 1.13 -1.57
CA PRO A 41 -12.84 1.40 -2.41
C PRO A 41 -13.46 2.75 -2.05
N LYS A 42 -14.46 3.16 -2.78
CA LYS A 42 -15.11 4.48 -2.49
C LYS A 42 -14.05 5.56 -2.25
N GLY A 43 -13.09 5.66 -3.13
CA GLY A 43 -12.03 6.70 -2.96
C GLY A 43 -11.59 6.74 -1.49
N LEU A 44 -11.56 5.60 -0.84
CA LEU A 44 -11.14 5.56 0.59
C LEU A 44 -9.61 5.61 0.69
N HIS A 45 -9.09 5.72 1.88
CA HIS A 45 -7.61 5.75 2.06
C HIS A 45 -7.14 4.58 2.91
N TYR A 46 -5.94 4.12 2.71
CA TYR A 46 -5.44 2.97 3.51
C TYR A 46 -5.25 3.40 4.97
N ASN A 47 -5.15 2.46 5.87
CA ASN A 47 -4.96 2.82 7.31
C ASN A 47 -3.91 1.90 7.95
N ALA A 48 -2.70 2.35 8.08
CA ALA A 48 -1.64 1.50 8.69
C ALA A 48 -1.93 1.31 10.18
N TYR A 49 -2.91 1.99 10.70
CA TYR A 49 -3.23 1.84 12.15
C TYR A 49 -4.06 0.57 12.38
N LEU A 50 -4.86 0.20 11.42
CA LEU A 50 -5.70 -1.03 11.58
C LEU A 50 -5.37 -2.03 10.48
N LYS A 51 -4.34 -1.79 9.72
CA LYS A 51 -3.97 -2.73 8.63
C LYS A 51 -5.13 -2.89 7.65
N VAL A 52 -5.83 -1.82 7.35
CA VAL A 52 -6.97 -1.91 6.40
C VAL A 52 -7.25 -0.55 5.77
N CYS A 53 -8.27 -0.44 4.97
CA CYS A 53 -8.60 0.87 4.33
C CYS A 53 -9.62 1.63 5.18
N ASP A 54 -9.63 2.93 5.08
CA ASP A 54 -10.60 3.73 5.87
C ASP A 54 -10.77 5.13 5.25
N TRP A 55 -11.86 5.78 5.54
CA TRP A 55 -12.09 7.13 4.97
C TRP A 55 -10.80 7.96 5.02
N PRO A 56 -10.75 8.97 4.20
CA PRO A 56 -9.56 9.85 4.16
C PRO A 56 -9.50 10.74 5.41
N SER A 57 -10.61 10.91 6.07
CA SER A 57 -10.62 11.76 7.29
C SER A 57 -10.14 10.95 8.50
N LYS A 58 -9.85 9.69 8.32
CA LYS A 58 -9.38 8.86 9.45
C LYS A 58 -8.09 8.10 9.06
N ALA A 59 -7.96 7.75 7.82
CA ALA A 59 -6.74 7.01 7.38
C ALA A 59 -5.64 7.99 6.96
N GLY A 60 -5.94 8.88 6.05
CA GLY A 60 -4.91 9.86 5.61
C GLY A 60 -3.69 9.10 5.07
N CYS A 61 -2.85 9.75 4.33
CA CYS A 61 -1.65 9.05 3.78
C CYS A 61 -0.50 10.04 3.55
N THR A 62 0.70 9.55 3.40
CA THR A 62 1.86 10.47 3.17
C THR A 62 2.98 9.72 2.45
N SER A 63 2.68 9.15 1.31
CA SER A 63 3.74 8.41 0.56
C SER A 63 4.26 9.28 -0.58
N VAL A 64 5.32 8.86 -1.21
CA VAL A 64 5.88 9.66 -2.33
C VAL A 64 4.87 9.72 -3.47
N ASN A 65 3.86 8.89 -3.42
CA ASN A 65 2.82 8.88 -4.48
C ASN A 65 1.46 9.27 -3.89
N LYS A 66 0.69 10.01 -4.62
CA LYS A 66 -0.65 10.41 -4.10
C LYS A 66 -1.70 10.33 -5.21
N GLU A 67 -1.40 9.60 -6.26
CA GLU A 67 -2.37 9.48 -7.38
C GLU A 67 -2.31 8.07 -7.99
N CYS A 68 -2.39 7.06 -7.17
CA CYS A 68 -2.34 5.66 -7.69
C CYS A 68 -1.31 5.55 -8.83
N HIS A 69 -1.75 5.50 -10.06
CA HIS A 69 -0.78 5.41 -11.21
C HIS A 69 0.11 6.64 -11.24
N LEU A 70 1.38 6.49 -10.98
CA LEU A 70 2.29 7.67 -10.99
C LEU A 70 3.50 7.41 -11.90
N TRP A 71 3.56 6.28 -12.54
CA TRP A 71 4.73 5.99 -13.43
C TRP A 71 4.33 4.99 -14.52
N LYS A 72 3.07 4.80 -14.73
CA LYS A 72 2.61 3.84 -15.78
C LYS A 72 3.17 2.43 -15.50
N THR A 73 2.43 1.40 -15.84
CA THR A 73 2.92 0.02 -15.59
C THR A 73 1.91 -1.00 -16.13
N TYR A 1 17.44 -16.12 1.07
CA TYR A 1 16.09 -15.82 0.52
C TYR A 1 16.15 -14.58 -0.39
N LEU A 2 17.14 -13.75 -0.22
CA LEU A 2 17.24 -12.53 -1.08
C LEU A 2 16.02 -11.63 -0.87
N ALA A 3 16.15 -10.63 -0.04
CA ALA A 3 15.00 -9.71 0.21
C ALA A 3 14.56 -9.05 -1.10
N PHE A 4 13.61 -8.14 -1.03
CA PHE A 4 13.12 -7.45 -2.25
C PHE A 4 13.12 -8.41 -3.45
N ARG A 5 13.38 -7.93 -4.64
CA ARG A 5 13.38 -8.82 -5.85
C ARG A 5 11.95 -9.13 -6.29
N CYS A 6 10.98 -8.70 -5.54
CA CYS A 6 9.57 -8.97 -5.93
C CYS A 6 8.98 -7.77 -6.67
N GLY A 7 9.70 -6.67 -6.71
CA GLY A 7 9.18 -5.47 -7.43
C GLY A 7 8.38 -4.59 -6.47
N ARG A 8 7.68 -3.62 -6.99
CA ARG A 8 6.87 -2.72 -6.11
C ARG A 8 6.09 -3.56 -5.09
N TYR A 9 5.85 -4.80 -5.40
CA TYR A 9 5.10 -5.68 -4.45
C TYR A 9 6.06 -6.31 -3.43
N SER A 10 7.09 -5.60 -3.04
CA SER A 10 8.04 -6.17 -2.05
C SER A 10 8.43 -5.12 -1.00
N PRO A 11 7.43 -4.45 -0.49
CA PRO A 11 7.67 -3.42 0.55
C PRO A 11 7.94 -4.10 1.89
N CYS A 12 7.95 -5.40 1.92
CA CYS A 12 8.18 -6.13 3.19
C CYS A 12 9.36 -7.09 3.08
N LEU A 13 9.66 -7.79 4.13
CA LEU A 13 10.78 -8.76 4.10
C LEU A 13 10.29 -10.15 4.51
N ASP A 14 9.03 -10.26 4.85
CA ASP A 14 8.47 -11.58 5.26
C ASP A 14 7.00 -11.68 4.84
N ASP A 15 6.16 -10.85 5.38
CA ASP A 15 4.71 -10.90 5.03
C ASP A 15 3.93 -9.84 5.81
N GLY A 16 2.64 -10.02 5.94
CA GLY A 16 1.83 -9.01 6.68
C GLY A 16 1.44 -7.87 5.75
N PRO A 17 0.37 -7.20 6.10
CA PRO A 17 -0.11 -6.07 5.27
C PRO A 17 0.81 -4.85 5.45
N ASN A 18 1.69 -4.64 4.51
CA ASN A 18 2.63 -3.48 4.62
C ASN A 18 2.02 -2.23 3.99
N VAL A 19 2.08 -1.13 4.67
CA VAL A 19 1.49 0.14 4.11
C VAL A 19 2.37 0.65 2.97
N ASN A 20 1.78 1.26 1.98
CA ASN A 20 2.58 1.79 0.84
C ASN A 20 3.14 3.18 1.20
N LEU A 21 4.34 3.47 0.76
CA LEU A 21 4.94 4.80 1.07
C LEU A 21 5.11 5.61 -0.21
N TYR A 22 4.64 5.10 -1.32
CA TYR A 22 4.77 5.84 -2.61
C TYR A 22 3.42 5.88 -3.32
N SER A 23 2.33 5.75 -2.60
CA SER A 23 0.99 5.78 -3.24
C SER A 23 -0.07 6.23 -2.22
N CYS A 24 -1.23 6.63 -2.70
CA CYS A 24 -2.31 7.08 -1.77
C CYS A 24 -3.65 6.52 -2.23
N CYS A 25 -3.76 5.21 -2.30
CA CYS A 25 -5.04 4.60 -2.74
C CYS A 25 -5.11 3.13 -2.30
N SER A 26 -3.99 2.45 -2.29
CA SER A 26 -4.00 1.02 -1.86
C SER A 26 -2.70 0.67 -1.15
N PHE A 27 -2.70 -0.39 -0.39
CA PHE A 27 -1.44 -0.79 0.32
C PHE A 27 -0.98 -2.17 -0.18
N TYR A 28 0.27 -2.49 0.02
CA TYR A 28 0.77 -3.80 -0.48
C TYR A 28 0.47 -4.94 0.50
N ASN A 29 -0.38 -5.85 0.14
CA ASN A 29 -0.67 -7.00 1.03
C ASN A 29 0.44 -8.05 0.83
N CYS A 30 1.43 -8.04 1.68
CA CYS A 30 2.57 -8.98 1.52
C CYS A 30 2.24 -10.40 2.00
N HIS A 31 2.63 -11.37 1.21
CA HIS A 31 2.38 -12.80 1.59
C HIS A 31 3.33 -13.69 0.77
N LYS A 32 4.47 -14.02 1.32
CA LYS A 32 5.45 -14.87 0.58
C LYS A 32 6.12 -14.04 -0.53
N CYS A 33 6.44 -12.80 -0.23
CA CYS A 33 7.09 -11.88 -1.22
C CYS A 33 6.03 -11.25 -2.13
N LEU A 34 4.84 -11.76 -2.11
CA LEU A 34 3.77 -11.17 -2.97
C LEU A 34 3.08 -10.02 -2.24
N ALA A 35 3.17 -8.84 -2.76
CA ALA A 35 2.52 -7.67 -2.10
C ALA A 35 1.63 -6.93 -3.10
N ARG A 36 0.36 -7.23 -3.10
CA ARG A 36 -0.57 -6.55 -4.06
C ARG A 36 -1.13 -5.27 -3.44
N LEU A 37 -1.48 -4.32 -4.26
CA LEU A 37 -2.04 -3.05 -3.72
C LEU A 37 -3.55 -3.18 -3.49
N GLU A 38 -3.96 -3.22 -2.24
CA GLU A 38 -5.42 -3.36 -1.94
C GLU A 38 -6.13 -2.01 -2.10
N ASN A 39 -7.13 -1.95 -2.92
CA ASN A 39 -7.87 -0.66 -3.12
C ASN A 39 -8.78 -0.37 -1.93
N CYS A 40 -9.54 0.69 -1.99
CA CYS A 40 -10.47 1.04 -0.87
C CYS A 40 -11.80 1.54 -1.43
N PRO A 41 -12.81 1.45 -0.61
CA PRO A 41 -14.16 1.90 -1.03
C PRO A 41 -14.26 3.44 -1.03
N LYS A 42 -15.06 3.99 -1.89
CA LYS A 42 -15.19 5.48 -1.94
C LYS A 42 -13.82 6.14 -2.03
N GLY A 43 -13.00 5.71 -2.95
CA GLY A 43 -11.65 6.32 -3.09
C GLY A 43 -11.03 6.53 -1.70
N LEU A 44 -11.25 5.60 -0.81
CA LEU A 44 -10.69 5.74 0.56
C LEU A 44 -9.21 5.35 0.57
N HIS A 45 -8.53 5.58 1.67
CA HIS A 45 -7.08 5.21 1.73
C HIS A 45 -6.92 3.96 2.61
N TYR A 46 -5.71 3.49 2.77
CA TYR A 46 -5.50 2.28 3.61
C TYR A 46 -5.07 2.68 5.02
N ASN A 47 -5.37 1.86 5.98
CA ASN A 47 -4.97 2.17 7.38
C ASN A 47 -4.12 1.03 7.93
N ALA A 48 -2.90 1.30 8.32
CA ALA A 48 -2.02 0.22 8.84
C ALA A 48 -2.27 0.00 10.34
N TYR A 49 -3.43 0.35 10.83
CA TYR A 49 -3.72 0.14 12.28
C TYR A 49 -4.73 -0.99 12.45
N LEU A 50 -5.46 -1.31 11.41
CA LEU A 50 -6.46 -2.42 11.52
C LEU A 50 -6.44 -3.25 10.23
N LYS A 51 -5.46 -3.06 9.40
CA LYS A 51 -5.39 -3.84 8.13
C LYS A 51 -6.67 -3.61 7.31
N VAL A 52 -7.00 -2.38 7.04
CA VAL A 52 -8.24 -2.09 6.25
C VAL A 52 -8.13 -0.72 5.57
N CYS A 53 -9.22 -0.21 5.09
CA CYS A 53 -9.19 1.12 4.41
C CYS A 53 -9.84 2.19 5.29
N ASP A 54 -9.70 3.43 4.94
CA ASP A 54 -10.31 4.52 5.76
C ASP A 54 -10.14 5.87 5.06
N TRP A 55 -10.93 6.85 5.45
CA TRP A 55 -10.81 8.18 4.81
C TRP A 55 -9.33 8.59 4.69
N PRO A 56 -9.08 9.55 3.84
CA PRO A 56 -7.70 10.05 3.63
C PRO A 56 -7.23 10.85 4.84
N SER A 57 -8.15 11.40 5.58
CA SER A 57 -7.76 12.20 6.78
C SER A 57 -7.31 11.27 7.92
N LYS A 58 -8.14 10.33 8.26
CA LYS A 58 -7.77 9.38 9.36
C LYS A 58 -6.64 8.46 8.90
N ALA A 59 -6.77 7.88 7.73
CA ALA A 59 -5.71 6.98 7.22
C ALA A 59 -4.44 7.77 6.93
N GLY A 60 -4.54 9.07 6.83
CA GLY A 60 -3.34 9.90 6.56
C GLY A 60 -2.69 9.45 5.25
N CYS A 61 -2.74 10.26 4.23
CA CYS A 61 -2.13 9.87 2.93
C CYS A 61 -0.87 10.69 2.66
N THR A 62 0.25 10.29 3.20
CA THR A 62 1.51 11.05 2.96
C THR A 62 2.60 10.10 2.46
N SER A 63 2.29 9.29 1.49
CA SER A 63 3.31 8.34 0.96
C SER A 63 4.07 8.97 -0.21
N VAL A 64 4.42 10.21 -0.08
CA VAL A 64 5.17 10.91 -1.16
C VAL A 64 4.30 11.06 -2.42
N ASN A 65 3.78 9.97 -2.91
CA ASN A 65 2.92 10.04 -4.13
C ASN A 65 1.44 10.08 -3.75
N LYS A 66 0.66 10.87 -4.43
CA LYS A 66 -0.79 10.95 -4.11
C LYS A 66 -1.59 10.16 -5.14
N GLU A 67 -1.08 10.04 -6.34
CA GLU A 67 -1.81 9.27 -7.40
C GLU A 67 -1.29 7.84 -7.46
N CYS A 68 -1.81 7.05 -8.35
CA CYS A 68 -1.34 5.63 -8.46
C CYS A 68 -2.25 4.86 -9.43
N HIS A 69 -2.31 3.55 -9.30
CA HIS A 69 -3.15 2.72 -10.23
C HIS A 69 -3.21 3.35 -11.62
N LEU A 70 -2.09 3.54 -12.25
CA LEU A 70 -2.07 4.15 -13.60
C LEU A 70 -0.85 3.68 -14.39
N TRP A 71 -0.84 2.43 -14.79
CA TRP A 71 0.33 1.91 -15.56
C TRP A 71 -0.15 1.21 -16.83
N LYS A 72 -0.19 -0.10 -16.84
CA LYS A 72 -0.65 -0.83 -18.06
C LYS A 72 -1.81 -1.76 -17.72
N THR A 73 -2.75 -1.91 -18.61
CA THR A 73 -3.90 -2.81 -18.33
C THR A 73 -3.46 -4.27 -18.40
N TYR A 1 16.67 -19.04 -2.41
CA TYR A 1 15.44 -18.36 -2.91
C TYR A 1 15.42 -16.91 -2.42
N LEU A 2 14.70 -16.06 -3.10
CA LEU A 2 14.63 -14.62 -2.68
C LEU A 2 13.33 -14.36 -1.92
N ALA A 3 13.42 -13.83 -0.73
CA ALA A 3 12.18 -13.56 0.06
C ALA A 3 11.69 -12.14 -0.23
N PHE A 4 12.57 -11.25 -0.61
CA PHE A 4 12.14 -9.84 -0.89
C PHE A 4 12.76 -9.35 -2.20
N ARG A 5 12.80 -8.07 -2.41
CA ARG A 5 13.38 -7.53 -3.66
C ARG A 5 12.64 -8.10 -4.88
N CYS A 6 11.41 -8.51 -4.68
CA CYS A 6 10.63 -9.07 -5.83
C CYS A 6 9.85 -7.96 -6.55
N GLY A 7 10.39 -6.76 -6.60
CA GLY A 7 9.69 -5.64 -7.31
C GLY A 7 9.03 -4.69 -6.31
N ARG A 8 8.78 -3.46 -6.70
CA ARG A 8 8.14 -2.49 -5.77
C ARG A 8 6.98 -3.19 -5.06
N TYR A 9 6.41 -4.17 -5.70
CA TYR A 9 5.28 -4.90 -5.07
C TYR A 9 5.81 -5.99 -4.15
N SER A 10 6.91 -5.77 -3.49
CA SER A 10 7.47 -6.81 -2.58
C SER A 10 8.11 -6.18 -1.33
N PRO A 11 7.48 -5.15 -0.80
CA PRO A 11 8.01 -4.49 0.42
C PRO A 11 7.67 -5.32 1.66
N CYS A 12 7.10 -6.47 1.48
CA CYS A 12 6.71 -7.30 2.65
C CYS A 12 7.73 -8.40 2.94
N LEU A 13 7.36 -9.33 3.77
CA LEU A 13 8.25 -10.47 4.11
C LEU A 13 7.40 -11.64 4.60
N ASP A 14 6.38 -11.35 5.37
CA ASP A 14 5.48 -12.42 5.88
C ASP A 14 4.03 -12.10 5.52
N ASP A 15 3.31 -13.07 5.01
CA ASP A 15 1.89 -12.82 4.61
C ASP A 15 1.20 -11.86 5.59
N GLY A 16 0.49 -10.88 5.09
CA GLY A 16 -0.21 -9.91 5.97
C GLY A 16 -0.21 -8.53 5.33
N PRO A 17 -1.07 -7.68 5.80
CA PRO A 17 -1.16 -6.30 5.26
C PRO A 17 -0.02 -5.43 5.80
N ASN A 18 0.22 -4.30 5.20
CA ASN A 18 1.32 -3.41 5.68
C ASN A 18 1.11 -1.99 5.17
N VAL A 19 2.08 -1.13 5.33
CA VAL A 19 1.95 0.27 4.86
C VAL A 19 2.74 0.47 3.55
N ASN A 20 2.64 1.64 2.96
CA ASN A 20 3.39 1.90 1.69
C ASN A 20 3.62 3.40 1.52
N LEU A 21 4.78 3.80 1.06
CA LEU A 21 5.05 5.25 0.86
C LEU A 21 5.09 5.57 -0.64
N TYR A 22 4.46 4.76 -1.44
CA TYR A 22 4.45 5.02 -2.91
C TYR A 22 3.06 4.72 -3.49
N SER A 23 2.04 4.88 -2.71
CA SER A 23 0.66 4.61 -3.20
C SER A 23 -0.36 4.87 -2.09
N CYS A 24 -0.87 6.07 -2.01
CA CYS A 24 -1.86 6.39 -0.94
C CYS A 24 -3.17 5.65 -1.19
N CYS A 25 -3.45 5.28 -2.41
CA CYS A 25 -4.71 4.56 -2.71
C CYS A 25 -4.58 3.08 -2.34
N SER A 26 -3.41 2.64 -1.96
CA SER A 26 -3.23 1.21 -1.60
C SER A 26 -1.98 1.01 -0.75
N PHE A 27 -1.99 0.05 0.13
CA PHE A 27 -0.78 -0.18 0.97
C PHE A 27 -0.07 -1.46 0.54
N TYR A 28 0.75 -2.04 1.38
CA TYR A 28 1.48 -3.27 0.97
C TYR A 28 0.90 -4.51 1.66
N ASN A 29 0.53 -5.49 0.87
CA ASN A 29 0.02 -6.77 1.45
C ASN A 29 1.10 -7.83 1.21
N CYS A 30 1.50 -8.57 2.21
CA CYS A 30 2.59 -9.58 1.98
C CYS A 30 2.06 -10.84 1.29
N HIS A 31 2.70 -11.23 0.22
CA HIS A 31 2.28 -12.46 -0.51
C HIS A 31 3.49 -13.13 -1.15
N LYS A 32 3.99 -14.19 -0.56
CA LYS A 32 5.18 -14.88 -1.14
C LYS A 32 6.43 -14.01 -0.94
N CYS A 33 7.28 -13.93 -1.94
CA CYS A 33 8.51 -13.09 -1.80
C CYS A 33 8.19 -11.65 -2.17
N LEU A 34 6.95 -11.26 -2.09
CA LEU A 34 6.60 -9.87 -2.46
C LEU A 34 5.34 -9.42 -1.72
N ALA A 35 4.72 -8.40 -2.20
CA ALA A 35 3.49 -7.90 -1.54
C ALA A 35 2.59 -7.20 -2.55
N ARG A 36 1.37 -7.65 -2.69
CA ARG A 36 0.45 -6.99 -3.65
C ARG A 36 -0.13 -5.74 -2.99
N LEU A 37 -0.29 -4.67 -3.72
CA LEU A 37 -0.83 -3.43 -3.12
C LEU A 37 -2.35 -3.53 -2.98
N GLU A 38 -2.86 -3.44 -1.77
CA GLU A 38 -4.34 -3.53 -1.57
C GLU A 38 -4.99 -2.19 -1.90
N ASN A 39 -6.03 -2.20 -2.69
CA ASN A 39 -6.71 -0.92 -3.05
C ASN A 39 -7.82 -0.58 -2.06
N CYS A 40 -8.40 0.58 -2.19
CA CYS A 40 -9.48 0.99 -1.27
C CYS A 40 -10.85 0.76 -1.92
N PRO A 41 -11.85 0.59 -1.10
CA PRO A 41 -13.22 0.34 -1.60
C PRO A 41 -13.79 1.59 -2.31
N LYS A 42 -13.09 2.11 -3.27
CA LYS A 42 -13.56 3.32 -4.01
C LYS A 42 -14.29 4.27 -3.07
N GLY A 43 -13.56 5.14 -2.40
CA GLY A 43 -14.22 6.10 -1.48
C GLY A 43 -13.38 6.25 -0.20
N LEU A 44 -12.51 5.32 0.07
CA LEU A 44 -11.67 5.43 1.30
C LEU A 44 -10.20 5.61 0.94
N HIS A 45 -9.33 5.44 1.89
CA HIS A 45 -7.88 5.58 1.62
C HIS A 45 -7.10 4.59 2.47
N TYR A 46 -6.13 3.91 1.90
CA TYR A 46 -5.34 2.93 2.68
C TYR A 46 -5.05 3.46 4.08
N ASN A 47 -4.86 2.59 5.03
CA ASN A 47 -4.56 3.05 6.43
C ASN A 47 -3.62 2.08 7.13
N ALA A 48 -2.37 2.43 7.25
CA ALA A 48 -1.40 1.52 7.93
C ALA A 48 -1.72 1.44 9.42
N TYR A 49 -2.20 2.51 9.99
CA TYR A 49 -2.53 2.50 11.45
C TYR A 49 -3.66 1.50 11.72
N LEU A 50 -4.30 1.01 10.68
CA LEU A 50 -5.41 0.05 10.88
C LEU A 50 -5.15 -1.23 10.07
N LYS A 51 -4.02 -1.32 9.44
CA LYS A 51 -3.70 -2.53 8.62
C LYS A 51 -4.73 -2.71 7.51
N VAL A 52 -5.48 -1.68 7.21
CA VAL A 52 -6.51 -1.78 6.14
C VAL A 52 -6.77 -0.41 5.53
N CYS A 53 -7.85 -0.25 4.80
CA CYS A 53 -8.15 1.07 4.19
C CYS A 53 -9.03 1.90 5.13
N ASP A 54 -8.80 3.19 5.18
CA ASP A 54 -9.62 4.06 6.07
C ASP A 54 -9.95 5.37 5.36
N TRP A 55 -10.86 6.14 5.89
CA TRP A 55 -11.22 7.43 5.24
C TRP A 55 -9.96 8.26 4.98
N PRO A 56 -10.09 9.18 4.07
CA PRO A 56 -8.95 10.06 3.70
C PRO A 56 -8.68 11.07 4.83
N SER A 57 -9.69 11.47 5.53
CA SER A 57 -9.50 12.45 6.64
C SER A 57 -8.96 11.73 7.90
N LYS A 58 -8.74 10.45 7.81
CA LYS A 58 -8.24 9.70 8.99
C LYS A 58 -6.99 8.90 8.61
N ALA A 59 -6.90 8.47 7.38
CA ALA A 59 -5.71 7.68 6.95
C ALA A 59 -4.47 8.58 6.88
N GLY A 60 -4.65 9.82 6.49
CA GLY A 60 -3.48 10.75 6.40
C GLY A 60 -2.32 10.02 5.73
N CYS A 61 -2.22 10.12 4.43
CA CYS A 61 -1.09 9.43 3.71
C CYS A 61 -0.04 10.44 3.26
N THR A 62 1.21 10.06 3.30
CA THR A 62 2.29 10.99 2.87
C THR A 62 3.15 10.33 1.78
N SER A 63 2.70 9.21 1.29
CA SER A 63 3.48 8.51 0.22
C SER A 63 3.72 9.44 -0.96
N VAL A 64 4.57 9.05 -1.88
CA VAL A 64 4.84 9.93 -3.06
C VAL A 64 3.60 10.00 -3.95
N ASN A 65 2.67 9.10 -3.77
CA ASN A 65 1.43 9.10 -4.59
C ASN A 65 0.23 9.50 -3.72
N LYS A 66 -0.05 10.78 -3.63
CA LYS A 66 -1.19 11.22 -2.79
C LYS A 66 -2.51 11.06 -3.56
N GLU A 67 -2.65 11.75 -4.66
CA GLU A 67 -3.92 11.63 -5.45
C GLU A 67 -3.88 10.36 -6.31
N CYS A 68 -4.97 9.63 -6.33
CA CYS A 68 -5.00 8.38 -7.15
C CYS A 68 -4.73 8.71 -8.62
N HIS A 69 -5.25 7.91 -9.53
CA HIS A 69 -5.02 8.19 -10.97
C HIS A 69 -3.53 8.47 -11.21
N LEU A 70 -2.76 7.47 -11.55
CA LEU A 70 -1.31 7.69 -11.79
C LEU A 70 -0.79 6.72 -12.86
N TRP A 71 -1.11 5.46 -12.74
CA TRP A 71 -0.62 4.48 -13.75
C TRP A 71 -1.70 3.44 -14.06
N LYS A 72 -2.89 3.63 -13.54
CA LYS A 72 -3.98 2.64 -13.81
C LYS A 72 -3.48 1.22 -13.54
N THR A 73 -3.56 0.78 -12.30
CA THR A 73 -3.10 -0.59 -11.97
C THR A 73 -3.73 -1.61 -12.91
N TYR A 1 17.48 -0.33 6.69
CA TYR A 1 17.24 -1.77 6.33
C TYR A 1 16.24 -1.87 5.17
N LEU A 2 16.38 -2.86 4.34
CA LEU A 2 15.43 -3.01 3.20
C LEU A 2 15.67 -4.35 2.49
N ALA A 3 15.03 -5.39 2.95
CA ALA A 3 15.21 -6.72 2.31
C ALA A 3 14.17 -6.91 1.21
N PHE A 4 13.80 -8.13 0.93
CA PHE A 4 12.77 -8.41 -0.13
C PHE A 4 12.88 -7.39 -1.27
N ARG A 5 13.59 -7.72 -2.31
CA ARG A 5 13.73 -6.77 -3.45
C ARG A 5 12.91 -7.25 -4.65
N CYS A 6 11.69 -7.66 -4.42
CA CYS A 6 10.85 -8.14 -5.55
C CYS A 6 10.28 -6.93 -6.32
N GLY A 7 10.43 -5.75 -5.78
CA GLY A 7 9.90 -4.54 -6.47
C GLY A 7 8.76 -3.92 -5.65
N ARG A 8 7.87 -3.23 -6.30
CA ARG A 8 6.73 -2.60 -5.56
C ARG A 8 5.78 -3.69 -5.05
N TYR A 9 6.03 -4.92 -5.40
CA TYR A 9 5.15 -6.03 -4.93
C TYR A 9 5.73 -6.69 -3.68
N SER A 10 6.56 -5.98 -2.95
CA SER A 10 7.15 -6.57 -1.72
C SER A 10 7.62 -5.47 -0.75
N PRO A 11 6.75 -4.53 -0.51
CA PRO A 11 7.08 -3.42 0.42
C PRO A 11 6.96 -3.89 1.88
N CYS A 12 6.72 -5.16 2.08
CA CYS A 12 6.60 -5.69 3.48
C CYS A 12 7.91 -6.37 3.91
N LEU A 13 7.94 -6.91 5.10
CA LEU A 13 9.16 -7.60 5.58
C LEU A 13 9.11 -9.09 5.22
N ASP A 14 7.97 -9.70 5.35
CA ASP A 14 7.86 -11.15 5.02
C ASP A 14 6.44 -11.49 4.55
N ASP A 15 5.45 -10.85 5.12
CA ASP A 15 4.04 -11.13 4.70
C ASP A 15 3.06 -10.24 5.46
N GLY A 16 1.79 -10.39 5.21
CA GLY A 16 0.78 -9.55 5.93
C GLY A 16 0.63 -8.21 5.20
N PRO A 17 -0.51 -7.59 5.40
CA PRO A 17 -0.80 -6.29 4.76
C PRO A 17 0.03 -5.18 5.44
N ASN A 18 1.06 -4.72 4.78
CA ASN A 18 1.90 -3.65 5.39
C ASN A 18 1.46 -2.28 4.90
N VAL A 19 2.09 -1.24 5.37
CA VAL A 19 1.70 0.13 4.94
C VAL A 19 2.35 0.48 3.60
N ASN A 20 1.74 1.32 2.82
CA ASN A 20 2.33 1.69 1.51
C ASN A 20 2.99 3.06 1.60
N LEU A 21 4.17 3.19 1.04
CA LEU A 21 4.88 4.50 1.10
C LEU A 21 5.11 5.03 -0.30
N TYR A 22 4.64 4.34 -1.30
CA TYR A 22 4.84 4.82 -2.70
C TYR A 22 3.50 5.15 -3.34
N SER A 23 2.51 5.50 -2.56
CA SER A 23 1.18 5.83 -3.15
C SER A 23 0.16 6.10 -2.04
N CYS A 24 -0.80 6.96 -2.30
CA CYS A 24 -1.83 7.28 -1.27
C CYS A 24 -3.21 6.84 -1.75
N CYS A 25 -3.43 5.57 -1.90
CA CYS A 25 -4.76 5.08 -2.38
C CYS A 25 -4.95 3.61 -2.02
N SER A 26 -3.91 2.83 -2.06
CA SER A 26 -4.03 1.39 -1.72
C SER A 26 -2.81 0.91 -0.93
N PHE A 27 -3.01 0.08 0.05
CA PHE A 27 -1.85 -0.42 0.83
C PHE A 27 -1.23 -1.63 0.13
N TYR A 28 -0.33 -2.31 0.77
CA TYR A 28 0.32 -3.47 0.09
C TYR A 28 0.05 -4.79 0.80
N ASN A 29 -0.69 -5.67 0.17
CA ASN A 29 -0.90 -7.01 0.79
C ASN A 29 0.37 -7.81 0.49
N CYS A 30 0.80 -8.67 1.36
CA CYS A 30 2.07 -9.38 1.05
C CYS A 30 1.96 -10.89 1.25
N HIS A 31 2.65 -11.63 0.41
CA HIS A 31 2.66 -13.11 0.49
C HIS A 31 3.95 -13.61 -0.14
N LYS A 32 5.02 -13.69 0.62
CA LYS A 32 6.31 -14.11 0.04
C LYS A 32 6.80 -13.03 -0.92
N CYS A 33 7.23 -13.40 -2.10
CA CYS A 33 7.67 -12.36 -3.07
C CYS A 33 6.47 -11.89 -3.89
N LEU A 34 5.34 -11.76 -3.26
CA LEU A 34 4.12 -11.32 -4.00
C LEU A 34 3.29 -10.34 -3.15
N ALA A 35 2.91 -9.24 -3.72
CA ALA A 35 2.10 -8.25 -2.94
C ALA A 35 1.16 -7.47 -3.86
N ARG A 36 -0.08 -7.34 -3.47
CA ARG A 36 -1.05 -6.59 -4.32
C ARG A 36 -1.45 -5.28 -3.63
N LEU A 37 -1.97 -4.34 -4.38
CA LEU A 37 -2.38 -3.05 -3.76
C LEU A 37 -3.90 -3.00 -3.57
N GLU A 38 -4.37 -3.02 -2.35
CA GLU A 38 -5.84 -2.95 -2.12
C GLU A 38 -6.29 -1.49 -2.15
N ASN A 39 -7.23 -1.15 -2.98
CA ASN A 39 -7.68 0.27 -3.05
C ASN A 39 -8.92 0.50 -2.19
N CYS A 40 -8.96 -0.05 -1.03
CA CYS A 40 -10.13 0.16 -0.12
C CYS A 40 -11.43 -0.16 -0.86
N PRO A 41 -12.50 -0.22 -0.10
CA PRO A 41 -13.83 -0.52 -0.71
C PRO A 41 -14.30 0.67 -1.55
N LYS A 42 -13.64 0.90 -2.66
CA LYS A 42 -14.01 2.03 -3.56
C LYS A 42 -14.63 3.20 -2.79
N GLY A 43 -13.81 4.03 -2.18
CA GLY A 43 -14.37 5.18 -1.42
C GLY A 43 -13.56 5.44 -0.15
N LEU A 44 -12.58 4.62 0.14
CA LEU A 44 -11.79 4.85 1.39
C LEU A 44 -10.28 4.80 1.08
N HIS A 45 -9.48 5.35 1.97
CA HIS A 45 -8.01 5.33 1.75
C HIS A 45 -7.39 4.19 2.56
N TYR A 46 -6.10 4.00 2.48
CA TYR A 46 -5.47 2.89 3.24
C TYR A 46 -5.14 3.34 4.67
N ASN A 47 -5.37 2.49 5.63
CA ASN A 47 -5.06 2.86 7.04
C ASN A 47 -4.11 1.81 7.64
N ALA A 48 -2.83 1.95 7.38
CA ALA A 48 -1.86 0.97 7.92
C ALA A 48 -1.99 0.86 9.44
N TYR A 49 -2.53 1.86 10.07
CA TYR A 49 -2.69 1.80 11.56
C TYR A 49 -3.72 0.73 11.94
N LEU A 50 -4.39 0.17 10.98
CA LEU A 50 -5.40 -0.89 11.29
C LEU A 50 -5.37 -1.99 10.23
N LYS A 51 -4.32 -2.06 9.44
CA LYS A 51 -4.25 -3.11 8.39
C LYS A 51 -5.51 -3.09 7.53
N VAL A 52 -6.17 -1.97 7.46
CA VAL A 52 -7.41 -1.89 6.63
C VAL A 52 -7.45 -0.56 5.87
N CYS A 53 -8.60 -0.15 5.43
CA CYS A 53 -8.71 1.13 4.67
C CYS A 53 -9.66 2.09 5.38
N ASP A 54 -9.36 3.36 5.38
CA ASP A 54 -10.25 4.34 6.06
C ASP A 54 -10.28 5.65 5.27
N TRP A 55 -11.18 6.55 5.63
CA TRP A 55 -11.25 7.85 4.90
C TRP A 55 -9.86 8.46 4.76
N PRO A 56 -9.73 9.34 3.80
CA PRO A 56 -8.43 10.01 3.56
C PRO A 56 -8.14 11.04 4.66
N SER A 57 -9.16 11.52 5.32
CA SER A 57 -8.95 12.52 6.40
C SER A 57 -8.43 11.84 7.66
N LYS A 58 -8.54 10.54 7.72
CA LYS A 58 -8.06 9.80 8.93
C LYS A 58 -6.82 8.98 8.59
N ALA A 59 -6.90 8.16 7.57
CA ALA A 59 -5.73 7.33 7.18
C ALA A 59 -4.47 8.19 7.13
N GLY A 60 -4.55 9.36 6.56
CA GLY A 60 -3.36 10.24 6.48
C GLY A 60 -2.24 9.50 5.74
N CYS A 61 -1.91 9.94 4.55
CA CYS A 61 -0.83 9.24 3.80
C CYS A 61 0.40 10.15 3.65
N THR A 62 1.56 9.56 3.59
CA THR A 62 2.80 10.37 3.45
C THR A 62 3.81 9.60 2.59
N SER A 63 3.36 9.03 1.51
CA SER A 63 4.28 8.26 0.62
C SER A 63 4.91 9.19 -0.43
N VAL A 64 6.08 8.84 -0.91
CA VAL A 64 6.73 9.69 -1.95
C VAL A 64 5.83 9.80 -3.18
N ASN A 65 4.85 8.95 -3.28
CA ASN A 65 3.94 9.00 -4.46
C ASN A 65 2.52 9.38 -4.01
N LYS A 66 2.05 10.54 -4.41
CA LYS A 66 0.68 10.97 -4.00
C LYS A 66 -0.30 10.74 -5.15
N GLU A 67 0.20 10.63 -6.36
CA GLU A 67 -0.70 10.41 -7.52
C GLU A 67 -0.88 8.91 -7.77
N CYS A 68 -2.02 8.38 -7.44
CA CYS A 68 -2.25 6.92 -7.65
C CYS A 68 -3.08 6.70 -8.91
N HIS A 69 -2.76 7.39 -9.98
CA HIS A 69 -3.53 7.22 -11.24
C HIS A 69 -2.60 6.72 -12.36
N LEU A 70 -1.44 6.25 -12.03
CA LEU A 70 -0.50 5.76 -13.09
C LEU A 70 -0.49 4.23 -13.13
N TRP A 71 -1.40 3.65 -13.87
CA TRP A 71 -1.44 2.16 -13.96
C TRP A 71 -1.88 1.74 -15.36
N LYS A 72 -1.51 2.47 -16.37
CA LYS A 72 -1.93 2.11 -17.75
C LYS A 72 -3.43 1.74 -17.74
N THR A 73 -4.27 2.66 -17.34
CA THR A 73 -5.72 2.39 -17.30
C THR A 73 -6.16 1.56 -18.51
N TYR A 1 12.80 5.31 -6.56
CA TYR A 1 13.56 4.06 -6.83
C TYR A 1 13.06 2.93 -5.94
N LEU A 2 13.52 1.73 -6.17
CA LEU A 2 13.06 0.58 -5.33
C LEU A 2 14.20 0.08 -4.44
N ALA A 3 13.91 -0.27 -3.22
CA ALA A 3 14.97 -0.76 -2.30
C ALA A 3 15.14 -2.28 -2.46
N PHE A 4 14.23 -3.05 -1.93
CA PHE A 4 14.34 -4.53 -2.04
C PHE A 4 14.50 -4.93 -3.52
N ARG A 5 14.38 -6.20 -3.81
CA ARG A 5 14.53 -6.65 -5.23
C ARG A 5 13.33 -7.49 -5.66
N CYS A 6 12.27 -7.48 -4.90
CA CYS A 6 11.07 -8.28 -5.27
C CYS A 6 10.14 -7.44 -6.16
N GLY A 7 10.18 -6.14 -6.04
CA GLY A 7 9.31 -5.27 -6.89
C GLY A 7 8.24 -4.60 -6.02
N ARG A 8 7.37 -3.82 -6.62
CA ARG A 8 6.30 -3.14 -5.84
C ARG A 8 5.50 -4.19 -5.06
N TYR A 9 5.61 -5.44 -5.43
CA TYR A 9 4.87 -6.50 -4.71
C TYR A 9 5.61 -6.87 -3.41
N SER A 10 6.62 -6.13 -3.07
CA SER A 10 7.39 -6.43 -1.82
C SER A 10 7.73 -5.13 -1.07
N PRO A 11 6.73 -4.34 -0.83
CA PRO A 11 6.93 -3.06 -0.11
C PRO A 11 6.99 -3.31 1.40
N CYS A 12 7.03 -4.55 1.79
CA CYS A 12 7.08 -4.87 3.25
C CYS A 12 8.46 -5.41 3.63
N LEU A 13 8.65 -5.74 4.87
CA LEU A 13 9.96 -6.28 5.32
C LEU A 13 9.74 -7.53 6.19
N ASP A 14 8.52 -7.96 6.33
CA ASP A 14 8.24 -9.16 7.17
C ASP A 14 6.88 -9.75 6.80
N ASP A 15 6.45 -9.61 5.58
CA ASP A 15 5.13 -10.17 5.17
C ASP A 15 3.99 -9.40 5.85
N GLY A 16 2.77 -9.82 5.64
CA GLY A 16 1.62 -9.11 6.27
C GLY A 16 1.23 -7.90 5.41
N PRO A 17 0.06 -7.40 5.66
CA PRO A 17 -0.43 -6.22 4.90
C PRO A 17 0.33 -4.96 5.32
N ASN A 18 1.41 -4.67 4.65
CA ASN A 18 2.20 -3.46 5.02
C ASN A 18 1.66 -2.22 4.30
N VAL A 19 1.83 -1.07 4.89
CA VAL A 19 1.32 0.17 4.23
C VAL A 19 2.10 0.41 2.94
N ASN A 20 1.49 1.06 1.99
CA ASN A 20 2.20 1.32 0.70
C ASN A 20 3.12 2.55 0.83
N LEU A 21 4.15 2.61 0.03
CA LEU A 21 5.08 3.78 0.12
C LEU A 21 5.12 4.51 -1.23
N TYR A 22 4.83 3.81 -2.29
CA TYR A 22 4.89 4.47 -3.62
C TYR A 22 3.47 4.70 -4.16
N SER A 23 2.52 4.86 -3.28
CA SER A 23 1.11 5.09 -3.74
C SER A 23 0.28 5.69 -2.61
N CYS A 24 -0.94 6.08 -2.90
CA CYS A 24 -1.82 6.67 -1.84
C CYS A 24 -3.28 6.29 -2.11
N CYS A 25 -3.50 5.19 -2.77
CA CYS A 25 -4.90 4.76 -3.07
C CYS A 25 -5.11 3.29 -2.70
N SER A 26 -4.06 2.58 -2.38
CA SER A 26 -4.23 1.15 -2.00
C SER A 26 -3.00 0.66 -1.22
N PHE A 27 -3.18 -0.32 -0.38
CA PHE A 27 -2.02 -0.84 0.40
C PHE A 27 -1.56 -2.18 -0.16
N TYR A 28 -0.47 -2.71 0.32
CA TYR A 28 0.02 -4.01 -0.22
C TYR A 28 -0.18 -5.17 0.77
N ASN A 29 -0.70 -6.28 0.29
CA ASN A 29 -0.87 -7.45 1.18
C ASN A 29 0.35 -8.36 0.96
N CYS A 30 1.37 -8.19 1.75
CA CYS A 30 2.63 -8.98 1.54
C CYS A 30 2.53 -10.42 2.04
N HIS A 31 3.05 -11.32 1.26
CA HIS A 31 3.06 -12.77 1.64
C HIS A 31 4.12 -13.51 0.82
N LYS A 32 5.30 -13.66 1.36
CA LYS A 32 6.39 -14.37 0.59
C LYS A 32 6.86 -13.52 -0.59
N CYS A 33 7.32 -12.32 -0.33
CA CYS A 33 7.80 -11.42 -1.44
C CYS A 33 6.67 -11.11 -2.44
N LEU A 34 5.47 -11.58 -2.19
CA LEU A 34 4.37 -11.26 -3.15
C LEU A 34 3.33 -10.38 -2.45
N ALA A 35 3.23 -9.14 -2.83
CA ALA A 35 2.25 -8.23 -2.19
C ALA A 35 1.23 -7.70 -3.21
N ARG A 36 -0.02 -7.82 -2.91
CA ARG A 36 -1.07 -7.32 -3.85
C ARG A 36 -1.58 -5.95 -3.37
N LEU A 37 -1.98 -5.11 -4.28
CA LEU A 37 -2.49 -3.76 -3.86
C LEU A 37 -3.98 -3.83 -3.53
N GLU A 38 -4.35 -3.51 -2.33
CA GLU A 38 -5.79 -3.54 -1.95
C GLU A 38 -6.44 -2.19 -2.24
N ASN A 39 -7.63 -2.19 -2.80
CA ASN A 39 -8.30 -0.90 -3.12
C ASN A 39 -9.30 -0.53 -2.02
N CYS A 40 -9.55 0.74 -1.85
CA CYS A 40 -10.52 1.20 -0.81
C CYS A 40 -11.91 1.35 -1.44
N PRO A 41 -12.91 1.45 -0.61
CA PRO A 41 -14.30 1.61 -1.09
C PRO A 41 -14.47 2.97 -1.79
N LYS A 42 -13.68 3.21 -2.81
CA LYS A 42 -13.79 4.50 -3.55
C LYS A 42 -14.04 5.66 -2.58
N GLY A 43 -13.01 6.31 -2.13
CA GLY A 43 -13.20 7.45 -1.20
C GLY A 43 -12.38 7.25 0.08
N LEU A 44 -11.77 6.11 0.26
CA LEU A 44 -10.97 5.90 1.51
C LEU A 44 -9.52 5.55 1.17
N HIS A 45 -8.61 5.90 2.02
CA HIS A 45 -7.18 5.58 1.76
C HIS A 45 -6.82 4.22 2.39
N TYR A 46 -5.57 3.97 2.64
CA TYR A 46 -5.20 2.66 3.25
C TYR A 46 -5.02 2.78 4.76
N ASN A 47 -5.49 1.81 5.49
CA ASN A 47 -5.36 1.83 6.98
C ASN A 47 -4.51 0.64 7.43
N ALA A 48 -3.21 0.75 7.31
CA ALA A 48 -2.30 -0.36 7.71
C ALA A 48 -2.69 -0.94 9.09
N TYR A 49 -2.54 -0.16 10.13
CA TYR A 49 -2.89 -0.68 11.49
C TYR A 49 -4.28 -1.32 11.48
N LEU A 50 -5.09 -0.96 10.52
CA LEU A 50 -6.46 -1.53 10.47
C LEU A 50 -6.58 -2.51 9.29
N LYS A 51 -5.48 -2.92 8.73
CA LYS A 51 -5.52 -3.89 7.59
C LYS A 51 -6.68 -3.58 6.63
N VAL A 52 -7.13 -2.36 6.57
CA VAL A 52 -8.25 -2.01 5.65
C VAL A 52 -8.07 -0.59 5.13
N CYS A 53 -9.11 0.01 4.64
CA CYS A 53 -8.99 1.41 4.12
C CYS A 53 -9.78 2.37 5.01
N ASP A 54 -9.51 3.64 4.94
CA ASP A 54 -10.25 4.62 5.77
C ASP A 54 -10.06 6.04 5.23
N TRP A 55 -10.82 6.98 5.73
CA TRP A 55 -10.67 8.39 5.24
C TRP A 55 -9.19 8.74 5.10
N PRO A 56 -8.93 9.71 4.26
CA PRO A 56 -7.54 10.16 4.03
C PRO A 56 -7.02 10.95 5.24
N SER A 57 -7.88 11.26 6.17
CA SER A 57 -7.43 12.02 7.37
C SER A 57 -6.87 11.05 8.42
N LYS A 58 -7.46 9.89 8.54
CA LYS A 58 -6.96 8.91 9.55
C LYS A 58 -6.03 7.90 8.89
N ALA A 59 -6.33 7.51 7.67
CA ALA A 59 -5.45 6.54 6.97
C ALA A 59 -4.14 7.19 6.56
N GLY A 60 -4.05 8.50 6.63
CA GLY A 60 -2.80 9.21 6.25
C GLY A 60 -2.36 8.75 4.86
N CYS A 61 -1.34 9.36 4.32
CA CYS A 61 -0.87 8.96 2.96
C CYS A 61 0.50 9.57 2.66
N THR A 62 1.50 9.20 3.41
CA THR A 62 2.86 9.76 3.16
C THR A 62 3.69 8.76 2.35
N SER A 63 3.26 8.45 1.16
CA SER A 63 4.02 7.48 0.32
C SER A 63 4.50 8.14 -0.97
N VAL A 64 5.10 9.31 -0.85
CA VAL A 64 5.60 10.02 -2.06
C VAL A 64 4.67 9.82 -3.25
N ASN A 65 3.40 9.63 -3.00
CA ASN A 65 2.44 9.45 -4.13
C ASN A 65 1.01 9.73 -3.66
N LYS A 66 0.76 10.92 -3.19
CA LYS A 66 -0.62 11.26 -2.71
C LYS A 66 -1.48 11.70 -3.89
N GLU A 67 -1.53 10.92 -4.93
CA GLU A 67 -2.36 11.31 -6.12
C GLU A 67 -2.84 10.07 -6.88
N CYS A 68 -2.05 9.04 -6.93
CA CYS A 68 -2.47 7.81 -7.68
C CYS A 68 -3.09 8.23 -9.03
N HIS A 69 -4.19 7.63 -9.41
CA HIS A 69 -4.84 8.00 -10.70
C HIS A 69 -3.80 8.27 -11.77
N LEU A 70 -2.72 7.51 -11.80
CA LEU A 70 -1.68 7.76 -12.83
C LEU A 70 -1.01 6.45 -13.25
N TRP A 71 0.15 6.55 -13.85
CA TRP A 71 0.88 5.33 -14.33
C TRP A 71 -0.04 4.42 -15.13
N LYS A 72 0.49 3.39 -15.72
CA LYS A 72 -0.36 2.46 -16.52
C LYS A 72 0.46 1.24 -16.95
N THR A 73 -0.12 0.07 -16.89
CA THR A 73 0.62 -1.15 -17.29
C THR A 73 0.00 -1.76 -18.56
N TYR A 1 20.89 -10.17 -0.33
CA TYR A 1 20.20 -8.88 -0.65
C TYR A 1 19.52 -8.33 0.61
N LEU A 2 18.59 -7.42 0.43
CA LEU A 2 17.87 -6.86 1.61
C LEU A 2 16.93 -7.93 2.17
N ALA A 3 15.83 -7.53 2.75
CA ALA A 3 14.87 -8.54 3.29
C ALA A 3 13.96 -9.01 2.16
N PHE A 4 13.92 -8.27 1.08
CA PHE A 4 13.06 -8.65 -0.07
C PHE A 4 13.64 -8.03 -1.35
N ARG A 5 13.28 -8.56 -2.48
CA ARG A 5 13.81 -7.99 -3.76
C ARG A 5 12.88 -8.36 -4.92
N CYS A 6 11.59 -8.29 -4.70
CA CYS A 6 10.64 -8.64 -5.79
C CYS A 6 10.19 -7.38 -6.54
N GLY A 7 10.67 -6.23 -6.13
CA GLY A 7 10.27 -4.97 -6.83
C GLY A 7 9.30 -4.17 -5.96
N ARG A 8 8.59 -3.25 -6.54
CA ARG A 8 7.62 -2.44 -5.74
C ARG A 8 6.72 -3.35 -4.92
N TYR A 9 6.63 -4.59 -5.30
CA TYR A 9 5.76 -5.54 -4.54
C TYR A 9 6.55 -6.22 -3.42
N SER A 10 7.65 -5.64 -3.01
CA SER A 10 8.44 -6.26 -1.91
C SER A 10 8.65 -5.30 -0.72
N PRO A 11 7.69 -4.45 -0.45
CA PRO A 11 7.81 -3.52 0.70
C PRO A 11 7.48 -4.26 2.00
N CYS A 12 7.35 -5.55 1.96
CA CYS A 12 6.98 -6.31 3.19
C CYS A 12 8.08 -7.30 3.61
N LEU A 13 7.91 -7.90 4.76
CA LEU A 13 8.90 -8.89 5.26
C LEU A 13 8.16 -10.16 5.71
N ASP A 14 6.85 -10.17 5.62
CA ASP A 14 6.08 -11.37 6.06
C ASP A 14 5.00 -11.71 5.02
N ASP A 15 3.79 -11.98 5.46
CA ASP A 15 2.71 -12.32 4.50
C ASP A 15 1.37 -11.73 4.95
N GLY A 16 1.37 -10.52 5.45
CA GLY A 16 0.10 -9.89 5.89
C GLY A 16 -0.10 -8.56 5.16
N PRO A 17 -0.75 -7.64 5.80
CA PRO A 17 -0.98 -6.31 5.19
C PRO A 17 0.19 -5.38 5.53
N ASN A 18 0.68 -4.64 4.58
CA ASN A 18 1.83 -3.72 4.87
C ASN A 18 1.58 -2.32 4.29
N VAL A 19 1.78 -1.30 5.08
CA VAL A 19 1.57 0.09 4.59
C VAL A 19 2.32 0.31 3.28
N ASN A 20 2.02 1.37 2.57
CA ASN A 20 2.73 1.64 1.29
C ASN A 20 3.38 3.02 1.33
N LEU A 21 4.65 3.09 1.04
CA LEU A 21 5.35 4.41 1.05
C LEU A 21 5.55 4.91 -0.37
N TYR A 22 4.74 4.46 -1.28
CA TYR A 22 4.87 4.91 -2.70
C TYR A 22 3.48 5.08 -3.33
N SER A 23 2.45 5.11 -2.53
CA SER A 23 1.08 5.28 -3.08
C SER A 23 0.15 5.88 -2.01
N CYS A 24 -1.08 6.11 -2.35
CA CYS A 24 -2.03 6.70 -1.35
C CYS A 24 -3.42 6.08 -1.48
N CYS A 25 -3.82 5.72 -2.67
CA CYS A 25 -5.18 5.12 -2.84
C CYS A 25 -5.16 3.63 -2.48
N SER A 26 -4.00 3.06 -2.30
CA SER A 26 -3.92 1.62 -1.94
C SER A 26 -2.67 1.34 -1.10
N PHE A 27 -2.60 0.18 -0.49
CA PHE A 27 -1.41 -0.15 0.33
C PHE A 27 -0.75 -1.43 -0.19
N TYR A 28 0.03 -2.11 0.61
CA TYR A 28 0.69 -3.35 0.10
C TYR A 28 0.28 -4.60 0.88
N ASN A 29 -0.32 -5.55 0.22
CA ASN A 29 -0.69 -6.81 0.91
C ASN A 29 0.44 -7.82 0.67
N CYS A 30 1.02 -8.35 1.71
CA CYS A 30 2.16 -9.30 1.52
C CYS A 30 1.69 -10.69 1.10
N HIS A 31 2.36 -11.29 0.15
CA HIS A 31 1.99 -12.65 -0.31
C HIS A 31 3.19 -13.35 -0.95
N LYS A 32 4.06 -13.92 -0.17
CA LYS A 32 5.26 -14.61 -0.74
C LYS A 32 5.98 -13.67 -1.72
N CYS A 33 6.88 -12.85 -1.23
CA CYS A 33 7.61 -11.91 -2.13
C CYS A 33 6.65 -11.34 -3.18
N LEU A 34 5.40 -11.25 -2.86
CA LEU A 34 4.41 -10.70 -3.82
C LEU A 34 3.51 -9.71 -3.11
N ALA A 35 3.89 -8.46 -3.06
CA ALA A 35 3.05 -7.45 -2.37
C ALA A 35 2.14 -6.76 -3.38
N ARG A 36 0.93 -7.24 -3.52
CA ARG A 36 -0.01 -6.61 -4.49
C ARG A 36 -0.67 -5.39 -3.85
N LEU A 37 -0.87 -4.35 -4.61
CA LEU A 37 -1.51 -3.13 -4.04
C LEU A 37 -3.03 -3.33 -3.97
N GLU A 38 -3.60 -3.17 -2.80
CA GLU A 38 -5.07 -3.37 -2.66
C GLU A 38 -5.79 -2.02 -2.54
N ASN A 39 -7.06 -2.00 -2.83
CA ASN A 39 -7.83 -0.73 -2.73
C ASN A 39 -8.75 -0.77 -1.50
N CYS A 40 -9.63 0.18 -1.37
CA CYS A 40 -10.55 0.18 -0.20
C CYS A 40 -12.00 0.06 -0.67
N PRO A 41 -12.86 -0.28 0.26
CA PRO A 41 -14.30 -0.44 -0.05
C PRO A 41 -14.96 0.93 -0.26
N LYS A 42 -15.64 1.11 -1.36
CA LYS A 42 -16.32 2.41 -1.62
C LYS A 42 -15.28 3.54 -1.76
N GLY A 43 -14.41 3.44 -2.72
CA GLY A 43 -13.37 4.50 -2.92
C GLY A 43 -12.84 4.98 -1.57
N LEU A 44 -12.26 4.10 -0.81
CA LEU A 44 -11.70 4.52 0.52
C LEU A 44 -10.17 4.53 0.46
N HIS A 45 -9.54 5.06 1.48
CA HIS A 45 -8.04 5.10 1.47
C HIS A 45 -7.48 4.01 2.39
N TYR A 46 -6.19 3.85 2.41
CA TYR A 46 -5.59 2.78 3.27
C TYR A 46 -5.18 3.33 4.63
N ASN A 47 -4.88 2.44 5.55
CA ASN A 47 -4.46 2.88 6.91
C ASN A 47 -3.28 2.01 7.38
N ALA A 48 -2.18 2.61 7.72
CA ALA A 48 -0.99 1.81 8.14
C ALA A 48 -0.97 1.53 9.65
N TYR A 49 -1.85 2.12 10.42
CA TYR A 49 -1.83 1.83 11.88
C TYR A 49 -2.98 0.89 12.24
N LEU A 50 -4.02 0.88 11.46
CA LEU A 50 -5.16 -0.05 11.75
C LEU A 50 -5.10 -1.24 10.80
N LYS A 51 -4.10 -1.30 9.95
CA LYS A 51 -4.00 -2.44 9.00
C LYS A 51 -5.32 -2.57 8.24
N VAL A 52 -5.85 -1.48 7.77
CA VAL A 52 -7.15 -1.53 7.03
C VAL A 52 -7.31 -0.30 6.14
N CYS A 53 -8.47 -0.11 5.59
CA CYS A 53 -8.70 1.09 4.72
C CYS A 53 -9.64 2.07 5.42
N ASP A 54 -9.56 3.32 5.08
CA ASP A 54 -10.44 4.33 5.74
C ASP A 54 -10.45 5.64 4.94
N TRP A 55 -11.32 6.55 5.28
CA TRP A 55 -11.37 7.84 4.54
C TRP A 55 -9.97 8.47 4.49
N PRO A 56 -9.73 9.19 3.43
CA PRO A 56 -8.42 9.87 3.25
C PRO A 56 -8.27 11.03 4.22
N SER A 57 -9.28 11.30 5.01
CA SER A 57 -9.19 12.42 5.98
C SER A 57 -8.34 12.04 7.19
N LYS A 58 -8.13 10.78 7.42
CA LYS A 58 -7.31 10.38 8.60
C LYS A 58 -6.56 9.07 8.35
N ALA A 59 -6.54 8.60 7.13
CA ALA A 59 -5.80 7.33 6.85
C ALA A 59 -4.31 7.62 6.62
N GLY A 60 -3.94 8.87 6.61
CA GLY A 60 -2.50 9.22 6.41
C GLY A 60 -2.07 8.77 5.01
N CYS A 61 -1.62 9.69 4.20
CA CYS A 61 -1.17 9.32 2.83
C CYS A 61 0.15 10.01 2.48
N THR A 62 1.03 10.14 3.44
CA THR A 62 2.34 10.80 3.16
C THR A 62 3.36 9.75 2.73
N SER A 63 3.07 9.01 1.70
CA SER A 63 4.02 7.96 1.24
C SER A 63 4.70 8.40 -0.07
N VAL A 64 5.23 9.59 -0.09
CA VAL A 64 5.91 10.09 -1.32
C VAL A 64 5.06 9.80 -2.57
N ASN A 65 3.77 9.63 -2.41
CA ASN A 65 2.91 9.35 -3.59
C ASN A 65 1.44 9.67 -3.26
N LYS A 66 1.09 10.93 -3.30
CA LYS A 66 -0.33 11.32 -2.99
C LYS A 66 -1.19 11.16 -4.24
N GLU A 67 -0.58 11.21 -5.40
CA GLU A 67 -1.38 11.07 -6.66
C GLU A 67 -1.43 9.60 -7.09
N CYS A 68 -2.60 9.12 -7.43
CA CYS A 68 -2.71 7.70 -7.85
C CYS A 68 -2.86 7.60 -9.37
N HIS A 69 -2.11 8.36 -10.11
CA HIS A 69 -2.22 8.31 -11.59
C HIS A 69 -0.84 8.09 -12.21
N LEU A 70 0.05 9.04 -12.09
CA LEU A 70 1.41 8.87 -12.68
C LEU A 70 2.29 8.00 -11.78
N TRP A 71 3.50 7.74 -12.18
CA TRP A 71 4.41 6.90 -11.36
C TRP A 71 5.85 7.01 -11.86
N LYS A 72 6.40 8.19 -11.84
CA LYS A 72 7.80 8.36 -12.31
C LYS A 72 8.77 8.29 -11.12
N THR A 73 8.27 8.48 -9.92
CA THR A 73 9.16 8.41 -8.73
C THR A 73 10.46 9.19 -9.00
N TYR A 1 13.32 2.39 2.49
CA TYR A 1 13.75 1.72 1.24
C TYR A 1 13.13 0.33 1.14
N LEU A 2 13.68 -0.52 0.31
CA LEU A 2 13.11 -1.90 0.17
C LEU A 2 14.01 -2.76 -0.72
N ALA A 3 15.28 -2.76 -0.44
CA ALA A 3 16.26 -3.56 -1.25
C ALA A 3 15.59 -4.80 -1.86
N PHE A 4 15.73 -5.94 -1.24
CA PHE A 4 15.09 -7.18 -1.80
C PHE A 4 15.16 -7.14 -3.33
N ARG A 5 14.11 -7.58 -3.98
CA ARG A 5 14.10 -7.53 -5.47
C ARG A 5 12.81 -8.15 -6.01
N CYS A 6 11.72 -8.04 -5.28
CA CYS A 6 10.44 -8.63 -5.76
C CYS A 6 9.73 -7.65 -6.71
N GLY A 7 9.97 -6.38 -6.55
CA GLY A 7 9.32 -5.38 -7.44
C GLY A 7 8.70 -4.25 -6.62
N ARG A 8 7.75 -3.55 -7.18
CA ARG A 8 7.09 -2.43 -6.44
C ARG A 8 6.23 -3.00 -5.31
N TYR A 9 6.11 -4.29 -5.22
CA TYR A 9 5.27 -4.89 -4.13
C TYR A 9 6.14 -5.68 -3.16
N SER A 10 7.33 -5.22 -2.88
CA SER A 10 8.20 -5.95 -1.92
C SER A 10 8.53 -5.07 -0.70
N PRO A 11 7.53 -4.37 -0.22
CA PRO A 11 7.72 -3.48 0.95
C PRO A 11 7.83 -4.32 2.24
N CYS A 12 7.72 -5.61 2.13
CA CYS A 12 7.81 -6.46 3.35
C CYS A 12 8.95 -7.47 3.23
N LEU A 13 9.46 -7.92 4.34
CA LEU A 13 10.57 -8.91 4.31
C LEU A 13 10.02 -10.31 4.57
N ASP A 14 8.76 -10.41 4.92
CA ASP A 14 8.17 -11.76 5.18
C ASP A 14 6.74 -11.82 4.65
N ASP A 15 5.77 -11.46 5.46
CA ASP A 15 4.36 -11.50 4.99
C ASP A 15 3.45 -10.69 5.93
N GLY A 16 2.37 -10.17 5.44
CA GLY A 16 1.45 -9.37 6.30
C GLY A 16 1.11 -8.05 5.62
N PRO A 17 -0.01 -7.49 5.99
CA PRO A 17 -0.46 -6.21 5.41
C PRO A 17 0.41 -5.06 5.91
N ASN A 18 1.30 -4.58 5.08
CA ASN A 18 2.19 -3.46 5.50
C ASN A 18 1.76 -2.15 4.85
N VAL A 19 1.95 -1.05 5.53
CA VAL A 19 1.56 0.26 4.93
C VAL A 19 2.32 0.51 3.64
N ASN A 20 1.78 1.30 2.75
CA ASN A 20 2.49 1.57 1.46
C ASN A 20 2.98 3.02 1.42
N LEU A 21 4.25 3.21 1.23
CA LEU A 21 4.79 4.61 1.18
C LEU A 21 5.01 5.04 -0.28
N TYR A 22 4.63 4.21 -1.21
CA TYR A 22 4.80 4.56 -2.65
C TYR A 22 3.44 4.88 -3.28
N SER A 23 2.41 4.91 -2.48
CA SER A 23 1.05 5.21 -3.02
C SER A 23 0.12 5.66 -1.89
N CYS A 24 -1.09 6.03 -2.20
CA CYS A 24 -2.03 6.48 -1.14
C CYS A 24 -3.40 5.83 -1.30
N CYS A 25 -3.73 5.36 -2.48
CA CYS A 25 -5.06 4.73 -2.67
C CYS A 25 -5.05 3.28 -2.19
N SER A 26 -4.04 2.53 -2.55
CA SER A 26 -3.99 1.10 -2.11
C SER A 26 -2.72 0.83 -1.29
N PHE A 27 -2.81 -0.04 -0.33
CA PHE A 27 -1.60 -0.35 0.50
C PHE A 27 -0.92 -1.61 -0.03
N TYR A 28 -0.13 -2.28 0.76
CA TYR A 28 0.56 -3.50 0.25
C TYR A 28 0.19 -4.74 1.06
N ASN A 29 -0.23 -5.79 0.40
CA ASN A 29 -0.54 -7.06 1.12
C ASN A 29 0.51 -8.09 0.70
N CYS A 30 1.58 -8.18 1.45
CA CYS A 30 2.69 -9.11 1.08
C CYS A 30 2.39 -10.56 1.44
N HIS A 31 3.00 -11.46 0.73
CA HIS A 31 2.81 -12.92 0.98
C HIS A 31 3.97 -13.70 0.36
N LYS A 32 5.05 -13.84 1.08
CA LYS A 32 6.24 -14.56 0.53
C LYS A 32 6.69 -13.88 -0.77
N CYS A 33 6.94 -12.59 -0.69
CA CYS A 33 7.37 -11.81 -1.90
C CYS A 33 6.17 -11.48 -2.79
N LEU A 34 5.11 -12.23 -2.70
CA LEU A 34 3.91 -11.94 -3.53
C LEU A 34 3.07 -10.87 -2.85
N ALA A 35 3.18 -9.64 -3.29
CA ALA A 35 2.38 -8.56 -2.67
C ALA A 35 1.60 -7.78 -3.73
N ARG A 36 0.35 -7.48 -3.46
CA ARG A 36 -0.46 -6.73 -4.45
C ARG A 36 -1.03 -5.47 -3.77
N LEU A 37 -1.17 -4.40 -4.50
CA LEU A 37 -1.71 -3.17 -3.89
C LEU A 37 -3.24 -3.27 -3.75
N GLU A 38 -3.73 -3.37 -2.55
CA GLU A 38 -5.21 -3.48 -2.36
C GLU A 38 -5.86 -2.09 -2.40
N ASN A 39 -6.89 -1.94 -3.19
CA ASN A 39 -7.58 -0.62 -3.28
C ASN A 39 -8.72 -0.54 -2.26
N CYS A 40 -9.09 0.65 -1.87
CA CYS A 40 -10.19 0.80 -0.88
C CYS A 40 -11.48 1.24 -1.61
N PRO A 41 -12.58 1.13 -0.91
CA PRO A 41 -13.89 1.51 -1.51
C PRO A 41 -14.00 3.04 -1.59
N LYS A 42 -14.50 3.54 -2.69
CA LYS A 42 -14.65 5.01 -2.84
C LYS A 42 -13.28 5.70 -2.75
N GLY A 43 -12.32 5.22 -3.50
CA GLY A 43 -10.97 5.84 -3.46
C GLY A 43 -10.57 6.15 -2.01
N LEU A 44 -10.85 5.25 -1.11
CA LEU A 44 -10.49 5.49 0.32
C LEU A 44 -9.00 5.20 0.54
N HIS A 45 -8.47 5.63 1.65
CA HIS A 45 -7.03 5.37 1.92
C HIS A 45 -6.89 4.23 2.94
N TYR A 46 -5.85 3.45 2.82
CA TYR A 46 -5.66 2.31 3.78
C TYR A 46 -5.20 2.85 5.14
N ASN A 47 -5.64 2.22 6.20
CA ASN A 47 -5.24 2.68 7.56
C ASN A 47 -4.40 1.60 8.24
N ALA A 48 -3.10 1.73 8.23
CA ALA A 48 -2.24 0.71 8.89
C ALA A 48 -2.65 0.53 10.35
N TYR A 49 -3.15 1.56 10.97
CA TYR A 49 -3.58 1.44 12.38
C TYR A 49 -4.75 0.46 12.49
N LEU A 50 -5.30 0.06 11.37
CA LEU A 50 -6.45 -0.89 11.42
C LEU A 50 -6.33 -1.92 10.28
N LYS A 51 -5.23 -1.93 9.58
CA LYS A 51 -5.07 -2.91 8.46
C LYS A 51 -6.31 -2.90 7.58
N VAL A 52 -6.99 -1.79 7.50
CA VAL A 52 -8.22 -1.71 6.66
C VAL A 52 -8.18 -0.48 5.76
N CYS A 53 -9.32 0.11 5.49
CA CYS A 53 -9.35 1.31 4.61
C CYS A 53 -10.07 2.46 5.31
N ASP A 54 -9.91 3.66 4.82
CA ASP A 54 -10.59 4.83 5.45
C ASP A 54 -10.27 6.11 4.67
N TRP A 55 -11.09 7.11 4.79
CA TRP A 55 -10.83 8.38 4.06
C TRP A 55 -9.34 8.75 4.15
N PRO A 56 -8.95 9.67 3.32
CA PRO A 56 -7.54 10.13 3.30
C PRO A 56 -7.22 10.97 4.54
N SER A 57 -8.17 11.73 5.01
CA SER A 57 -7.92 12.57 6.22
C SER A 57 -7.73 11.68 7.45
N LYS A 58 -8.10 10.43 7.36
CA LYS A 58 -7.94 9.52 8.52
C LYS A 58 -6.76 8.57 8.30
N ALA A 59 -6.83 7.77 7.27
CA ALA A 59 -5.71 6.83 6.99
C ALA A 59 -4.37 7.55 7.13
N GLY A 60 -4.15 8.57 6.34
CA GLY A 60 -2.86 9.31 6.43
C GLY A 60 -1.77 8.53 5.69
N CYS A 61 -1.48 8.92 4.48
CA CYS A 61 -0.43 8.19 3.71
C CYS A 61 0.59 9.19 3.14
N THR A 62 1.76 9.26 3.71
CA THR A 62 2.78 10.20 3.20
C THR A 62 3.59 9.54 2.09
N SER A 63 2.94 8.80 1.23
CA SER A 63 3.68 8.14 0.12
C SER A 63 4.00 9.15 -0.99
N VAL A 64 5.08 8.97 -1.69
CA VAL A 64 5.44 9.92 -2.77
C VAL A 64 4.19 10.31 -3.57
N ASN A 65 3.30 9.38 -3.79
CA ASN A 65 2.07 9.70 -4.56
C ASN A 65 0.93 10.06 -3.59
N LYS A 66 0.17 11.07 -3.91
CA LYS A 66 -0.95 11.47 -2.99
C LYS A 66 -2.28 11.43 -3.74
N GLU A 67 -2.40 10.57 -4.73
CA GLU A 67 -3.67 10.48 -5.49
C GLU A 67 -4.01 9.02 -5.78
N CYS A 68 -5.18 8.76 -6.32
CA CYS A 68 -5.57 7.36 -6.63
C CYS A 68 -5.87 7.23 -8.13
N HIS A 69 -5.58 8.24 -8.90
CA HIS A 69 -5.84 8.16 -10.36
C HIS A 69 -4.53 7.94 -11.12
N LEU A 70 -3.80 6.92 -10.78
CA LEU A 70 -2.51 6.66 -11.48
C LEU A 70 -2.70 5.55 -12.52
N TRP A 71 -1.62 4.90 -12.91
CA TRP A 71 -1.74 3.80 -13.91
C TRP A 71 -2.10 4.38 -15.29
N LYS A 72 -2.10 3.57 -16.31
CA LYS A 72 -2.45 4.08 -17.67
C LYS A 72 -3.67 5.00 -17.58
N THR A 73 -4.51 4.80 -16.61
CA THR A 73 -5.72 5.67 -16.47
C THR A 73 -6.66 5.46 -17.66
N TYR A 1 21.57 -2.21 1.08
CA TYR A 1 21.06 -3.37 1.85
C TYR A 1 19.95 -4.08 1.08
N LEU A 2 18.73 -3.67 1.28
CA LEU A 2 17.60 -4.32 0.56
C LEU A 2 17.74 -5.84 0.61
N ALA A 3 17.08 -6.48 1.55
CA ALA A 3 17.17 -7.95 1.65
C ALA A 3 16.20 -8.62 0.68
N PHE A 4 15.24 -7.88 0.18
CA PHE A 4 14.26 -8.47 -0.77
C PHE A 4 14.24 -7.65 -2.07
N ARG A 5 13.65 -8.18 -3.11
CA ARG A 5 13.60 -7.43 -4.40
C ARG A 5 12.46 -7.95 -5.27
N CYS A 6 11.28 -8.08 -4.71
CA CYS A 6 10.12 -8.56 -5.52
C CYS A 6 9.56 -7.42 -6.38
N GLY A 7 10.17 -6.26 -6.32
CA GLY A 7 9.68 -5.11 -7.14
C GLY A 7 8.87 -4.15 -6.27
N ARG A 8 7.94 -3.44 -6.86
CA ARG A 8 7.10 -2.49 -6.07
C ARG A 8 6.31 -3.24 -5.01
N TYR A 9 6.31 -4.54 -5.07
CA TYR A 9 5.55 -5.32 -4.07
C TYR A 9 6.50 -6.05 -3.13
N SER A 10 7.57 -5.41 -2.71
CA SER A 10 8.51 -6.07 -1.78
C SER A 10 8.90 -5.16 -0.60
N PRO A 11 7.98 -4.34 -0.14
CA PRO A 11 8.28 -3.47 1.02
C PRO A 11 8.15 -4.28 2.31
N CYS A 12 7.99 -5.57 2.20
CA CYS A 12 7.84 -6.41 3.43
C CYS A 12 8.96 -7.45 3.51
N LEU A 13 9.10 -8.08 4.65
CA LEU A 13 10.16 -9.12 4.80
C LEU A 13 9.52 -10.49 5.02
N ASP A 14 8.23 -10.53 5.18
CA ASP A 14 7.54 -11.84 5.39
C ASP A 14 6.19 -11.85 4.66
N ASP A 15 5.19 -11.28 5.25
CA ASP A 15 3.84 -11.26 4.59
C ASP A 15 2.85 -10.46 5.44
N GLY A 16 1.60 -10.48 5.07
CA GLY A 16 0.57 -9.73 5.85
C GLY A 16 0.33 -8.37 5.18
N PRO A 17 -0.72 -7.73 5.60
CA PRO A 17 -1.08 -6.40 5.06
C PRO A 17 -0.10 -5.33 5.55
N ASN A 18 0.64 -4.72 4.66
CA ASN A 18 1.61 -3.68 5.08
C ASN A 18 1.20 -2.31 4.52
N VAL A 19 1.93 -1.28 4.86
CA VAL A 19 1.58 0.08 4.36
C VAL A 19 2.26 0.34 3.00
N ASN A 20 1.69 1.20 2.21
CA ASN A 20 2.30 1.49 0.87
C ASN A 20 2.91 2.89 0.88
N LEU A 21 4.10 3.03 0.34
CA LEU A 21 4.76 4.37 0.31
C LEU A 21 4.86 4.89 -1.12
N TYR A 22 4.62 4.05 -2.09
CA TYR A 22 4.70 4.50 -3.51
C TYR A 22 3.30 4.82 -4.02
N SER A 23 2.32 4.81 -3.17
CA SER A 23 0.93 5.13 -3.61
C SER A 23 0.11 5.63 -2.41
N CYS A 24 -1.06 6.16 -2.66
CA CYS A 24 -1.89 6.68 -1.54
C CYS A 24 -3.31 6.10 -1.62
N CYS A 25 -3.78 5.81 -2.80
CA CYS A 25 -5.16 5.25 -2.94
C CYS A 25 -5.11 3.72 -2.97
N SER A 26 -4.02 3.14 -2.56
CA SER A 26 -3.91 1.66 -2.56
C SER A 26 -2.84 1.20 -1.57
N PHE A 27 -3.19 0.33 -0.67
CA PHE A 27 -2.19 -0.14 0.33
C PHE A 27 -1.52 -1.43 -0.17
N TYR A 28 -0.69 -2.03 0.63
CA TYR A 28 0.00 -3.27 0.16
C TYR A 28 -0.51 -4.52 0.92
N ASN A 29 -0.27 -5.67 0.35
CA ASN A 29 -0.67 -6.95 1.00
C ASN A 29 0.42 -7.97 0.69
N CYS A 30 1.35 -8.12 1.59
CA CYS A 30 2.50 -9.05 1.33
C CYS A 30 2.13 -10.52 1.55
N HIS A 31 2.64 -11.37 0.71
CA HIS A 31 2.39 -12.83 0.82
C HIS A 31 3.68 -13.56 0.43
N LYS A 32 4.59 -13.71 1.37
CA LYS A 32 5.89 -14.37 1.06
C LYS A 32 6.79 -13.39 0.30
N CYS A 33 6.28 -12.82 -0.76
CA CYS A 33 7.07 -11.84 -1.56
C CYS A 33 6.14 -11.02 -2.47
N LEU A 34 5.03 -11.58 -2.86
CA LEU A 34 4.08 -10.86 -3.75
C LEU A 34 3.19 -9.93 -2.92
N ALA A 35 3.39 -8.65 -3.02
CA ALA A 35 2.53 -7.70 -2.26
C ALA A 35 1.36 -7.25 -3.13
N ARG A 36 0.16 -7.68 -2.83
CA ARG A 36 -1.00 -7.28 -3.67
C ARG A 36 -1.45 -5.87 -3.30
N LEU A 37 -1.83 -5.08 -4.26
CA LEU A 37 -2.27 -3.69 -3.96
C LEU A 37 -3.80 -3.61 -3.89
N GLU A 38 -4.32 -3.24 -2.75
CA GLU A 38 -5.80 -3.11 -2.61
C GLU A 38 -6.19 -1.63 -2.58
N ASN A 39 -7.04 -1.21 -3.48
CA ASN A 39 -7.43 0.23 -3.51
C ASN A 39 -8.58 0.51 -2.54
N CYS A 40 -8.53 -0.07 -1.38
CA CYS A 40 -9.60 0.17 -0.37
C CYS A 40 -10.99 -0.06 -0.98
N PRO A 41 -11.97 -0.12 -0.12
CA PRO A 41 -13.37 -0.32 -0.58
C PRO A 41 -13.91 0.98 -1.17
N LYS A 42 -14.67 0.89 -2.23
CA LYS A 42 -15.23 2.13 -2.85
C LYS A 42 -14.09 3.08 -3.23
N GLY A 43 -13.75 3.99 -2.37
CA GLY A 43 -12.66 4.94 -2.69
C GLY A 43 -11.96 5.37 -1.39
N LEU A 44 -11.86 4.48 -0.44
CA LEU A 44 -11.21 4.84 0.85
C LEU A 44 -9.69 4.73 0.73
N HIS A 45 -8.97 5.20 1.71
CA HIS A 45 -7.48 5.11 1.65
C HIS A 45 -6.98 3.97 2.54
N TYR A 46 -5.70 3.80 2.67
CA TYR A 46 -5.18 2.69 3.52
C TYR A 46 -4.82 3.19 4.92
N ASN A 47 -5.10 2.39 5.92
CA ASN A 47 -4.78 2.79 7.32
C ASN A 47 -3.80 1.78 7.92
N ALA A 48 -2.54 2.09 7.94
CA ALA A 48 -1.53 1.13 8.50
C ALA A 48 -1.78 0.92 10.00
N TYR A 49 -2.58 1.74 10.61
CA TYR A 49 -2.85 1.59 12.06
C TYR A 49 -4.02 0.62 12.29
N LEU A 50 -4.83 0.40 11.29
CA LEU A 50 -5.98 -0.54 11.45
C LEU A 50 -5.80 -1.75 10.54
N LYS A 51 -4.76 -1.77 9.76
CA LYS A 51 -4.54 -2.93 8.83
C LYS A 51 -5.68 -2.99 7.82
N VAL A 52 -6.27 -1.87 7.50
CA VAL A 52 -7.39 -1.85 6.52
C VAL A 52 -7.35 -0.56 5.71
N CYS A 53 -8.49 -0.11 5.24
CA CYS A 53 -8.51 1.15 4.45
C CYS A 53 -9.56 2.11 5.01
N ASP A 54 -9.24 3.38 5.08
CA ASP A 54 -10.22 4.37 5.62
C ASP A 54 -10.07 5.71 4.89
N TRP A 55 -10.94 6.65 5.16
CA TRP A 55 -10.85 7.96 4.47
C TRP A 55 -9.40 8.44 4.43
N PRO A 56 -9.16 9.43 3.61
CA PRO A 56 -7.80 9.99 3.48
C PRO A 56 -7.42 10.80 4.73
N SER A 57 -8.21 11.78 5.07
CA SER A 57 -7.91 12.60 6.27
C SER A 57 -7.67 11.69 7.48
N LYS A 58 -8.42 10.62 7.58
CA LYS A 58 -8.24 9.69 8.74
C LYS A 58 -7.06 8.76 8.48
N ALA A 59 -7.00 8.16 7.31
CA ALA A 59 -5.87 7.24 7.00
C ALA A 59 -4.57 8.03 6.86
N GLY A 60 -4.61 9.12 6.13
CA GLY A 60 -3.37 9.93 5.95
C GLY A 60 -2.26 9.05 5.37
N CYS A 61 -1.94 9.22 4.12
CA CYS A 61 -0.87 8.40 3.50
C CYS A 61 0.34 9.27 3.15
N THR A 62 1.47 9.01 3.75
CA THR A 62 2.67 9.83 3.45
C THR A 62 3.52 9.12 2.39
N SER A 63 2.91 8.47 1.45
CA SER A 63 3.68 7.77 0.39
C SER A 63 4.25 8.77 -0.61
N VAL A 64 5.37 8.46 -1.20
CA VAL A 64 5.98 9.41 -2.19
C VAL A 64 4.92 9.88 -3.19
N ASN A 65 3.90 9.09 -3.40
CA ASN A 65 2.84 9.48 -4.37
C ASN A 65 1.58 9.94 -3.61
N LYS A 66 1.41 11.23 -3.46
CA LYS A 66 0.21 11.74 -2.73
C LYS A 66 -0.71 12.51 -3.70
N GLU A 67 -1.25 11.83 -4.68
CA GLU A 67 -2.14 12.53 -5.64
C GLU A 67 -3.34 11.64 -6.01
N CYS A 68 -3.09 10.38 -6.25
CA CYS A 68 -4.19 9.45 -6.62
C CYS A 68 -4.83 9.85 -7.96
N HIS A 69 -5.33 11.05 -8.07
CA HIS A 69 -5.95 11.50 -9.34
C HIS A 69 -5.14 11.00 -10.55
N LEU A 70 -3.86 10.80 -10.37
CA LEU A 70 -3.03 10.31 -11.50
C LEU A 70 -2.34 9.00 -11.15
N TRP A 71 -1.95 8.26 -12.14
CA TRP A 71 -1.28 6.96 -11.87
C TRP A 71 0.13 6.94 -12.45
N LYS A 72 0.22 6.77 -13.74
CA LYS A 72 1.52 6.72 -14.45
C LYS A 72 1.32 5.97 -15.77
N THR A 73 0.30 5.16 -15.82
CA THR A 73 0.00 4.39 -17.06
C THR A 73 1.30 3.92 -17.73
N TYR A 1 20.88 -4.90 -7.35
CA TYR A 1 19.48 -5.42 -7.35
C TYR A 1 19.00 -5.68 -5.92
N LEU A 2 17.75 -5.96 -5.75
CA LEU A 2 17.22 -6.21 -4.38
C LEU A 2 17.65 -7.60 -3.89
N ALA A 3 18.19 -7.67 -2.71
CA ALA A 3 18.66 -8.98 -2.17
C ALA A 3 17.45 -9.87 -1.79
N PHE A 4 16.26 -9.37 -1.98
CA PHE A 4 15.06 -10.20 -1.63
C PHE A 4 14.17 -10.41 -2.86
N ARG A 5 14.33 -9.59 -3.87
CA ARG A 5 13.48 -9.74 -5.09
C ARG A 5 12.07 -9.27 -4.76
N CYS A 6 11.92 -8.59 -3.65
CA CYS A 6 10.57 -8.09 -3.25
C CYS A 6 10.58 -6.55 -3.24
N GLY A 7 10.64 -5.94 -4.41
CA GLY A 7 10.67 -4.44 -4.48
C GLY A 7 9.27 -3.85 -4.29
N ARG A 8 8.99 -2.70 -4.88
CA ARG A 8 7.63 -2.08 -4.71
C ARG A 8 6.55 -3.07 -5.12
N TYR A 9 6.87 -3.99 -5.98
CA TYR A 9 5.87 -5.00 -6.39
C TYR A 9 5.80 -6.06 -5.28
N SER A 10 6.70 -5.95 -4.34
CA SER A 10 6.75 -6.91 -3.20
C SER A 10 7.55 -6.28 -2.05
N PRO A 11 7.07 -5.16 -1.59
CA PRO A 11 7.75 -4.42 -0.49
C PRO A 11 7.64 -5.13 0.88
N CYS A 12 7.36 -6.41 0.90
CA CYS A 12 7.26 -7.11 2.21
C CYS A 12 8.07 -8.40 2.19
N LEU A 13 8.39 -8.93 3.35
CA LEU A 13 9.18 -10.20 3.40
C LEU A 13 8.63 -11.10 4.52
N ASP A 14 7.43 -10.84 4.97
CA ASP A 14 6.85 -11.68 6.05
C ASP A 14 5.32 -11.70 5.95
N ASP A 15 4.78 -11.32 4.82
CA ASP A 15 3.30 -11.32 4.66
C ASP A 15 2.65 -10.25 5.54
N GLY A 16 1.36 -10.08 5.43
CA GLY A 16 0.66 -9.06 6.26
C GLY A 16 0.53 -7.75 5.47
N PRO A 17 -0.64 -7.18 5.52
CA PRO A 17 -0.90 -5.91 4.79
C PRO A 17 -0.11 -4.77 5.44
N ASN A 18 1.02 -4.42 4.86
CA ASN A 18 1.85 -3.33 5.46
C ASN A 18 1.45 -1.96 4.89
N VAL A 19 2.17 -0.94 5.26
CA VAL A 19 1.85 0.43 4.76
C VAL A 19 2.37 0.60 3.32
N ASN A 20 2.34 1.80 2.82
CA ASN A 20 2.82 2.04 1.42
C ASN A 20 3.19 3.51 1.23
N LEU A 21 4.39 3.78 0.78
CA LEU A 21 4.81 5.20 0.58
C LEU A 21 4.93 5.51 -0.91
N TYR A 22 4.22 4.80 -1.73
CA TYR A 22 4.29 5.04 -3.21
C TYR A 22 2.90 5.03 -3.82
N SER A 23 1.88 5.22 -3.01
CA SER A 23 0.50 5.23 -3.55
C SER A 23 -0.50 5.57 -2.43
N CYS A 24 -0.93 6.79 -2.37
CA CYS A 24 -1.90 7.20 -1.29
C CYS A 24 -3.27 6.55 -1.50
N CYS A 25 -3.43 5.81 -2.56
CA CYS A 25 -4.75 5.16 -2.81
C CYS A 25 -4.57 3.65 -3.00
N SER A 26 -3.52 3.09 -2.45
CA SER A 26 -3.29 1.62 -2.60
C SER A 26 -2.32 1.14 -1.52
N PHE A 27 -2.81 0.41 -0.54
CA PHE A 27 -1.90 -0.09 0.53
C PHE A 27 -1.13 -1.33 0.02
N TYR A 28 -0.25 -1.86 0.82
CA TYR A 28 0.53 -3.05 0.37
C TYR A 28 0.01 -4.36 0.98
N ASN A 29 -0.74 -5.13 0.24
CA ASN A 29 -1.22 -6.44 0.80
C ASN A 29 -0.08 -7.45 0.61
N CYS A 30 0.73 -7.64 1.63
CA CYS A 30 1.89 -8.56 1.48
C CYS A 30 1.51 -10.04 1.61
N HIS A 31 2.39 -10.88 1.13
CA HIS A 31 2.20 -12.36 1.19
C HIS A 31 3.57 -13.01 1.01
N LYS A 32 4.21 -13.37 2.09
CA LYS A 32 5.58 -13.96 1.96
C LYS A 32 6.53 -12.88 1.42
N CYS A 33 6.65 -12.76 0.13
CA CYS A 33 7.52 -11.70 -0.45
C CYS A 33 6.72 -10.90 -1.48
N LEU A 34 5.52 -11.32 -1.79
CA LEU A 34 4.71 -10.58 -2.80
C LEU A 34 3.70 -9.67 -2.09
N ALA A 35 3.63 -8.43 -2.50
CA ALA A 35 2.65 -7.50 -1.86
C ALA A 35 1.88 -6.74 -2.95
N ARG A 36 0.68 -7.15 -3.22
CA ARG A 36 -0.12 -6.46 -4.27
C ARG A 36 -0.73 -5.18 -3.69
N LEU A 37 -0.77 -4.13 -4.47
CA LEU A 37 -1.35 -2.86 -3.96
C LEU A 37 -2.88 -2.92 -4.02
N GLU A 38 -3.53 -2.76 -2.89
CA GLU A 38 -5.02 -2.83 -2.88
C GLU A 38 -5.62 -1.42 -2.77
N ASN A 39 -6.56 -1.10 -3.60
CA ASN A 39 -7.19 0.25 -3.53
C ASN A 39 -8.39 0.24 -2.59
N CYS A 40 -8.47 1.18 -1.69
CA CYS A 40 -9.62 1.22 -0.75
C CYS A 40 -10.92 1.58 -1.48
N PRO A 41 -12.02 1.27 -0.86
CA PRO A 41 -13.34 1.56 -1.46
C PRO A 41 -13.65 3.06 -1.37
N LYS A 42 -14.61 3.52 -2.13
CA LYS A 42 -14.96 4.97 -2.09
C LYS A 42 -13.69 5.82 -2.05
N GLY A 43 -12.73 5.51 -2.88
CA GLY A 43 -11.47 6.30 -2.89
C GLY A 43 -11.01 6.55 -1.44
N LEU A 44 -11.03 5.54 -0.63
CA LEU A 44 -10.60 5.72 0.79
C LEU A 44 -9.08 5.57 0.90
N HIS A 45 -8.54 5.80 2.08
CA HIS A 45 -7.07 5.67 2.25
C HIS A 45 -6.74 4.31 2.86
N TYR A 46 -5.48 4.01 3.02
CA TYR A 46 -5.11 2.69 3.61
C TYR A 46 -4.69 2.84 5.08
N ASN A 47 -4.78 1.78 5.83
CA ASN A 47 -4.38 1.85 7.26
C ASN A 47 -3.25 0.84 7.54
N ALA A 48 -2.07 1.31 7.81
CA ALA A 48 -0.93 0.38 8.07
C ALA A 48 -0.96 -0.12 9.52
N TYR A 49 -1.84 0.41 10.32
CA TYR A 49 -1.90 -0.07 11.74
C TYR A 49 -3.22 -0.81 11.97
N LEU A 50 -4.06 -0.89 10.97
CA LEU A 50 -5.34 -1.62 11.11
C LEU A 50 -5.52 -2.58 9.93
N LYS A 51 -4.45 -2.84 9.22
CA LYS A 51 -4.54 -3.77 8.04
C LYS A 51 -5.85 -3.57 7.29
N VAL A 52 -6.23 -2.34 7.03
CA VAL A 52 -7.49 -2.09 6.30
C VAL A 52 -7.48 -0.69 5.67
N CYS A 53 -8.62 -0.19 5.29
CA CYS A 53 -8.67 1.17 4.66
C CYS A 53 -9.64 2.07 5.45
N ASP A 54 -9.40 3.35 5.44
CA ASP A 54 -10.32 4.27 6.18
C ASP A 54 -10.25 5.67 5.56
N TRP A 55 -11.20 6.51 5.88
CA TRP A 55 -11.20 7.89 5.31
C TRP A 55 -9.78 8.48 5.35
N PRO A 56 -9.61 9.56 4.64
CA PRO A 56 -8.29 10.23 4.59
C PRO A 56 -7.98 10.92 5.92
N SER A 57 -9.00 11.22 6.69
CA SER A 57 -8.77 11.90 7.99
C SER A 57 -8.33 10.87 9.04
N LYS A 58 -8.62 9.63 8.83
CA LYS A 58 -8.22 8.58 9.82
C LYS A 58 -6.97 7.85 9.33
N ALA A 59 -7.05 7.19 8.21
CA ALA A 59 -5.86 6.46 7.68
C ALA A 59 -4.72 7.44 7.39
N GLY A 60 -4.99 8.48 6.66
CA GLY A 60 -3.92 9.47 6.34
C GLY A 60 -2.80 8.77 5.56
N CYS A 61 -2.27 9.41 4.56
CA CYS A 61 -1.17 8.78 3.77
C CYS A 61 -0.21 9.84 3.23
N THR A 62 1.05 9.53 3.14
CA THR A 62 2.04 10.51 2.61
C THR A 62 3.00 9.82 1.66
N SER A 63 2.49 9.18 0.65
CA SER A 63 3.38 8.48 -0.33
C SER A 63 3.75 9.42 -1.48
N VAL A 64 4.76 9.09 -2.23
CA VAL A 64 5.15 9.96 -3.37
C VAL A 64 4.03 9.98 -4.42
N ASN A 65 3.22 8.95 -4.44
CA ASN A 65 2.11 8.90 -5.43
C ASN A 65 0.79 9.29 -4.76
N LYS A 66 0.20 10.38 -5.18
CA LYS A 66 -1.09 10.82 -4.55
C LYS A 66 -2.27 10.29 -5.36
N GLU A 67 -2.03 9.42 -6.31
CA GLU A 67 -3.15 8.88 -7.13
C GLU A 67 -2.81 7.50 -7.68
N CYS A 68 -3.79 6.72 -8.03
CA CYS A 68 -3.54 5.36 -8.57
C CYS A 68 -4.22 5.19 -9.93
N HIS A 69 -4.03 6.11 -10.83
CA HIS A 69 -4.68 5.98 -12.18
C HIS A 69 -3.66 6.23 -13.29
N LEU A 70 -2.40 6.16 -12.98
CA LEU A 70 -1.36 6.40 -14.03
C LEU A 70 -0.02 5.80 -13.60
N TRP A 71 0.23 4.57 -13.96
CA TRP A 71 1.53 3.92 -13.58
C TRP A 71 2.61 4.26 -14.61
N LYS A 72 2.31 5.15 -15.52
CA LYS A 72 3.31 5.53 -16.57
C LYS A 72 3.47 4.39 -17.58
N THR A 73 2.75 3.31 -17.41
CA THR A 73 2.87 2.17 -18.36
C THR A 73 4.34 1.94 -18.74
N TYR A 1 19.53 -5.38 -9.11
CA TYR A 1 19.46 -6.70 -8.42
C TYR A 1 18.13 -6.82 -7.65
N LEU A 2 17.74 -8.02 -7.33
CA LEU A 2 16.46 -8.21 -6.58
C LEU A 2 16.57 -9.40 -5.63
N ALA A 3 16.63 -9.16 -4.36
CA ALA A 3 16.74 -10.28 -3.38
C ALA A 3 15.40 -11.02 -3.28
N PHE A 4 14.39 -10.53 -3.95
CA PHE A 4 13.06 -11.20 -3.88
C PHE A 4 12.49 -11.42 -5.29
N ARG A 5 12.94 -10.65 -6.25
CA ARG A 5 12.43 -10.80 -7.66
C ARG A 5 10.94 -10.41 -7.78
N CYS A 6 10.29 -10.12 -6.70
CA CYS A 6 8.85 -9.75 -6.78
C CYS A 6 8.69 -8.28 -7.23
N GLY A 7 9.57 -7.42 -6.81
CA GLY A 7 9.47 -5.99 -7.22
C GLY A 7 8.62 -5.19 -6.22
N ARG A 8 8.06 -4.09 -6.66
CA ARG A 8 7.21 -3.26 -5.75
C ARG A 8 6.28 -4.16 -4.94
N TYR A 9 5.97 -5.32 -5.45
CA TYR A 9 5.05 -6.23 -4.71
C TYR A 9 5.84 -7.05 -3.69
N SER A 10 6.83 -6.48 -3.05
CA SER A 10 7.62 -7.25 -2.05
C SER A 10 8.27 -6.30 -1.04
N PRO A 11 7.49 -5.37 -0.55
CA PRO A 11 7.99 -4.39 0.45
C PRO A 11 8.10 -5.06 1.82
N CYS A 12 7.79 -6.33 1.90
CA CYS A 12 7.85 -7.03 3.21
C CYS A 12 8.86 -8.17 3.16
N LEU A 13 9.18 -8.74 4.30
CA LEU A 13 10.16 -9.86 4.33
C LEU A 13 9.57 -11.06 5.06
N ASP A 14 8.40 -10.90 5.65
CA ASP A 14 7.78 -12.04 6.38
C ASP A 14 6.28 -12.12 6.07
N ASP A 15 5.87 -11.59 4.95
CA ASP A 15 4.43 -11.64 4.58
C ASP A 15 3.61 -10.74 5.51
N GLY A 16 2.41 -10.39 5.12
CA GLY A 16 1.57 -9.53 6.00
C GLY A 16 1.35 -8.17 5.32
N PRO A 17 0.24 -7.56 5.62
CA PRO A 17 -0.10 -6.24 5.04
C PRO A 17 0.77 -5.15 5.68
N ASN A 18 1.56 -4.47 4.89
CA ASN A 18 2.42 -3.39 5.47
C ASN A 18 2.14 -2.07 4.77
N VAL A 19 2.33 -0.97 5.46
CA VAL A 19 2.08 0.36 4.84
C VAL A 19 2.90 0.51 3.55
N ASN A 20 2.58 1.48 2.74
CA ASN A 20 3.33 1.68 1.48
C ASN A 20 3.83 3.13 1.38
N LEU A 21 5.09 3.32 1.14
CA LEU A 21 5.62 4.71 1.03
C LEU A 21 5.74 5.09 -0.44
N TYR A 22 4.96 4.47 -1.29
CA TYR A 22 5.04 4.79 -2.74
C TYR A 22 3.62 4.88 -3.34
N SER A 23 2.64 5.17 -2.52
CA SER A 23 1.25 5.27 -3.03
C SER A 23 0.31 5.74 -1.91
N CYS A 24 -0.82 6.30 -2.26
CA CYS A 24 -1.77 6.79 -1.22
C CYS A 24 -3.06 5.96 -1.23
N CYS A 25 -3.64 5.77 -2.39
CA CYS A 25 -4.90 4.98 -2.47
C CYS A 25 -4.61 3.49 -2.51
N SER A 26 -3.45 3.07 -2.08
CA SER A 26 -3.14 1.60 -2.11
C SER A 26 -2.01 1.25 -1.15
N PHE A 27 -2.18 0.22 -0.37
CA PHE A 27 -1.09 -0.19 0.58
C PHE A 27 -0.48 -1.51 0.09
N TYR A 28 0.38 -2.12 0.86
CA TYR A 28 1.01 -3.38 0.39
C TYR A 28 0.47 -4.61 1.14
N ASN A 29 0.12 -5.63 0.40
CA ASN A 29 -0.37 -6.90 1.02
C ASN A 29 0.61 -8.01 0.64
N CYS A 30 1.68 -8.12 1.38
CA CYS A 30 2.71 -9.14 1.05
C CYS A 30 2.33 -10.55 1.50
N HIS A 31 2.63 -11.52 0.68
CA HIS A 31 2.32 -12.94 1.02
C HIS A 31 3.39 -13.83 0.38
N LYS A 32 4.33 -14.31 1.16
CA LYS A 32 5.42 -15.15 0.59
C LYS A 32 6.39 -14.26 -0.20
N CYS A 33 5.87 -13.49 -1.13
CA CYS A 33 6.75 -12.58 -1.93
C CYS A 33 5.88 -11.67 -2.81
N LEU A 34 4.72 -12.13 -3.19
CA LEU A 34 3.83 -11.28 -4.04
C LEU A 34 3.01 -10.33 -3.17
N ALA A 35 3.29 -9.06 -3.24
CA ALA A 35 2.53 -8.09 -2.42
C ALA A 35 1.54 -7.33 -3.30
N ARG A 36 0.29 -7.74 -3.29
CA ARG A 36 -0.71 -7.05 -4.14
C ARG A 36 -1.16 -5.76 -3.44
N LEU A 37 -1.13 -4.66 -4.15
CA LEU A 37 -1.54 -3.37 -3.53
C LEU A 37 -3.06 -3.25 -3.47
N GLU A 38 -3.61 -3.11 -2.30
CA GLU A 38 -5.09 -2.99 -2.18
C GLU A 38 -5.49 -1.54 -2.45
N ASN A 39 -6.18 -1.30 -3.54
CA ASN A 39 -6.58 0.09 -3.88
C ASN A 39 -7.82 0.52 -3.09
N CYS A 40 -7.85 0.25 -1.81
CA CYS A 40 -9.03 0.65 -0.98
C CYS A 40 -10.33 0.15 -1.60
N PRO A 41 -11.36 0.18 -0.81
CA PRO A 41 -12.71 -0.26 -1.28
C PRO A 41 -13.28 0.77 -2.26
N LYS A 42 -12.53 1.13 -3.28
CA LYS A 42 -13.04 2.12 -4.26
C LYS A 42 -13.79 3.26 -3.56
N GLY A 43 -13.09 4.21 -3.02
CA GLY A 43 -13.78 5.34 -2.33
C GLY A 43 -13.11 5.67 -0.99
N LEU A 44 -12.01 5.04 -0.67
CA LEU A 44 -11.35 5.34 0.63
C LEU A 44 -9.83 5.37 0.48
N HIS A 45 -9.13 5.84 1.48
CA HIS A 45 -7.64 5.89 1.40
C HIS A 45 -7.03 4.82 2.30
N TYR A 46 -5.98 4.19 1.86
CA TYR A 46 -5.36 3.11 2.69
C TYR A 46 -5.08 3.62 4.11
N ASN A 47 -5.21 2.76 5.09
CA ASN A 47 -4.96 3.18 6.50
C ASN A 47 -3.94 2.24 7.15
N ALA A 48 -2.70 2.64 7.18
CA ALA A 48 -1.67 1.75 7.80
C ALA A 48 -1.91 1.64 9.30
N TYR A 49 -2.82 2.41 9.82
CA TYR A 49 -3.11 2.34 11.29
C TYR A 49 -4.07 1.18 11.58
N LEU A 50 -4.67 0.63 10.55
CA LEU A 50 -5.62 -0.51 10.77
C LEU A 50 -5.37 -1.61 9.74
N LYS A 51 -4.24 -1.58 9.09
CA LYS A 51 -3.95 -2.63 8.07
C LYS A 51 -5.05 -2.67 7.01
N VAL A 52 -5.82 -1.63 6.92
CA VAL A 52 -6.93 -1.61 5.91
C VAL A 52 -6.98 -0.23 5.22
N CYS A 53 -8.17 0.22 4.91
CA CYS A 53 -8.31 1.55 4.24
C CYS A 53 -9.35 2.39 4.96
N ASP A 54 -9.14 3.68 5.04
CA ASP A 54 -10.12 4.57 5.74
C ASP A 54 -10.32 5.85 4.96
N TRP A 55 -11.28 6.66 5.35
CA TRP A 55 -11.53 7.94 4.63
C TRP A 55 -10.21 8.65 4.35
N PRO A 56 -10.27 9.64 3.51
CA PRO A 56 -9.07 10.42 3.15
C PRO A 56 -8.67 11.35 4.30
N SER A 57 -9.62 11.82 5.05
CA SER A 57 -9.30 12.73 6.19
C SER A 57 -9.07 11.91 7.46
N LYS A 58 -8.99 10.61 7.34
CA LYS A 58 -8.76 9.76 8.55
C LYS A 58 -7.49 8.93 8.37
N ALA A 59 -7.04 8.77 7.15
CA ALA A 59 -5.82 7.97 6.91
C ALA A 59 -4.59 8.87 6.86
N GLY A 60 -4.79 10.14 6.60
CA GLY A 60 -3.63 11.08 6.54
C GLY A 60 -2.80 10.80 5.28
N CYS A 61 -2.34 9.59 5.12
CA CYS A 61 -1.53 9.24 3.92
C CYS A 61 -0.31 10.16 3.81
N THR A 62 0.87 9.61 3.90
CA THR A 62 2.11 10.44 3.80
C THR A 62 3.19 9.66 3.06
N SER A 63 2.80 8.84 2.12
CA SER A 63 3.80 8.04 1.36
C SER A 63 4.15 8.73 0.04
N VAL A 64 4.65 9.93 0.10
CA VAL A 64 5.03 10.70 -1.13
C VAL A 64 3.79 10.95 -2.01
N ASN A 65 3.04 9.93 -2.33
CA ASN A 65 1.83 10.13 -3.16
C ASN A 65 0.64 10.45 -2.26
N LYS A 66 -0.23 11.33 -2.70
CA LYS A 66 -1.41 11.66 -1.85
C LYS A 66 -2.68 11.76 -2.71
N GLU A 67 -2.76 10.95 -3.74
CA GLU A 67 -3.97 11.00 -4.62
C GLU A 67 -4.32 9.59 -5.10
N CYS A 68 -5.52 9.40 -5.57
CA CYS A 68 -5.93 8.05 -6.06
C CYS A 68 -5.41 7.83 -7.49
N HIS A 69 -4.62 8.72 -7.99
CA HIS A 69 -4.08 8.56 -9.37
C HIS A 69 -2.59 8.25 -9.29
N LEU A 70 -2.23 7.00 -9.25
CA LEU A 70 -0.79 6.63 -9.16
C LEU A 70 -0.19 6.49 -10.56
N TRP A 71 1.10 6.71 -10.68
CA TRP A 71 1.77 6.60 -12.02
C TRP A 71 1.15 7.59 -13.00
N LYS A 72 -0.03 7.31 -13.49
CA LYS A 72 -0.70 8.24 -14.46
C LYS A 72 -1.88 7.51 -15.12
N THR A 73 -1.60 6.57 -15.97
CA THR A 73 -2.70 5.83 -16.66
C THR A 73 -2.16 4.55 -17.29
N TYR A 1 18.14 2.86 -1.90
CA TYR A 1 17.46 1.57 -2.27
C TYR A 1 16.27 1.31 -1.34
N LEU A 2 15.70 0.15 -1.42
CA LEU A 2 14.54 -0.17 -0.54
C LEU A 2 14.75 -1.52 0.15
N ALA A 3 14.14 -1.73 1.28
CA ALA A 3 14.31 -3.03 2.00
C ALA A 3 14.00 -4.21 1.07
N PHE A 4 13.88 -5.39 1.62
CA PHE A 4 13.58 -6.59 0.77
C PHE A 4 14.31 -6.47 -0.57
N ARG A 5 13.79 -7.10 -1.60
CA ARG A 5 14.47 -7.00 -2.93
C ARG A 5 13.59 -7.57 -4.04
N CYS A 6 12.29 -7.58 -3.84
CA CYS A 6 11.38 -8.12 -4.90
C CYS A 6 10.86 -6.97 -5.77
N GLY A 7 10.91 -5.76 -5.27
CA GLY A 7 10.42 -4.59 -6.09
C GLY A 7 9.22 -3.94 -5.38
N ARG A 8 8.88 -2.73 -5.79
CA ARG A 8 7.72 -2.04 -5.16
C ARG A 8 6.51 -2.98 -5.12
N TYR A 9 6.50 -3.96 -5.98
CA TYR A 9 5.36 -4.91 -5.99
C TYR A 9 5.56 -5.98 -4.92
N SER A 10 6.61 -5.87 -4.13
CA SER A 10 6.83 -6.91 -3.08
C SER A 10 7.71 -6.39 -1.92
N PRO A 11 7.47 -5.17 -1.52
CA PRO A 11 8.23 -4.59 -0.38
C PRO A 11 7.81 -5.26 0.94
N CYS A 12 6.85 -6.15 0.87
CA CYS A 12 6.38 -6.83 2.12
C CYS A 12 7.30 -7.98 2.52
N LEU A 13 7.03 -8.60 3.62
CA LEU A 13 7.86 -9.74 4.10
C LEU A 13 6.96 -10.85 4.66
N ASP A 14 5.91 -10.48 5.32
CA ASP A 14 4.98 -11.51 5.88
C ASP A 14 3.75 -11.68 4.98
N ASP A 15 2.57 -11.68 5.52
CA ASP A 15 1.35 -11.84 4.67
C ASP A 15 0.21 -10.95 5.16
N GLY A 16 0.48 -9.69 5.41
CA GLY A 16 -0.59 -8.78 5.89
C GLY A 16 -0.48 -7.43 5.18
N PRO A 17 -1.48 -6.60 5.36
CA PRO A 17 -1.48 -5.27 4.73
C PRO A 17 -0.51 -4.33 5.46
N ASN A 18 0.60 -4.00 4.84
CA ASN A 18 1.59 -3.11 5.52
C ASN A 18 1.41 -1.66 5.06
N VAL A 19 2.18 -0.75 5.61
CA VAL A 19 2.06 0.68 5.21
C VAL A 19 2.86 0.94 3.92
N ASN A 20 2.26 1.58 2.96
CA ASN A 20 2.98 1.86 1.68
C ASN A 20 3.63 3.26 1.70
N LEU A 21 4.76 3.40 1.08
CA LEU A 21 5.43 4.73 1.03
C LEU A 21 5.39 5.25 -0.39
N TYR A 22 5.29 4.37 -1.35
CA TYR A 22 5.24 4.80 -2.77
C TYR A 22 3.79 4.74 -3.25
N SER A 23 2.86 4.82 -2.33
CA SER A 23 1.42 4.76 -2.72
C SER A 23 0.55 5.40 -1.63
N CYS A 24 -0.05 6.53 -1.92
CA CYS A 24 -0.91 7.20 -0.89
C CYS A 24 -2.36 6.77 -1.10
N CYS A 25 -2.57 5.62 -1.69
CA CYS A 25 -3.96 5.15 -1.92
C CYS A 25 -4.05 3.64 -1.73
N SER A 26 -3.06 2.92 -2.18
CA SER A 26 -3.07 1.44 -2.02
C SER A 26 -1.91 0.99 -1.14
N PHE A 27 -2.18 0.35 -0.04
CA PHE A 27 -1.05 -0.10 0.83
C PHE A 27 -0.44 -1.39 0.28
N TYR A 28 0.58 -1.91 0.91
CA TYR A 28 1.23 -3.14 0.37
C TYR A 28 0.80 -4.39 1.13
N ASN A 29 0.03 -5.25 0.51
CA ASN A 29 -0.38 -6.51 1.18
C ASN A 29 0.74 -7.53 0.97
N CYS A 30 1.23 -8.15 2.02
CA CYS A 30 2.38 -9.10 1.83
C CYS A 30 1.91 -10.46 1.29
N HIS A 31 2.67 -11.03 0.38
CA HIS A 31 2.29 -12.36 -0.19
C HIS A 31 3.52 -13.03 -0.82
N LYS A 32 4.40 -13.58 -0.01
CA LYS A 32 5.62 -14.26 -0.56
C LYS A 32 6.23 -13.43 -1.69
N CYS A 33 7.22 -12.63 -1.39
CA CYS A 33 7.88 -11.78 -2.44
C CYS A 33 6.83 -11.26 -3.43
N LEU A 34 5.63 -11.08 -2.95
CA LEU A 34 4.54 -10.57 -3.84
C LEU A 34 3.64 -9.65 -3.02
N ALA A 35 3.83 -8.37 -3.13
CA ALA A 35 2.99 -7.43 -2.34
C ALA A 35 1.77 -6.99 -3.14
N ARG A 36 0.60 -7.41 -2.74
CA ARG A 36 -0.62 -6.99 -3.49
C ARG A 36 -1.01 -5.58 -3.05
N LEU A 37 -1.04 -4.65 -3.96
CA LEU A 37 -1.40 -3.26 -3.58
C LEU A 37 -2.91 -3.14 -3.44
N GLU A 38 -3.42 -3.15 -2.24
CA GLU A 38 -4.89 -3.04 -2.04
C GLU A 38 -5.31 -1.57 -2.18
N ASN A 39 -6.15 -1.27 -3.13
CA ASN A 39 -6.58 0.15 -3.32
C ASN A 39 -7.74 0.50 -2.39
N CYS A 40 -7.69 0.03 -1.19
CA CYS A 40 -8.78 0.35 -0.21
C CYS A 40 -10.16 0.02 -0.78
N PRO A 41 -11.11 -0.08 0.11
CA PRO A 41 -12.51 -0.38 -0.29
C PRO A 41 -13.21 0.89 -0.78
N LYS A 42 -13.99 0.79 -1.81
CA LYS A 42 -14.73 1.98 -2.34
C LYS A 42 -13.86 3.25 -2.25
N GLY A 43 -12.93 3.39 -3.17
CA GLY A 43 -12.04 4.59 -3.19
C GLY A 43 -11.75 5.08 -1.77
N LEU A 44 -11.06 4.30 -0.99
CA LEU A 44 -10.73 4.74 0.40
C LEU A 44 -9.22 4.97 0.54
N HIS A 45 -8.78 5.46 1.67
CA HIS A 45 -7.32 5.71 1.85
C HIS A 45 -6.68 4.53 2.59
N TYR A 46 -5.38 4.46 2.60
CA TYR A 46 -4.71 3.33 3.30
C TYR A 46 -4.48 3.66 4.78
N ASN A 47 -4.94 2.83 5.66
CA ASN A 47 -4.74 3.09 7.12
C ASN A 47 -3.85 2.00 7.72
N ALA A 48 -2.56 2.19 7.68
CA ALA A 48 -1.64 1.17 8.24
C ALA A 48 -1.75 1.12 9.77
N TYR A 49 -2.53 1.99 10.34
CA TYR A 49 -2.68 1.98 11.83
C TYR A 49 -3.60 0.84 12.25
N LEU A 50 -4.48 0.42 11.39
CA LEU A 50 -5.41 -0.68 11.75
C LEU A 50 -5.30 -1.81 10.72
N LYS A 51 -4.22 -1.85 9.98
CA LYS A 51 -4.05 -2.92 8.96
C LYS A 51 -5.21 -2.90 7.97
N VAL A 52 -5.74 -1.74 7.68
CA VAL A 52 -6.89 -1.66 6.72
C VAL A 52 -6.94 -0.28 6.07
N CYS A 53 -7.99 0.00 5.35
CA CYS A 53 -8.10 1.33 4.68
C CYS A 53 -9.21 2.16 5.34
N ASP A 54 -9.22 3.44 5.12
CA ASP A 54 -10.28 4.30 5.73
C ASP A 54 -10.30 5.68 5.07
N TRP A 55 -11.36 6.40 5.24
CA TRP A 55 -11.45 7.77 4.63
C TRP A 55 -10.12 8.50 4.79
N PRO A 56 -9.98 9.56 4.04
CA PRO A 56 -8.73 10.38 4.09
C PRO A 56 -8.63 11.13 5.42
N SER A 57 -9.74 11.59 5.93
CA SER A 57 -9.71 12.34 7.22
C SER A 57 -9.23 11.42 8.35
N LYS A 58 -9.13 10.15 8.10
CA LYS A 58 -8.69 9.21 9.17
C LYS A 58 -7.40 8.49 8.73
N ALA A 59 -7.44 7.77 7.65
CA ALA A 59 -6.23 7.05 7.19
C ALA A 59 -5.05 8.02 7.05
N GLY A 60 -5.24 9.09 6.34
CA GLY A 60 -4.12 10.08 6.17
C GLY A 60 -2.88 9.35 5.65
N CYS A 61 -2.61 9.46 4.38
CA CYS A 61 -1.42 8.77 3.82
C CYS A 61 -0.38 9.80 3.35
N THR A 62 0.86 9.39 3.24
CA THR A 62 1.92 10.34 2.79
C THR A 62 3.00 9.59 2.01
N SER A 63 2.64 8.99 0.90
CA SER A 63 3.64 8.25 0.09
C SER A 63 4.10 9.13 -1.07
N VAL A 64 5.25 8.88 -1.62
CA VAL A 64 5.73 9.71 -2.77
C VAL A 64 4.73 9.60 -3.94
N ASN A 65 3.85 8.63 -3.88
CA ASN A 65 2.85 8.47 -4.97
C ASN A 65 1.48 8.97 -4.51
N LYS A 66 1.05 10.10 -5.02
CA LYS A 66 -0.28 10.64 -4.59
C LYS A 66 -1.27 10.58 -5.77
N GLU A 67 -1.64 9.40 -6.20
CA GLU A 67 -2.60 9.28 -7.33
C GLU A 67 -3.56 8.11 -7.09
N CYS A 68 -4.59 8.32 -6.33
CA CYS A 68 -5.55 7.22 -6.05
C CYS A 68 -6.42 6.94 -7.27
N HIS A 69 -5.83 6.49 -8.34
CA HIS A 69 -6.63 6.20 -9.58
C HIS A 69 -5.87 5.21 -10.46
N LEU A 70 -4.70 5.59 -10.91
CA LEU A 70 -3.91 4.68 -11.79
C LEU A 70 -2.44 5.08 -11.79
N TRP A 71 -1.56 4.16 -12.10
CA TRP A 71 -0.11 4.50 -12.12
C TRP A 71 0.58 3.78 -13.29
N LYS A 72 -0.17 3.15 -14.15
CA LYS A 72 0.44 2.44 -15.32
C LYS A 72 -0.64 1.69 -16.10
N THR A 73 -1.48 0.97 -15.43
CA THR A 73 -2.56 0.22 -16.14
C THR A 73 -1.94 -0.85 -17.05
#